data_7X5P
#
_entry.id   7X5P
#
_cell.length_a   92.393
_cell.length_b   92.500
_cell.length_c   96.522
_cell.angle_alpha   101.110
_cell.angle_beta   101.140
_cell.angle_gamma   109.720
#
_symmetry.space_group_name_H-M   'P 1'
#
loop_
_entity.id
_entity.type
_entity.pdbx_description
1 polymer Chitoporin
2 non-polymer (4S,4AR,5S,5AR,6R,12AS)-4-(DIMETHYLAMINO)-3,5,10,12,12A-PENTAHYDROXY-6-METHYL-1,11-DIOXO-1,4,4A,5,5A,6,11,12A-OCTAHYDROTETRACENE-2-CARBOXAMIDE
3 non-polymer (HYDROXYETHYLOXY)TRI(ETHYLOXY)OCTANE
4 non-polymer 'SODIUM ION'
5 water water
#
_entity_poly.entity_id   1
_entity_poly.type   'polypeptide(L)'
_entity_poly.pdbx_seq_one_letter_code
;EVYGIIAMQAAYRDYDSGDAKQDDNLGGMQLNNESRIGFRGKKQFANFEPTFIWQIEGGYVDPSFGGEGAGLGERDTFVG
FESASWGQVRLGRVLTPMYELVDWPASNPGLGDVYDWGGAIGGAKYQDRQSNTIRWDSPMYADKFSIDAAVGAGDKAGLG
AGDDYWGGIAAHYKLGPLQLDAAYEGNRNIEAEGQTWENNTYLVGVQGWFENGISFFAQYKYMEADASNGVNEKQDAMSA
GLMYTTGDWQYKLGYAANFDLERDGKTLSNTSDDVVSAQIMYFVDPSAVLYARARMNDFNEGLDGLDDAARWTSGTNGDY
NEYSVGVEYYF
;
_entity_poly.pdbx_strand_id   A,B,C,D,E,F
#
loop_
_chem_comp.id
_chem_comp.type
_chem_comp.name
_chem_comp.formula
C8E non-polymer (HYDROXYETHYLOXY)TRI(ETHYLOXY)OCTANE 'C16 H34 O5'
DXT non-polymer (4S,4AR,5S,5AR,6R,12AS)-4-(DIMETHYLAMINO)-3,5,10,12,12A-PENTAHYDROXY-6-METHYL-1,11-DIOXO-1,4,4A,5,5A,6,11,12A-OCTAHYDROTETRACENE-2-CARBOXAMIDE 'C22 H24 N2 O8'
NA non-polymer 'SODIUM ION' 'Na 1'
#
# COMPACT_ATOMS: atom_id res chain seq x y z
N GLU A 1 -2.73 6.81 4.45
CA GLU A 1 -2.29 6.91 3.06
C GLU A 1 -1.03 7.74 2.99
N VAL A 2 -0.08 7.28 2.17
CA VAL A 2 1.15 8.01 1.90
C VAL A 2 0.97 8.70 0.58
N TYR A 3 1.37 9.96 0.51
CA TYR A 3 1.18 10.72 -0.70
C TYR A 3 2.34 11.66 -0.87
N GLY A 4 2.96 11.61 -2.02
CA GLY A 4 4.02 12.54 -2.25
C GLY A 4 3.81 13.41 -3.45
N ILE A 5 4.50 14.55 -3.42
CA ILE A 5 4.73 15.36 -4.59
C ILE A 5 6.24 15.41 -4.76
N ILE A 6 6.73 14.75 -5.79
CA ILE A 6 8.14 14.79 -6.14
C ILE A 6 8.33 16.01 -7.01
N ALA A 7 9.37 16.82 -6.72
CA ALA A 7 9.44 18.15 -7.33
C ALA A 7 10.87 18.66 -7.37
N MET A 8 11.46 18.67 -8.54
CA MET A 8 12.80 19.20 -8.74
C MET A 8 12.80 20.26 -9.82
N GLN A 9 13.50 21.34 -9.56
CA GLN A 9 13.64 22.44 -10.50
C GLN A 9 15.10 22.83 -10.50
N ALA A 10 15.76 22.72 -11.64
CA ALA A 10 17.13 23.21 -11.79
C ALA A 10 17.06 24.61 -12.37
N ALA A 11 17.67 25.56 -11.68
CA ALA A 11 17.40 26.97 -11.95
C ALA A 11 18.66 27.78 -11.76
N TYR A 12 19.11 28.38 -12.85
CA TYR A 12 20.24 29.30 -12.85
C TYR A 12 19.71 30.71 -12.67
N ARG A 13 20.34 31.47 -11.79
CA ARG A 13 19.92 32.84 -11.49
C ARG A 13 21.07 33.79 -11.79
N ASP A 14 20.77 34.87 -12.50
CA ASP A 14 21.75 35.91 -12.77
C ASP A 14 21.30 37.18 -12.03
N TYR A 15 21.96 37.47 -10.91
CA TYR A 15 21.59 38.57 -10.03
C TYR A 15 22.29 39.85 -10.46
N ASP A 16 21.60 40.98 -10.32
CA ASP A 16 22.20 42.31 -10.50
C ASP A 16 21.92 43.12 -9.24
N SER A 17 22.88 43.18 -8.34
CA SER A 17 22.67 43.89 -7.10
C SER A 17 23.45 45.20 -6.99
N GLY A 18 24.48 45.37 -7.79
CA GLY A 18 25.39 46.49 -7.61
C GLY A 18 26.69 46.09 -6.95
N ASP A 19 26.77 44.87 -6.44
CA ASP A 19 27.97 44.28 -5.87
C ASP A 19 28.21 42.94 -6.55
N ALA A 20 29.40 42.78 -7.15
CA ALA A 20 29.68 41.56 -7.91
C ALA A 20 29.88 40.38 -6.97
N LYS A 21 30.38 40.62 -5.76
CA LYS A 21 30.43 39.55 -4.76
C LYS A 21 29.03 39.02 -4.44
N GLN A 22 28.11 39.91 -4.07
CA GLN A 22 26.74 39.48 -3.85
C GLN A 22 26.18 38.80 -5.09
N ASP A 23 26.43 39.38 -6.26
CA ASP A 23 25.90 38.79 -7.48
C ASP A 23 26.44 37.38 -7.68
N ASP A 24 27.74 37.16 -7.48
CA ASP A 24 28.33 35.84 -7.70
C ASP A 24 27.89 34.85 -6.63
N ASN A 25 27.76 35.32 -5.40
CA ASN A 25 27.23 34.51 -4.30
C ASN A 25 25.78 34.11 -4.57
N LEU A 26 24.88 35.09 -4.66
CA LEU A 26 23.45 34.82 -4.82
C LEU A 26 23.15 34.07 -6.11
N GLY A 27 23.90 34.35 -7.17
CA GLY A 27 23.68 33.72 -8.46
C GLY A 27 24.40 32.40 -8.65
N GLY A 28 24.24 31.87 -9.85
CA GLY A 28 24.76 30.56 -10.20
C GLY A 28 23.63 29.56 -10.38
N MET A 29 24.02 28.32 -10.62
CA MET A 29 23.05 27.26 -10.84
C MET A 29 22.78 26.58 -9.51
N GLN A 30 21.53 26.15 -9.31
CA GLN A 30 21.17 25.43 -8.11
C GLN A 30 20.09 24.41 -8.42
N LEU A 31 19.95 23.43 -7.52
CA LEU A 31 18.91 22.42 -7.56
C LEU A 31 17.89 22.70 -6.48
N ASN A 32 16.64 22.86 -6.88
CA ASN A 32 15.55 23.14 -5.96
C ASN A 32 14.66 21.91 -5.85
N ASN A 33 14.94 21.09 -4.85
CA ASN A 33 14.09 19.94 -4.58
C ASN A 33 12.94 20.43 -3.71
N GLU A 34 11.74 20.45 -4.27
CA GLU A 34 10.56 20.77 -3.50
C GLU A 34 9.73 19.53 -3.22
N SER A 35 10.35 18.36 -3.33
CA SER A 35 9.60 17.16 -3.05
C SER A 35 9.24 17.10 -1.57
N ARG A 36 8.12 16.43 -1.29
CA ARG A 36 7.61 16.31 0.06
C ARG A 36 6.79 15.04 0.13
N ILE A 37 6.75 14.46 1.33
CA ILE A 37 6.00 13.25 1.61
C ILE A 37 4.97 13.61 2.66
N GLY A 38 3.79 13.01 2.55
CA GLY A 38 2.73 13.29 3.49
C GLY A 38 1.99 12.04 3.86
N PHE A 39 1.19 12.18 4.93
CA PHE A 39 0.32 11.12 5.42
C PHE A 39 -1.03 11.73 5.72
N ARG A 40 -2.09 11.12 5.21
CA ARG A 40 -3.41 11.67 5.44
C ARG A 40 -4.44 10.55 5.44
N GLY A 41 -5.57 10.82 6.07
CA GLY A 41 -6.64 9.83 6.13
C GLY A 41 -7.93 10.44 6.59
N LYS A 42 -9.01 9.69 6.36
CA LYS A 42 -10.34 10.00 6.86
C LYS A 42 -10.86 8.81 7.63
N LYS A 43 -11.75 9.06 8.57
CA LYS A 43 -12.29 7.97 9.36
C LYS A 43 -13.68 8.31 9.83
N GLN A 44 -14.62 7.38 9.60
CA GLN A 44 -15.98 7.57 10.06
C GLN A 44 -16.06 7.09 11.51
N PHE A 45 -16.11 8.04 12.45
CA PHE A 45 -16.25 7.64 13.84
C PHE A 45 -17.57 6.95 14.04
N ALA A 46 -17.54 5.82 14.74
CA ALA A 46 -18.73 4.97 14.85
C ALA A 46 -19.88 5.70 15.52
N ASN A 47 -19.59 6.65 16.41
CA ASN A 47 -20.64 7.34 17.14
C ASN A 47 -20.61 8.82 16.77
N PHE A 48 -20.56 9.12 15.47
CA PHE A 48 -20.47 10.50 14.98
C PHE A 48 -20.64 10.58 13.46
N GLU A 49 -21.67 11.29 12.99
CA GLU A 49 -21.93 11.36 11.55
C GLU A 49 -20.82 12.04 10.77
N PRO A 50 -20.30 13.19 11.20
CA PRO A 50 -19.20 13.80 10.44
C PRO A 50 -17.98 12.89 10.33
N THR A 51 -17.39 12.86 9.14
CA THR A 51 -16.24 12.01 8.91
C THR A 51 -14.97 12.74 9.34
N PHE A 52 -14.17 12.05 10.15
CA PHE A 52 -12.92 12.60 10.65
C PHE A 52 -11.88 12.59 9.55
N ILE A 53 -11.14 13.68 9.45
CA ILE A 53 -10.08 13.74 8.47
C ILE A 53 -8.83 14.29 9.14
N TRP A 54 -7.69 13.92 8.58
CA TRP A 54 -6.39 14.31 9.10
C TRP A 54 -5.36 14.19 7.98
N GLN A 55 -4.32 15.03 8.06
CA GLN A 55 -3.20 14.97 7.14
C GLN A 55 -1.95 15.56 7.78
N ILE A 56 -0.80 14.89 7.57
CA ILE A 56 0.51 15.38 7.99
C ILE A 56 1.41 15.40 6.75
N GLU A 57 1.72 16.60 6.26
CA GLU A 57 2.50 16.79 5.05
C GLU A 57 3.84 17.38 5.46
N GLY A 58 4.93 16.70 5.06
CA GLY A 58 6.28 17.17 5.32
C GLY A 58 6.71 18.33 4.45
N GLY A 59 7.87 18.90 4.79
CA GLY A 59 8.37 20.07 4.09
C GLY A 59 9.20 19.76 2.84
N TYR A 60 9.69 20.83 2.22
CA TYR A 60 10.60 20.68 1.10
C TYR A 60 11.89 20.07 1.61
N VAL A 61 12.30 18.99 0.99
CA VAL A 61 13.43 18.23 1.53
C VAL A 61 14.74 19.02 1.36
N ASP A 62 15.05 19.44 0.13
CA ASP A 62 16.17 20.35 -0.11
C ASP A 62 15.71 21.48 -1.02
N PRO A 63 15.15 22.54 -0.45
CA PRO A 63 14.91 23.74 -1.24
C PRO A 63 16.20 24.30 -1.79
N SER A 64 16.08 25.12 -2.83
CA SER A 64 17.23 25.91 -3.22
C SER A 64 17.53 26.92 -2.12
N PHE A 65 18.74 27.46 -2.15
CA PHE A 65 19.18 28.45 -1.16
C PHE A 65 19.07 27.95 0.28
N GLY A 66 18.92 26.64 0.51
CA GLY A 66 18.67 26.16 1.85
C GLY A 66 19.33 24.82 2.15
N GLY A 67 19.34 24.50 3.44
CA GLY A 67 19.93 23.25 3.86
C GLY A 67 18.98 22.09 3.65
N GLU A 68 19.50 20.89 3.90
CA GLU A 68 18.77 19.67 3.63
C GLU A 68 17.86 19.30 4.81
N GLY A 69 16.96 18.35 4.56
CA GLY A 69 16.09 17.85 5.62
C GLY A 69 14.88 18.73 5.92
N ALA A 70 13.71 18.11 6.06
CA ALA A 70 12.51 18.81 6.53
C ALA A 70 11.62 17.83 7.31
N GLY A 71 11.07 18.31 8.42
CA GLY A 71 10.25 17.48 9.28
C GLY A 71 8.93 17.11 8.65
N LEU A 72 8.10 16.45 9.45
CA LEU A 72 6.74 16.14 9.06
C LEU A 72 5.80 17.19 9.65
N GLY A 73 4.80 17.59 8.89
CA GLY A 73 3.98 18.63 9.44
C GLY A 73 4.55 20.01 9.29
N GLU A 74 5.46 20.20 8.34
CA GLU A 74 5.95 21.54 8.03
C GLU A 74 5.02 22.27 7.09
N ARG A 75 4.21 21.56 6.32
CA ARG A 75 3.19 22.10 5.42
C ARG A 75 1.80 21.77 5.97
N ASP A 76 0.80 21.67 5.08
CA ASP A 76 -0.58 21.51 5.53
C ASP A 76 -0.71 20.33 6.48
N THR A 77 -0.85 20.59 7.77
CA THR A 77 -0.98 19.50 8.73
C THR A 77 -2.08 19.84 9.72
N PHE A 78 -3.09 18.98 9.79
CA PHE A 78 -4.35 19.39 10.39
C PHE A 78 -5.21 18.17 10.70
N VAL A 79 -6.22 18.40 11.54
CA VAL A 79 -7.32 17.47 11.71
C VAL A 79 -8.59 18.27 11.48
N GLY A 80 -9.66 17.54 11.15
CA GLY A 80 -10.92 18.22 10.90
C GLY A 80 -12.02 17.22 10.61
N PHE A 81 -13.19 17.78 10.30
CA PHE A 81 -14.40 17.01 10.08
C PHE A 81 -15.10 17.52 8.84
N GLU A 82 -15.91 16.66 8.23
CA GLU A 82 -16.68 17.02 7.03
C GLU A 82 -18.02 16.30 7.03
N SER A 83 -19.10 17.04 6.76
CA SER A 83 -20.39 16.48 6.37
C SER A 83 -20.85 17.20 5.10
N ALA A 84 -21.56 16.47 4.25
CA ALA A 84 -21.97 17.04 2.97
C ALA A 84 -22.83 18.27 3.15
N SER A 85 -23.61 18.30 4.23
CA SER A 85 -24.51 19.42 4.48
C SER A 85 -23.75 20.73 4.59
N TRP A 86 -22.84 20.83 5.56
CA TRP A 86 -22.21 22.08 5.97
C TRP A 86 -20.73 22.19 5.58
N GLY A 87 -20.18 21.25 4.83
CA GLY A 87 -18.85 21.45 4.30
C GLY A 87 -17.69 20.75 4.98
N GLN A 88 -16.73 21.51 5.52
CA GLN A 88 -15.46 20.94 5.99
C GLN A 88 -14.72 21.92 6.89
N VAL A 89 -14.63 21.61 8.18
CA VAL A 89 -13.80 22.40 9.08
C VAL A 89 -12.58 21.56 9.46
N ARG A 90 -11.40 22.21 9.41
CA ARG A 90 -10.12 21.60 9.76
C ARG A 90 -9.42 22.51 10.77
N LEU A 91 -8.68 21.89 11.67
CA LEU A 91 -7.97 22.63 12.70
C LEU A 91 -6.51 22.22 12.72
N GLY A 92 -5.65 23.22 12.82
CA GLY A 92 -4.22 23.00 12.86
C GLY A 92 -3.49 24.05 12.05
N ARG A 93 -2.73 23.57 11.05
CA ARG A 93 -1.89 24.39 10.16
C ARG A 93 -2.43 24.27 8.74
N VAL A 94 -2.98 25.37 8.22
CA VAL A 94 -3.49 25.38 6.84
C VAL A 94 -3.12 26.69 6.17
N LEU A 95 -3.65 26.89 4.95
CA LEU A 95 -3.47 28.12 4.17
C LEU A 95 -4.64 29.06 4.42
N THR A 96 -4.37 30.36 4.64
CA THR A 96 -5.50 31.26 4.83
C THR A 96 -6.29 31.33 3.53
N PRO A 97 -7.54 31.78 3.56
CA PRO A 97 -8.33 31.78 2.32
C PRO A 97 -7.77 32.68 1.25
N MET A 98 -7.14 33.81 1.63
CA MET A 98 -6.58 34.66 0.60
C MET A 98 -5.28 34.07 0.06
N TYR A 99 -4.47 33.49 0.94
CA TYR A 99 -3.21 32.95 0.46
C TYR A 99 -3.45 31.93 -0.65
N GLU A 100 -4.52 31.15 -0.57
CA GLU A 100 -4.84 30.23 -1.64
C GLU A 100 -4.91 30.94 -2.97
N LEU A 101 -5.64 32.05 -3.02
CA LEU A 101 -5.75 32.79 -4.28
C LEU A 101 -4.44 33.51 -4.62
N VAL A 102 -3.59 33.74 -3.63
CA VAL A 102 -2.30 34.35 -3.93
C VAL A 102 -1.38 33.34 -4.57
N ASP A 103 -1.37 32.11 -4.04
CA ASP A 103 -0.51 31.08 -4.59
C ASP A 103 -1.07 30.57 -5.92
N TRP A 104 -2.30 30.12 -5.89
CA TRP A 104 -2.94 29.69 -7.11
C TRP A 104 -4.17 30.53 -7.36
N PRO A 105 -4.26 31.14 -8.55
CA PRO A 105 -3.22 30.85 -9.52
C PRO A 105 -2.25 32.02 -9.65
N ALA A 106 -2.35 32.97 -8.73
CA ALA A 106 -1.76 34.28 -8.90
C ALA A 106 -0.24 34.31 -8.80
N SER A 107 0.42 33.27 -8.29
CA SER A 107 1.86 33.38 -8.11
C SER A 107 2.69 32.53 -9.06
N ASN A 108 2.09 31.72 -9.87
CA ASN A 108 2.85 30.87 -10.76
C ASN A 108 2.71 31.38 -12.18
N PRO A 109 3.78 31.37 -13.00
CA PRO A 109 5.13 30.83 -12.87
C PRO A 109 6.18 31.81 -12.37
N GLY A 110 6.60 31.71 -11.11
CA GLY A 110 7.69 32.55 -10.64
C GLY A 110 7.25 33.94 -10.26
N LEU A 111 5.96 34.15 -10.09
CA LEU A 111 5.45 35.45 -9.73
C LEU A 111 5.43 35.63 -8.23
N GLY A 112 5.80 34.57 -7.51
CA GLY A 112 5.76 34.63 -6.05
C GLY A 112 6.64 35.71 -5.48
N ASP A 113 7.88 35.82 -5.98
CA ASP A 113 8.79 36.83 -5.47
C ASP A 113 8.13 38.20 -5.43
N VAL A 114 7.10 38.39 -6.24
CA VAL A 114 6.42 39.67 -6.36
C VAL A 114 5.02 39.63 -5.75
N TYR A 115 4.25 38.59 -6.08
CA TYR A 115 2.88 38.57 -5.61
C TYR A 115 2.71 37.85 -4.28
N ASP A 116 3.59 36.88 -3.96
CA ASP A 116 3.44 36.10 -2.76
C ASP A 116 3.95 36.84 -1.54
N TRP A 117 5.24 36.87 -1.28
CA TRP A 117 5.77 37.60 -0.14
C TRP A 117 6.37 38.94 -0.52
N GLY A 118 6.42 39.24 -1.82
CA GLY A 118 7.06 40.44 -2.33
C GLY A 118 6.60 41.81 -1.88
N GLY A 119 5.66 41.87 -0.94
CA GLY A 119 5.16 43.16 -0.46
C GLY A 119 6.24 44.16 -0.12
N ALA A 120 5.88 45.45 -0.14
CA ALA A 120 6.75 46.51 0.32
C ALA A 120 6.21 47.20 1.57
N ILE A 121 4.97 46.90 1.94
CA ILE A 121 4.28 47.54 3.05
C ILE A 121 4.79 47.02 4.39
N GLY A 122 4.54 47.82 5.43
CA GLY A 122 4.82 47.44 6.79
C GLY A 122 3.72 46.59 7.39
N GLY A 123 3.91 46.23 8.66
CA GLY A 123 2.94 45.42 9.37
C GLY A 123 2.94 43.98 8.88
N ALA A 124 1.75 43.49 8.51
CA ALA A 124 1.64 42.10 8.08
C ALA A 124 0.51 42.02 7.08
N LYS A 125 0.87 42.00 5.79
CA LYS A 125 -0.13 41.94 4.73
C LYS A 125 -1.13 40.82 4.98
N TYR A 126 -0.66 39.57 4.96
CA TYR A 126 -1.49 38.37 5.14
C TYR A 126 -0.60 37.23 5.62
N GLN A 127 -1.06 36.00 5.51
CA GLN A 127 -0.29 34.88 6.03
C GLN A 127 -0.11 33.78 5.00
N ASP A 128 1.11 33.29 4.90
CA ASP A 128 1.43 32.17 4.03
C ASP A 128 1.35 30.96 4.94
N ARG A 129 0.23 30.24 4.91
CA ARG A 129 0.18 28.98 5.67
C ARG A 129 0.64 29.13 7.14
N GLN A 130 -0.29 29.42 8.06
CA GLN A 130 0.04 29.59 9.47
C GLN A 130 -0.69 28.52 10.24
N SER A 131 -0.02 28.03 11.28
CA SER A 131 -0.61 27.03 12.14
C SER A 131 -1.43 27.75 13.20
N ASN A 132 -2.08 27.00 14.09
CA ASN A 132 -3.01 27.57 15.05
C ASN A 132 -4.12 28.31 14.31
N THR A 133 -4.95 27.50 13.67
CA THR A 133 -5.95 28.00 12.76
C THR A 133 -7.10 27.02 12.72
N ILE A 134 -8.31 27.55 12.67
CA ILE A 134 -9.46 26.75 12.31
C ILE A 134 -9.98 27.31 11.00
N ARG A 135 -10.37 26.41 10.08
CA ARG A 135 -10.80 26.80 8.73
C ARG A 135 -11.98 25.99 8.27
N TRP A 136 -13.04 26.69 7.84
CA TRP A 136 -14.24 26.09 7.27
C TRP A 136 -14.37 26.36 5.79
N ASP A 137 -14.52 25.30 5.01
CA ASP A 137 -14.80 25.32 3.58
C ASP A 137 -16.22 24.85 3.34
N SER A 138 -16.99 25.63 2.61
CA SER A 138 -18.40 25.38 2.30
C SER A 138 -18.53 24.42 1.14
N PRO A 139 -19.70 23.77 0.99
CA PRO A 139 -19.94 22.98 -0.21
C PRO A 139 -20.04 23.87 -1.43
N MET A 140 -20.20 23.30 -2.62
CA MET A 140 -20.48 24.12 -3.78
C MET A 140 -21.99 24.34 -3.83
N TYR A 141 -22.42 25.40 -3.16
CA TYR A 141 -23.84 25.72 -3.10
C TYR A 141 -24.38 26.01 -4.49
N ALA A 142 -25.51 25.38 -4.82
CA ALA A 142 -26.13 25.48 -6.14
C ALA A 142 -25.21 24.99 -7.24
N ASP A 143 -24.17 24.27 -6.87
CA ASP A 143 -23.14 23.84 -7.81
C ASP A 143 -22.55 25.04 -8.57
N LYS A 144 -22.55 26.21 -7.93
CA LYS A 144 -22.02 27.45 -8.49
C LYS A 144 -21.24 28.28 -7.49
N PHE A 145 -21.52 28.17 -6.21
CA PHE A 145 -21.05 29.14 -5.24
C PHE A 145 -20.38 28.42 -4.09
N SER A 146 -19.27 28.99 -3.63
CA SER A 146 -18.49 28.42 -2.55
C SER A 146 -17.87 29.55 -1.75
N ILE A 147 -17.85 29.40 -0.44
CA ILE A 147 -17.25 30.37 0.44
C ILE A 147 -16.18 29.66 1.28
N ASP A 148 -15.08 30.35 1.56
CA ASP A 148 -14.03 29.84 2.45
C ASP A 148 -13.75 30.90 3.52
N ALA A 149 -13.71 30.48 4.80
CA ALA A 149 -13.59 31.41 5.93
C ALA A 149 -12.90 30.75 7.11
N ALA A 150 -12.02 31.52 7.80
CA ALA A 150 -11.14 30.96 8.82
C ALA A 150 -10.51 32.06 9.67
N VAL A 151 -10.25 31.72 10.95
CA VAL A 151 -9.44 32.54 11.86
C VAL A 151 -8.44 31.67 12.58
N GLY A 152 -7.38 32.32 13.05
CA GLY A 152 -6.30 31.65 13.74
C GLY A 152 -5.38 32.65 14.42
N ALA A 153 -4.44 32.11 15.17
CA ALA A 153 -3.53 32.94 15.93
C ALA A 153 -2.38 33.43 15.06
N GLY A 154 -1.78 34.52 15.51
CA GLY A 154 -0.69 35.13 14.78
C GLY A 154 0.62 34.37 14.91
N ASP A 155 1.64 34.88 14.25
CA ASP A 155 2.94 34.21 14.32
C ASP A 155 3.52 34.28 15.72
N LYS A 156 3.62 35.47 16.31
CA LYS A 156 4.24 35.58 17.62
C LYS A 156 3.42 34.90 18.71
N ALA A 157 2.09 35.00 18.62
CA ALA A 157 1.23 34.40 19.62
C ALA A 157 1.30 32.89 19.59
N GLY A 158 1.73 32.31 18.48
CA GLY A 158 1.86 30.87 18.41
C GLY A 158 3.00 30.34 19.22
N LEU A 159 3.84 31.23 19.76
CA LEU A 159 4.89 30.82 20.68
C LEU A 159 4.73 31.49 22.01
N GLY A 160 3.57 32.08 22.30
CA GLY A 160 3.37 32.79 23.55
C GLY A 160 4.23 34.02 23.69
N ALA A 161 4.60 34.65 22.57
CA ALA A 161 5.41 35.86 22.58
C ALA A 161 4.60 37.10 22.23
N GLY A 162 3.30 36.96 22.04
CA GLY A 162 2.48 38.09 21.69
C GLY A 162 1.03 37.65 21.66
N ASP A 163 0.21 38.50 21.06
CA ASP A 163 -1.18 38.15 20.89
C ASP A 163 -1.68 38.50 19.50
N ASP A 164 -0.82 38.38 18.48
CA ASP A 164 -1.34 38.57 17.14
C ASP A 164 -2.34 37.47 16.76
N TYR A 165 -3.33 37.86 15.97
CA TYR A 165 -4.37 36.97 15.46
C TYR A 165 -4.87 37.57 14.16
N TRP A 166 -5.75 36.85 13.47
CA TRP A 166 -6.14 37.27 12.14
C TRP A 166 -7.38 36.51 11.74
N GLY A 167 -8.15 37.09 10.83
CA GLY A 167 -9.23 36.39 10.20
C GLY A 167 -9.30 36.75 8.73
N GLY A 168 -10.04 35.95 7.99
CA GLY A 168 -10.10 36.11 6.56
C GLY A 168 -11.23 35.30 5.96
N ILE A 169 -11.64 35.70 4.77
CA ILE A 169 -12.77 35.06 4.11
C ILE A 169 -12.57 35.18 2.62
N ALA A 170 -13.09 34.21 1.89
CA ALA A 170 -13.06 34.29 0.44
C ALA A 170 -14.28 33.57 -0.12
N ALA A 171 -14.69 33.97 -1.32
CA ALA A 171 -15.79 33.29 -1.97
C ALA A 171 -15.45 33.09 -3.43
N HIS A 172 -16.17 32.15 -4.06
CA HIS A 172 -15.92 31.76 -5.44
C HIS A 172 -17.25 31.56 -6.17
N TYR A 173 -17.50 32.33 -7.23
CA TYR A 173 -18.65 32.11 -8.08
C TYR A 173 -18.21 31.67 -9.48
N LYS A 174 -18.92 30.70 -10.03
CA LYS A 174 -18.58 30.06 -11.29
C LYS A 174 -19.62 30.42 -12.35
N LEU A 175 -19.33 31.49 -13.09
CA LEU A 175 -20.11 31.89 -14.26
C LEU A 175 -19.56 31.16 -15.48
N GLY A 176 -20.18 30.03 -15.84
CA GLY A 176 -19.77 29.26 -17.00
C GLY A 176 -18.30 28.95 -16.96
N PRO A 177 -17.56 29.38 -17.99
CA PRO A 177 -16.11 29.18 -18.00
C PRO A 177 -15.40 30.03 -16.99
N LEU A 178 -16.03 31.08 -16.48
CA LEU A 178 -15.38 31.97 -15.53
C LEU A 178 -15.51 31.48 -14.09
N GLN A 179 -14.60 31.99 -13.26
CA GLN A 179 -14.76 31.93 -11.81
C GLN A 179 -14.34 33.27 -11.25
N LEU A 180 -15.21 33.89 -10.47
CA LEU A 180 -14.86 35.12 -9.80
C LEU A 180 -14.45 34.80 -8.38
N ASP A 181 -13.35 35.40 -7.94
CA ASP A 181 -12.79 35.10 -6.64
C ASP A 181 -12.63 36.41 -5.89
N ALA A 182 -13.15 36.47 -4.67
CA ALA A 182 -12.90 37.59 -3.81
C ALA A 182 -12.49 37.08 -2.44
N ALA A 183 -11.67 37.88 -1.76
CA ALA A 183 -11.10 37.47 -0.50
C ALA A 183 -10.65 38.68 0.29
N TYR A 184 -10.69 38.55 1.61
CA TYR A 184 -10.27 39.60 2.50
C TYR A 184 -9.47 38.98 3.64
N GLU A 185 -8.53 39.74 4.21
CA GLU A 185 -7.88 39.26 5.42
C GLU A 185 -7.32 40.42 6.24
N GLY A 186 -7.60 40.41 7.52
CA GLY A 186 -7.10 41.43 8.43
C GLY A 186 -6.30 40.83 9.57
N ASN A 187 -5.15 41.42 9.85
CA ASN A 187 -4.30 41.01 10.96
C ASN A 187 -4.29 42.09 12.03
N ARG A 188 -4.19 41.66 13.29
CA ARG A 188 -4.17 42.58 14.42
C ARG A 188 -3.05 42.23 15.38
N ASN A 189 -2.66 43.24 16.16
CA ASN A 189 -1.63 43.11 17.18
C ASN A 189 -0.31 42.63 16.58
N ILE A 190 0.06 43.16 15.42
CA ILE A 190 1.31 42.80 14.74
C ILE A 190 2.44 43.69 15.26
N GLU A 191 3.36 43.10 16.02
CA GLU A 191 4.44 43.86 16.63
C GLU A 191 5.56 43.94 15.60
N ALA A 192 5.90 45.16 15.20
CA ALA A 192 6.86 45.35 14.12
C ALA A 192 7.33 46.80 14.10
N GLU A 193 8.60 46.98 13.74
CA GLU A 193 9.25 48.30 13.63
C GLU A 193 9.04 49.15 14.88
N GLY A 194 8.77 48.51 16.02
CA GLY A 194 8.54 49.26 17.22
C GLY A 194 7.14 49.79 17.37
N GLN A 195 6.23 49.41 16.50
CA GLN A 195 4.84 49.83 16.63
C GLN A 195 3.97 48.61 16.48
N THR A 196 2.68 48.80 16.71
CA THR A 196 1.73 47.72 16.55
C THR A 196 0.82 48.04 15.37
N TRP A 197 0.62 47.06 14.50
CA TRP A 197 0.00 47.30 13.22
C TRP A 197 -1.31 46.55 13.09
N GLU A 198 -2.18 47.08 12.24
CA GLU A 198 -3.40 46.42 11.81
C GLU A 198 -3.43 46.48 10.30
N ASN A 199 -3.24 45.34 9.65
CA ASN A 199 -3.17 45.28 8.18
C ASN A 199 -4.40 44.54 7.65
N ASN A 200 -5.14 45.21 6.76
CA ASN A 200 -6.27 44.64 6.04
C ASN A 200 -5.94 44.56 4.55
N THR A 201 -6.41 43.50 3.93
CA THR A 201 -6.04 43.20 2.56
C THR A 201 -7.23 42.59 1.84
N TYR A 202 -7.51 43.12 0.67
CA TYR A 202 -8.70 42.80 -0.13
C TYR A 202 -8.26 42.38 -1.54
N LEU A 203 -8.91 41.35 -2.06
CA LEU A 203 -8.46 40.75 -3.28
C LEU A 203 -9.64 40.40 -4.15
N VAL A 204 -9.58 40.79 -5.41
CA VAL A 204 -10.58 40.46 -6.40
C VAL A 204 -9.87 39.79 -7.57
N GLY A 205 -10.53 38.80 -8.16
CA GLY A 205 -9.86 38.08 -9.23
C GLY A 205 -10.83 37.27 -10.04
N VAL A 206 -10.33 36.83 -11.19
CA VAL A 206 -11.13 36.02 -12.11
C VAL A 206 -10.19 35.05 -12.83
N GLN A 207 -10.78 33.94 -13.27
CA GLN A 207 -10.08 32.86 -13.96
C GLN A 207 -11.02 32.31 -15.01
N GLY A 208 -10.47 31.91 -16.13
CA GLY A 208 -11.26 31.35 -17.20
C GLY A 208 -10.55 30.21 -17.88
N TRP A 209 -11.34 29.27 -18.39
CA TRP A 209 -10.85 28.09 -19.08
C TRP A 209 -11.80 27.84 -20.23
N PHE A 210 -11.29 27.93 -21.45
CA PHE A 210 -12.15 27.91 -22.62
C PHE A 210 -11.91 26.69 -23.49
N GLU A 211 -12.99 26.27 -24.16
CA GLU A 211 -12.98 25.06 -24.96
C GLU A 211 -11.93 25.11 -26.08
N ASN A 212 -11.70 26.28 -26.65
CA ASN A 212 -10.68 26.39 -27.69
C ASN A 212 -9.26 26.22 -27.15
N GLY A 213 -9.07 26.16 -25.84
CA GLY A 213 -7.75 26.06 -25.25
C GLY A 213 -7.19 27.32 -24.61
N ILE A 214 -7.88 28.44 -24.75
CA ILE A 214 -7.39 29.65 -24.11
C ILE A 214 -7.82 29.64 -22.66
N SER A 215 -6.90 30.05 -21.78
CA SER A 215 -7.12 30.24 -20.37
C SER A 215 -6.33 31.44 -19.89
N PHE A 216 -6.79 32.06 -18.81
CA PHE A 216 -6.19 33.29 -18.31
C PHE A 216 -6.56 33.42 -16.85
N PHE A 217 -5.85 34.31 -16.16
CA PHE A 217 -6.25 34.69 -14.81
C PHE A 217 -5.80 36.11 -14.54
N ALA A 218 -6.59 36.85 -13.76
CA ALA A 218 -6.26 38.23 -13.45
C ALA A 218 -6.80 38.58 -12.07
N GLN A 219 -6.02 39.36 -11.32
CA GLN A 219 -6.31 39.61 -9.93
C GLN A 219 -5.84 40.99 -9.55
N TYR A 220 -6.61 41.63 -8.67
CA TYR A 220 -6.22 42.89 -8.06
C TYR A 220 -6.14 42.69 -6.56
N LYS A 221 -5.04 43.15 -5.97
CA LYS A 221 -4.75 43.00 -4.56
C LYS A 221 -4.62 44.40 -3.97
N TYR A 222 -5.39 44.68 -2.92
CA TYR A 222 -5.38 46.00 -2.27
C TYR A 222 -4.93 45.79 -0.83
N MET A 223 -3.86 46.48 -0.43
CA MET A 223 -3.19 46.22 0.83
C MET A 223 -3.14 47.46 1.72
N GLU A 224 -3.75 47.36 2.91
CA GLU A 224 -3.76 48.44 3.87
C GLU A 224 -3.05 48.03 5.15
N ALA A 225 -2.58 49.04 5.90
CA ALA A 225 -1.92 48.83 7.19
C ALA A 225 -1.93 50.14 7.96
N ASP A 226 -2.19 50.07 9.27
CA ASP A 226 -2.22 51.25 10.14
C ASP A 226 -1.34 51.01 11.36
N ALA A 227 -0.38 51.88 11.58
CA ALA A 227 0.50 51.69 12.72
C ALA A 227 -0.03 52.47 13.91
N SER A 228 0.38 52.02 15.10
CA SER A 228 -0.20 52.50 16.37
C SER A 228 0.10 53.96 16.67
N ASN A 229 1.17 54.52 16.11
CA ASN A 229 1.46 55.94 16.22
C ASN A 229 0.61 56.78 15.28
N GLY A 230 -0.37 56.15 14.63
CA GLY A 230 -1.26 56.84 13.72
C GLY A 230 -0.82 56.83 12.28
N VAL A 231 0.31 56.18 11.97
CA VAL A 231 0.72 56.15 10.59
C VAL A 231 -0.17 55.18 9.83
N ASN A 232 -0.39 55.49 8.56
CA ASN A 232 -1.11 54.65 7.63
C ASN A 232 -0.24 54.38 6.40
N GLU A 233 -0.35 53.19 5.85
CA GLU A 233 0.33 52.84 4.61
C GLU A 233 -0.66 52.11 3.72
N LYS A 234 -0.55 52.34 2.42
CA LYS A 234 -1.43 51.74 1.41
C LYS A 234 -0.57 51.39 0.21
N GLN A 235 -0.67 50.14 -0.25
CA GLN A 235 0.00 49.71 -1.47
C GLN A 235 -0.89 48.70 -2.15
N ASP A 236 -0.80 48.66 -3.48
CA ASP A 236 -1.66 47.76 -4.25
C ASP A 236 -0.83 47.11 -5.36
N ALA A 237 -1.43 46.08 -5.93
CA ALA A 237 -0.69 45.18 -6.78
C ALA A 237 -1.66 44.43 -7.66
N MET A 238 -1.12 43.69 -8.61
CA MET A 238 -1.90 42.91 -9.53
C MET A 238 -1.06 41.75 -10.01
N SER A 239 -1.73 40.67 -10.39
CA SER A 239 -1.05 39.58 -11.07
C SER A 239 -1.98 39.02 -12.11
N ALA A 240 -1.43 38.64 -13.26
CA ALA A 240 -2.29 38.10 -14.29
C ALA A 240 -1.49 37.11 -15.11
N GLY A 241 -2.19 36.17 -15.71
CA GLY A 241 -1.50 35.16 -16.47
C GLY A 241 -2.31 34.62 -17.61
N LEU A 242 -1.68 34.49 -18.77
CA LEU A 242 -2.35 33.99 -19.96
C LEU A 242 -1.66 32.71 -20.42
N MET A 243 -2.46 31.71 -20.78
CA MET A 243 -1.88 30.46 -21.25
C MET A 243 -2.74 29.82 -22.32
N TYR A 244 -2.08 29.34 -23.37
CA TYR A 244 -2.72 28.56 -24.41
C TYR A 244 -2.24 27.12 -24.30
N THR A 245 -3.18 26.18 -24.46
CA THR A 245 -2.90 24.77 -24.28
C THR A 245 -3.37 24.00 -25.50
N THR A 246 -2.42 23.37 -26.19
CA THR A 246 -2.68 22.49 -27.33
C THR A 246 -2.00 21.14 -27.09
N GLY A 247 -2.73 20.07 -27.34
CA GLY A 247 -2.13 18.73 -27.28
C GLY A 247 -1.58 18.41 -25.91
N ASP A 248 -0.29 18.06 -25.84
CA ASP A 248 0.37 17.80 -24.57
C ASP A 248 1.20 18.98 -24.11
N TRP A 249 0.76 20.19 -24.46
CA TRP A 249 1.53 21.40 -24.18
C TRP A 249 0.68 22.49 -23.54
N GLN A 250 1.31 23.31 -22.70
CA GLN A 250 0.73 24.57 -22.24
C GLN A 250 1.84 25.60 -22.24
N TYR A 251 1.65 26.64 -23.02
CA TYR A 251 2.52 27.80 -23.00
C TYR A 251 1.88 28.80 -22.06
N LYS A 252 2.71 29.54 -21.33
CA LYS A 252 2.19 30.47 -20.35
C LYS A 252 3.03 31.72 -20.33
N LEU A 253 2.36 32.84 -20.03
CA LEU A 253 2.97 34.15 -19.90
C LEU A 253 2.39 34.78 -18.64
N GLY A 254 3.24 35.20 -17.73
CA GLY A 254 2.78 35.71 -16.45
C GLY A 254 3.35 37.09 -16.17
N TYR A 255 2.53 37.93 -15.57
CA TYR A 255 2.97 39.25 -15.17
C TYR A 255 2.35 39.58 -13.83
N ALA A 256 3.17 40.05 -12.90
CA ALA A 256 2.65 40.52 -11.63
C ALA A 256 3.47 41.72 -11.20
N ALA A 257 2.86 42.61 -10.41
CA ALA A 257 3.56 43.81 -9.99
C ALA A 257 2.99 44.35 -8.70
N ASN A 258 3.85 44.61 -7.73
CA ASN A 258 3.52 45.48 -6.62
C ASN A 258 3.72 46.92 -7.05
N PHE A 259 2.83 47.80 -6.62
CA PHE A 259 2.94 49.17 -7.08
C PHE A 259 3.57 50.06 -6.04
N ASP A 260 3.75 51.33 -6.40
CA ASP A 260 4.40 52.26 -5.50
C ASP A 260 3.63 52.39 -4.19
N LEU A 261 4.36 52.55 -3.10
CA LEU A 261 3.77 52.67 -1.77
C LEU A 261 3.50 54.13 -1.39
N GLU A 262 2.39 54.35 -0.71
CA GLU A 262 2.04 55.64 -0.14
C GLU A 262 2.08 55.55 1.39
N ARG A 263 2.84 56.43 2.03
CA ARG A 263 2.88 56.50 3.48
C ARG A 263 2.36 57.86 3.90
N ASP A 264 1.23 57.87 4.61
CA ASP A 264 0.57 59.10 5.02
C ASP A 264 0.09 59.88 3.79
N GLY A 265 -0.48 59.17 2.83
CA GLY A 265 -0.95 59.84 1.63
C GLY A 265 0.17 60.16 0.67
N LYS A 266 1.35 60.45 1.20
CA LYS A 266 2.51 60.72 0.35
C LYS A 266 3.01 59.39 -0.22
N THR A 267 3.19 59.34 -1.53
CA THR A 267 3.69 58.13 -2.15
C THR A 267 5.21 58.16 -2.13
N LEU A 268 5.83 56.99 -1.91
CA LEU A 268 7.27 56.86 -1.82
C LEU A 268 7.83 56.38 -3.17
N SER A 269 8.69 57.20 -3.78
CA SER A 269 9.07 56.94 -5.17
C SER A 269 9.96 55.71 -5.25
N ASN A 270 9.84 55.01 -6.38
CA ASN A 270 10.62 53.80 -6.68
C ASN A 270 10.56 52.80 -5.52
N THR A 271 9.34 52.30 -5.29
CA THR A 271 9.09 51.22 -4.34
C THR A 271 8.25 50.11 -4.97
N SER A 272 8.12 50.10 -6.28
CA SER A 272 7.30 49.14 -6.98
C SER A 272 8.13 47.90 -7.28
N ASP A 273 7.44 46.82 -7.59
CA ASP A 273 8.08 45.59 -8.01
C ASP A 273 7.31 45.05 -9.20
N ASP A 274 8.00 44.42 -10.14
CA ASP A 274 7.29 43.69 -11.20
C ASP A 274 8.16 42.56 -11.75
N VAL A 275 7.49 41.50 -12.19
CA VAL A 275 8.13 40.30 -12.74
C VAL A 275 7.46 39.93 -14.06
N VAL A 276 8.26 39.49 -15.01
CA VAL A 276 7.77 38.97 -16.27
C VAL A 276 8.20 37.51 -16.37
N SER A 277 7.37 36.67 -16.95
CA SER A 277 7.78 35.27 -16.94
C SER A 277 7.09 34.52 -18.05
N ALA A 278 7.80 33.54 -18.59
CA ALA A 278 7.30 32.68 -19.64
C ALA A 278 7.60 31.25 -19.26
N GLN A 279 6.70 30.35 -19.61
CA GLN A 279 6.93 28.98 -19.23
C GLN A 279 6.33 28.09 -20.28
N ILE A 280 7.09 27.08 -20.71
CA ILE A 280 6.59 26.05 -21.60
C ILE A 280 6.46 24.79 -20.77
N MET A 281 5.36 24.08 -20.95
CA MET A 281 5.13 22.89 -20.15
C MET A 281 4.67 21.71 -21.00
N TYR A 282 5.28 20.55 -20.76
CA TYR A 282 4.98 19.31 -21.45
C TYR A 282 4.43 18.28 -20.47
N PHE A 283 3.33 17.65 -20.83
CA PHE A 283 2.64 16.69 -19.98
C PHE A 283 3.22 15.28 -20.17
N VAL A 284 4.40 15.07 -19.61
CA VAL A 284 5.11 13.81 -19.91
C VAL A 284 4.33 12.59 -19.51
N ASP A 285 3.42 12.74 -18.56
CA ASP A 285 2.61 11.63 -18.07
C ASP A 285 1.38 12.20 -17.46
N PRO A 286 0.29 11.45 -17.44
CA PRO A 286 -0.84 11.84 -16.59
C PRO A 286 -0.44 12.18 -15.16
N SER A 287 0.64 11.59 -14.62
CA SER A 287 1.02 11.78 -13.22
C SER A 287 2.16 12.75 -13.03
N ALA A 288 2.66 13.35 -14.10
CA ALA A 288 3.82 14.23 -14.00
C ALA A 288 3.84 15.20 -15.15
N VAL A 289 4.65 16.26 -14.98
CA VAL A 289 4.84 17.27 -16.01
C VAL A 289 6.30 17.71 -16.03
N LEU A 290 6.76 18.07 -17.21
CA LEU A 290 8.05 18.70 -17.41
C LEU A 290 7.83 20.15 -17.78
N TYR A 291 8.75 21.02 -17.38
CA TYR A 291 8.57 22.39 -17.76
C TYR A 291 9.90 23.11 -17.87
N ALA A 292 9.94 24.05 -18.80
CA ALA A 292 10.99 25.03 -18.93
C ALA A 292 10.36 26.41 -18.84
N ARG A 293 11.04 27.31 -18.14
CA ARG A 293 10.47 28.60 -17.81
C ARG A 293 11.60 29.58 -17.59
N ALA A 294 11.36 30.82 -17.99
CA ALA A 294 12.29 31.88 -17.71
C ALA A 294 11.50 33.07 -17.24
N ARG A 295 12.06 33.82 -16.29
CA ARG A 295 11.36 34.92 -15.66
C ARG A 295 12.36 36.02 -15.38
N MET A 296 11.87 37.25 -15.32
CA MET A 296 12.74 38.39 -15.08
C MET A 296 12.15 39.29 -14.01
N ASN A 297 12.87 39.45 -12.89
CA ASN A 297 12.40 40.16 -11.69
C ASN A 297 13.14 41.49 -11.56
N ASP A 298 12.38 42.60 -11.51
CA ASP A 298 12.93 43.93 -11.19
C ASP A 298 12.34 44.38 -9.87
N PHE A 299 13.19 44.68 -8.90
CA PHE A 299 12.76 44.95 -7.53
C PHE A 299 12.90 46.43 -7.18
N ASN A 300 12.28 46.80 -6.06
CA ASN A 300 12.24 48.17 -5.53
C ASN A 300 13.62 48.63 -5.08
N GLU A 301 13.74 49.94 -4.85
CA GLU A 301 15.00 50.56 -4.46
C GLU A 301 15.08 50.92 -2.99
N GLY A 302 14.13 50.50 -2.17
CA GLY A 302 14.32 50.64 -0.74
C GLY A 302 13.36 51.54 0.02
N LEU A 303 13.21 51.31 1.32
CA LEU A 303 12.37 52.14 2.16
C LEU A 303 12.71 51.86 3.61
N ASP A 304 12.91 52.91 4.40
CA ASP A 304 13.07 52.72 5.83
C ASP A 304 11.73 52.38 6.44
N GLY A 305 11.70 51.38 7.30
CA GLY A 305 10.52 51.18 8.09
C GLY A 305 10.43 52.27 9.14
N LEU A 306 9.30 52.31 9.86
CA LEU A 306 9.08 53.35 10.88
C LEU A 306 10.02 53.25 12.09
N ASP A 307 11.10 52.46 12.04
CA ASP A 307 12.08 52.36 13.11
C ASP A 307 13.37 53.07 12.76
N ASP A 308 13.32 54.00 11.81
CA ASP A 308 14.45 54.76 11.26
C ASP A 308 15.41 53.85 10.50
N ALA A 309 15.21 52.52 10.60
CA ALA A 309 16.04 51.53 9.94
C ALA A 309 15.36 50.97 8.70
N ALA A 310 16.19 50.47 7.77
CA ALA A 310 15.67 49.91 6.53
C ALA A 310 14.68 48.79 6.82
N ARG A 311 13.87 48.46 5.82
CA ARG A 311 12.89 47.40 5.93
C ARG A 311 13.14 46.32 4.87
N TRP A 312 13.03 45.05 5.27
CA TRP A 312 13.31 43.96 4.36
C TRP A 312 12.16 43.79 3.40
N THR A 313 12.47 43.64 2.13
CA THR A 313 11.47 43.27 1.12
C THR A 313 12.06 42.17 0.25
N SER A 314 11.19 41.56 -0.58
CA SER A 314 11.66 40.56 -1.52
C SER A 314 12.78 41.06 -2.41
N GLY A 315 12.91 42.37 -2.56
CA GLY A 315 13.95 43.01 -3.34
C GLY A 315 15.21 43.41 -2.61
N THR A 316 15.33 43.12 -1.32
CA THR A 316 16.54 43.50 -0.60
C THR A 316 17.78 42.75 -1.10
N ASN A 317 17.57 41.68 -1.86
CA ASN A 317 18.68 40.94 -2.49
C ASN A 317 19.03 41.48 -3.87
N GLY A 318 18.21 42.32 -4.43
CA GLY A 318 18.56 42.91 -5.70
C GLY A 318 17.84 42.21 -6.83
N ASP A 319 17.78 42.90 -7.98
CA ASP A 319 17.12 42.35 -9.15
C ASP A 319 17.83 41.08 -9.63
N TYR A 320 17.09 40.21 -10.30
CA TYR A 320 17.66 38.96 -10.80
C TYR A 320 16.74 38.37 -11.85
N ASN A 321 17.31 37.52 -12.70
CA ASN A 321 16.59 36.75 -13.72
C ASN A 321 16.84 35.28 -13.41
N GLU A 322 16.03 34.42 -14.01
CA GLU A 322 16.21 33.01 -13.71
C GLU A 322 15.64 32.16 -14.83
N TYR A 323 16.45 31.22 -15.31
CA TYR A 323 16.09 30.24 -16.31
C TYR A 323 16.09 28.86 -15.67
N SER A 324 15.10 28.04 -15.98
CA SER A 324 14.97 26.82 -15.20
C SER A 324 14.25 25.73 -15.96
N VAL A 325 14.62 24.51 -15.66
CA VAL A 325 13.89 23.32 -16.06
C VAL A 325 13.51 22.58 -14.80
N GLY A 326 12.39 21.88 -14.84
CA GLY A 326 12.00 21.13 -13.66
C GLY A 326 11.12 19.97 -14.06
N VAL A 327 10.80 19.15 -13.05
CA VAL A 327 9.85 18.05 -13.15
C VAL A 327 8.92 18.08 -11.95
N GLU A 328 7.71 17.56 -12.14
CA GLU A 328 6.77 17.42 -11.04
C GLU A 328 5.93 16.17 -11.27
N TYR A 329 5.97 15.28 -10.30
CA TYR A 329 5.31 13.99 -10.31
C TYR A 329 4.51 13.89 -9.02
N TYR A 330 3.26 13.42 -9.12
CA TYR A 330 2.37 13.35 -7.98
C TYR A 330 2.04 11.89 -7.72
N PHE A 331 2.20 11.43 -6.48
CA PHE A 331 1.80 10.07 -6.14
C PHE A 331 1.04 10.06 -4.83
N GLU B 1 7.40 3.25 -2.58
CA GLU B 1 8.05 2.29 -1.67
C GLU B 1 8.74 2.95 -0.48
N VAL B 2 8.62 2.28 0.66
CA VAL B 2 9.33 2.65 1.86
C VAL B 2 10.48 1.68 2.07
N TYR B 3 11.61 2.19 2.52
CA TYR B 3 12.77 1.34 2.78
C TYR B 3 13.48 1.86 4.01
N GLY B 4 13.87 0.95 4.90
CA GLY B 4 14.59 1.38 6.08
C GLY B 4 15.96 0.74 6.19
N ILE B 5 16.87 1.39 6.90
CA ILE B 5 18.08 0.73 7.34
C ILE B 5 18.17 0.97 8.84
N ILE B 6 17.87 -0.05 9.62
CA ILE B 6 17.94 0.03 11.07
C ILE B 6 19.34 -0.35 11.48
N ALA B 7 19.96 0.47 12.31
CA ALA B 7 21.40 0.33 12.56
C ALA B 7 21.72 0.94 13.92
N MET B 8 22.02 0.09 14.88
CA MET B 8 22.36 0.54 16.22
C MET B 8 23.74 0.03 16.57
N GLN B 9 24.56 0.89 17.16
CA GLN B 9 25.89 0.53 17.60
C GLN B 9 26.10 1.03 19.01
N ALA B 10 26.38 0.12 19.93
CA ALA B 10 26.78 0.49 21.27
C ALA B 10 28.30 0.52 21.29
N ALA B 11 28.86 1.66 21.69
CA ALA B 11 30.27 1.95 21.45
C ALA B 11 30.82 2.74 22.62
N TYR B 12 31.76 2.13 23.32
CA TYR B 12 32.50 2.82 24.38
C TYR B 12 33.78 3.40 23.80
N ARG B 13 34.06 4.65 24.18
CA ARG B 13 35.23 5.39 23.73
C ARG B 13 36.05 5.81 24.95
N ASP B 14 37.37 5.57 24.89
CA ASP B 14 38.31 6.04 25.92
C ASP B 14 39.29 7.02 25.29
N TYR B 15 39.13 8.29 25.62
CA TYR B 15 39.91 9.36 25.04
C TYR B 15 41.16 9.62 25.90
N ASP B 16 42.25 10.01 25.23
CA ASP B 16 43.45 10.54 25.87
C ASP B 16 43.83 11.85 25.20
N SER B 17 43.45 12.98 25.80
CA SER B 17 43.73 14.24 25.16
C SER B 17 44.79 15.07 25.86
N GLY B 18 45.08 14.83 27.12
CA GLY B 18 45.89 15.75 27.89
C GLY B 18 45.11 16.63 28.85
N ASP B 19 43.78 16.63 28.75
CA ASP B 19 42.87 17.21 29.75
C ASP B 19 41.79 16.17 30.05
N ALA B 20 41.70 15.73 31.31
CA ALA B 20 40.84 14.60 31.67
C ALA B 20 39.35 14.93 31.70
N LYS B 21 38.95 16.18 31.99
CA LYS B 21 37.53 16.52 31.83
C LYS B 21 37.09 16.26 30.40
N GLN B 22 37.85 16.76 29.43
CA GLN B 22 37.59 16.45 28.03
C GLN B 22 37.56 14.96 27.82
N ASP B 23 38.48 14.25 28.47
CA ASP B 23 38.50 12.79 28.40
C ASP B 23 37.18 12.22 28.92
N ASP B 24 36.69 12.77 30.05
CA ASP B 24 35.51 12.26 30.73
C ASP B 24 34.22 12.61 29.97
N ASN B 25 34.15 13.83 29.44
CA ASN B 25 33.01 14.22 28.62
C ASN B 25 32.97 13.32 27.40
N LEU B 26 33.96 13.52 26.53
CA LEU B 26 33.98 12.90 25.22
C LEU B 26 33.99 11.38 25.32
N GLY B 27 34.64 10.84 26.34
CA GLY B 27 34.73 9.41 26.46
C GLY B 27 33.50 8.82 27.12
N GLY B 28 33.55 7.51 27.30
CA GLY B 28 32.44 6.79 27.88
C GLY B 28 31.65 6.05 26.83
N MET B 29 30.58 5.41 27.28
CA MET B 29 29.76 4.67 26.34
C MET B 29 28.59 5.53 25.86
N GLN B 30 28.20 5.32 24.60
CA GLN B 30 27.05 5.99 24.02
C GLN B 30 26.33 5.05 23.09
N LEU B 31 25.11 5.42 22.78
CA LEU B 31 24.33 4.68 21.80
C LEU B 31 24.32 5.51 20.55
N ASN B 32 24.87 4.95 19.47
CA ASN B 32 24.88 5.59 18.17
C ASN B 32 23.88 4.88 17.29
N ASN B 33 22.69 5.43 17.21
CA ASN B 33 21.66 4.90 16.32
C ASN B 33 21.83 5.56 14.97
N GLU B 34 22.22 4.76 14.00
CA GLU B 34 22.32 5.21 12.63
C GLU B 34 21.17 4.67 11.81
N SER B 35 20.07 4.32 12.46
CA SER B 35 18.90 3.87 11.71
C SER B 35 18.37 5.04 10.89
N ARG B 36 17.79 4.73 9.75
CA ARG B 36 17.31 5.75 8.83
C ARG B 36 16.17 5.18 8.02
N ILE B 37 15.23 6.03 7.63
CA ILE B 37 14.12 5.62 6.79
C ILE B 37 14.08 6.43 5.51
N GLY B 38 13.72 5.79 4.41
CA GLY B 38 13.69 6.46 3.13
C GLY B 38 12.49 6.02 2.31
N PHE B 39 12.27 6.78 1.25
CA PHE B 39 11.21 6.51 0.29
C PHE B 39 11.81 6.66 -1.09
N ARG B 40 11.45 5.74 -1.97
CA ARG B 40 11.96 5.77 -3.32
C ARG B 40 10.92 5.14 -4.23
N GLY B 41 11.01 5.48 -5.52
CA GLY B 41 10.10 4.92 -6.50
C GLY B 41 10.57 5.13 -7.91
N LYS B 42 9.97 4.36 -8.81
CA LYS B 42 10.16 4.51 -10.25
C LYS B 42 8.82 4.69 -10.92
N LYS B 43 8.81 5.36 -12.07
CA LYS B 43 7.58 5.60 -12.81
C LYS B 43 7.92 5.71 -14.28
N GLN B 44 7.20 4.96 -15.11
CA GLN B 44 7.34 5.06 -16.56
C GLN B 44 6.39 6.13 -17.05
N PHE B 45 6.92 7.29 -17.38
CA PHE B 45 6.07 8.33 -17.94
C PHE B 45 5.54 7.88 -19.29
N ALA B 46 4.25 8.10 -19.49
CA ALA B 46 3.59 7.62 -20.70
C ALA B 46 4.17 8.23 -21.97
N ASN B 47 4.76 9.42 -21.88
CA ASN B 47 5.29 10.07 -23.07
C ASN B 47 6.82 10.23 -22.97
N PHE B 48 7.52 9.20 -22.51
CA PHE B 48 8.95 9.33 -22.25
C PHE B 48 9.63 7.99 -21.95
N GLU B 49 10.58 7.57 -22.82
CA GLU B 49 11.27 6.30 -22.74
C GLU B 49 12.16 6.17 -21.50
N PRO B 50 12.95 7.18 -21.13
CA PRO B 50 13.69 7.07 -19.85
C PRO B 50 12.73 6.88 -18.68
N THR B 51 13.08 5.93 -17.82
CA THR B 51 12.25 5.60 -16.67
C THR B 51 12.58 6.55 -15.53
N PHE B 52 11.54 7.16 -14.97
CA PHE B 52 11.69 8.12 -13.89
C PHE B 52 11.94 7.42 -12.56
N ILE B 53 12.88 7.95 -11.80
CA ILE B 53 13.25 7.43 -10.50
C ILE B 53 13.35 8.59 -9.52
N TRP B 54 13.12 8.29 -8.25
CA TRP B 54 13.17 9.33 -7.24
C TRP B 54 13.41 8.66 -5.91
N GLN B 55 14.04 9.37 -4.97
CA GLN B 55 14.26 8.81 -3.65
C GLN B 55 14.36 9.92 -2.60
N ILE B 56 13.77 9.68 -1.42
CA ILE B 56 13.91 10.58 -0.28
C ILE B 56 14.38 9.78 0.93
N GLU B 57 15.61 10.01 1.35
CA GLU B 57 16.17 9.27 2.46
C GLU B 57 16.35 10.21 3.64
N GLY B 58 15.81 9.81 4.79
CA GLY B 58 16.03 10.56 6.00
C GLY B 58 17.41 10.36 6.60
N GLY B 59 17.73 11.19 7.61
CA GLY B 59 19.03 11.14 8.25
C GLY B 59 19.07 10.11 9.38
N TYR B 60 20.22 10.06 10.06
CA TYR B 60 20.38 9.22 11.24
C TYR B 60 19.51 9.71 12.40
N VAL B 61 18.73 8.80 12.99
CA VAL B 61 17.72 9.19 13.96
C VAL B 61 18.36 9.72 15.26
N ASP B 62 19.22 8.93 15.90
CA ASP B 62 20.02 9.42 17.02
C ASP B 62 21.46 8.95 16.87
N PRO B 63 22.27 9.72 16.16
CA PRO B 63 23.71 9.47 16.17
C PRO B 63 24.28 9.60 17.58
N SER B 64 25.44 8.99 17.77
CA SER B 64 26.17 9.30 18.98
C SER B 64 26.66 10.74 18.92
N PHE B 65 26.99 11.31 20.06
CA PHE B 65 27.46 12.69 20.16
C PHE B 65 26.45 13.68 19.62
N GLY B 66 25.22 13.26 19.40
CA GLY B 66 24.24 14.15 18.80
C GLY B 66 22.85 13.90 19.32
N GLY B 67 22.00 14.90 19.11
CA GLY B 67 20.64 14.87 19.60
C GLY B 67 19.74 14.04 18.75
N GLU B 68 18.47 13.98 19.18
CA GLU B 68 17.48 13.13 18.54
C GLU B 68 16.91 13.82 17.32
N GLY B 69 16.20 13.04 16.52
CA GLY B 69 15.49 13.63 15.42
C GLY B 69 16.36 13.93 14.23
N ALA B 70 15.86 13.57 13.06
CA ALA B 70 16.48 13.93 11.81
C ALA B 70 15.37 14.17 10.81
N GLY B 71 15.50 15.21 9.99
CA GLY B 71 14.50 15.50 8.99
C GLY B 71 14.54 14.48 7.86
N LEU B 72 13.67 14.67 6.88
CA LEU B 72 13.63 13.83 5.70
C LEU B 72 14.43 14.48 4.59
N GLY B 73 15.20 13.66 3.88
CA GLY B 73 16.07 14.22 2.86
C GLY B 73 17.41 14.74 3.34
N GLU B 74 17.91 14.24 4.49
CA GLU B 74 19.27 14.53 4.94
C GLU B 74 20.30 13.64 4.25
N ARG B 75 19.88 12.48 3.77
CA ARG B 75 20.73 11.58 3.04
C ARG B 75 20.32 11.59 1.57
N ASP B 76 20.71 10.56 0.83
CA ASP B 76 20.58 10.57 -0.62
C ASP B 76 19.15 10.83 -1.06
N THR B 77 18.93 12.02 -1.61
CA THR B 77 17.60 12.45 -2.03
C THR B 77 17.72 13.11 -3.40
N PHE B 78 16.96 12.62 -4.37
CA PHE B 78 17.24 12.95 -5.76
C PHE B 78 16.07 12.54 -6.66
N VAL B 79 16.09 13.08 -7.87
CA VAL B 79 15.25 12.63 -8.97
C VAL B 79 16.16 12.36 -10.15
N GLY B 80 15.71 11.48 -11.04
CA GLY B 80 16.54 11.17 -12.18
C GLY B 80 15.85 10.20 -13.12
N PHE B 81 16.62 9.78 -14.12
CA PHE B 81 16.14 8.90 -15.17
C PHE B 81 17.11 7.74 -15.37
N GLU B 82 16.57 6.65 -15.91
CA GLU B 82 17.37 5.46 -16.11
C GLU B 82 16.92 4.79 -17.41
N SER B 83 17.89 4.47 -18.25
CA SER B 83 17.66 3.65 -19.43
C SER B 83 18.71 2.55 -19.51
N ALA B 84 18.33 1.43 -20.12
CA ALA B 84 19.30 0.36 -20.33
C ALA B 84 20.44 0.85 -21.23
N SER B 85 20.15 1.78 -22.12
CA SER B 85 21.16 2.31 -23.01
C SER B 85 22.25 3.01 -22.22
N TRP B 86 21.94 4.17 -21.64
CA TRP B 86 22.96 5.07 -21.14
C TRP B 86 23.06 5.14 -19.63
N GLY B 87 22.34 4.30 -18.91
CA GLY B 87 22.59 4.25 -17.49
C GLY B 87 21.61 5.05 -16.67
N GLN B 88 22.10 6.07 -15.98
CA GLN B 88 21.28 6.70 -14.96
C GLN B 88 21.82 8.07 -14.62
N VAL B 89 21.04 9.10 -14.87
CA VAL B 89 21.40 10.43 -14.43
C VAL B 89 20.47 10.81 -13.30
N ARG B 90 21.05 11.41 -12.25
CA ARG B 90 20.32 11.79 -11.06
C ARG B 90 20.62 13.25 -10.72
N LEU B 91 19.64 13.94 -10.18
CA LEU B 91 19.82 15.32 -9.77
C LEU B 91 19.34 15.47 -8.34
N GLY B 92 20.13 16.15 -7.53
CA GLY B 92 19.78 16.44 -6.17
C GLY B 92 20.97 16.35 -5.25
N ARG B 93 20.82 15.54 -4.20
CA ARG B 93 21.83 15.33 -3.19
C ARG B 93 22.24 13.87 -3.26
N VAL B 94 23.47 13.61 -3.69
CA VAL B 94 24.02 12.27 -3.80
C VAL B 94 25.46 12.27 -3.27
N LEU B 95 26.12 11.11 -3.39
CA LEU B 95 27.51 10.93 -2.97
C LEU B 95 28.42 11.17 -4.15
N THR B 96 29.48 11.98 -3.96
CA THR B 96 30.36 12.28 -5.08
C THR B 96 31.02 10.99 -5.53
N PRO B 97 31.56 10.97 -6.76
CA PRO B 97 32.18 9.73 -7.24
C PRO B 97 33.32 9.27 -6.35
N MET B 98 34.07 10.20 -5.76
CA MET B 98 35.18 9.74 -4.93
C MET B 98 34.73 9.31 -3.55
N TYR B 99 33.78 10.02 -2.95
CA TYR B 99 33.40 9.65 -1.59
C TYR B 99 32.90 8.22 -1.52
N GLU B 100 32.28 7.72 -2.58
CA GLU B 100 31.85 6.32 -2.58
C GLU B 100 33.02 5.39 -2.31
N LEU B 101 34.13 5.59 -3.04
CA LEU B 101 35.28 4.72 -2.86
C LEU B 101 35.99 5.00 -1.54
N VAL B 102 35.83 6.20 -1.00
CA VAL B 102 36.38 6.48 0.32
C VAL B 102 35.53 5.81 1.40
N ASP B 103 34.21 5.81 1.25
CA ASP B 103 33.37 5.09 2.20
C ASP B 103 33.45 3.58 1.99
N TRP B 104 33.17 3.13 0.81
CA TRP B 104 33.30 1.72 0.57
C TRP B 104 34.35 1.49 -0.49
N PRO B 105 35.36 0.64 -0.22
CA PRO B 105 35.32 -0.13 1.02
C PRO B 105 36.28 0.37 2.09
N ALA B 106 36.89 1.52 1.81
CA ALA B 106 38.06 2.04 2.49
C ALA B 106 37.83 2.62 3.90
N SER B 107 36.59 2.81 4.35
CA SER B 107 36.40 3.42 5.67
C SER B 107 35.95 2.47 6.77
N ASN B 108 35.37 1.39 6.43
CA ASN B 108 34.98 0.56 7.53
C ASN B 108 35.95 -0.62 7.57
N PRO B 109 36.30 -1.15 8.72
CA PRO B 109 35.67 -0.91 10.03
C PRO B 109 36.20 0.24 10.88
N GLY B 110 35.54 1.39 10.82
CA GLY B 110 35.86 2.46 11.73
C GLY B 110 37.06 3.28 11.34
N LEU B 111 37.45 3.23 10.08
CA LEU B 111 38.61 3.96 9.63
C LEU B 111 38.28 5.37 9.18
N GLY B 112 36.99 5.72 9.14
CA GLY B 112 36.60 7.01 8.62
C GLY B 112 37.29 8.18 9.33
N ASP B 113 37.41 8.09 10.64
CA ASP B 113 38.01 9.19 11.39
C ASP B 113 39.31 9.66 10.78
N VAL B 114 39.98 8.78 10.05
CA VAL B 114 41.27 9.07 9.47
C VAL B 114 41.18 9.15 7.95
N TYR B 115 40.44 8.24 7.33
CA TYR B 115 40.41 8.20 5.88
C TYR B 115 39.27 9.00 5.26
N ASP B 116 38.12 9.12 5.93
CA ASP B 116 36.95 9.79 5.36
C ASP B 116 37.01 11.30 5.56
N TRP B 117 36.64 11.77 6.73
CA TRP B 117 36.77 13.20 6.98
C TRP B 117 38.07 13.50 7.69
N GLY B 118 38.83 12.48 8.07
CA GLY B 118 40.15 12.72 8.59
C GLY B 118 40.98 13.44 7.56
N GLY B 119 41.86 14.30 8.03
CA GLY B 119 42.64 15.02 7.05
C GLY B 119 43.28 16.23 7.66
N ALA B 120 44.36 16.64 7.02
CA ALA B 120 45.05 17.87 7.37
C ALA B 120 45.07 18.90 6.25
N ILE B 121 44.70 18.54 5.02
CA ILE B 121 44.88 19.45 3.89
C ILE B 121 43.91 20.61 4.01
N GLY B 122 44.30 21.76 3.46
CA GLY B 122 43.47 22.94 3.56
C GLY B 122 42.39 22.95 2.51
N GLY B 123 41.57 24.01 2.55
CA GLY B 123 40.50 24.10 1.58
C GLY B 123 39.46 23.03 1.85
N ALA B 124 39.21 22.18 0.87
CA ALA B 124 38.23 21.10 1.00
C ALA B 124 38.70 19.92 0.15
N LYS B 125 39.33 18.93 0.80
CA LYS B 125 39.89 17.76 0.13
C LYS B 125 38.92 17.28 -0.96
N TYR B 126 37.69 16.97 -0.55
CA TYR B 126 36.66 16.50 -1.46
C TYR B 126 35.31 16.85 -0.83
N GLN B 127 34.25 16.18 -1.29
CA GLN B 127 32.90 16.44 -0.81
C GLN B 127 32.29 15.10 -0.46
N ASP B 128 31.55 15.04 0.64
CA ASP B 128 31.04 13.75 1.07
C ASP B 128 29.69 13.46 0.44
N ARG B 129 28.64 14.09 0.94
CA ARG B 129 27.33 14.06 0.29
C ARG B 129 27.00 15.51 -0.04
N GLN B 130 26.75 15.78 -1.32
CA GLN B 130 26.53 17.14 -1.78
C GLN B 130 25.17 17.31 -2.41
N SER B 131 24.50 18.40 -2.03
CA SER B 131 23.25 18.76 -2.66
C SER B 131 23.59 19.64 -3.87
N ASN B 132 22.57 19.99 -4.64
CA ASN B 132 22.78 20.72 -5.87
C ASN B 132 23.82 20.00 -6.70
N THR B 133 23.42 18.85 -7.21
CA THR B 133 24.39 18.01 -7.90
C THR B 133 23.67 17.21 -8.96
N ILE B 134 24.30 17.10 -10.13
CA ILE B 134 23.89 16.13 -11.12
C ILE B 134 25.02 15.14 -11.28
N ARG B 135 24.67 13.84 -11.32
CA ARG B 135 25.64 12.76 -11.35
C ARG B 135 25.16 11.70 -12.30
N TRP B 136 25.99 11.38 -13.29
CA TRP B 136 25.66 10.35 -14.25
C TRP B 136 26.40 9.09 -13.84
N ASP B 137 25.65 8.02 -13.72
CA ASP B 137 26.15 6.71 -13.37
C ASP B 137 26.15 5.91 -14.66
N SER B 138 27.30 5.38 -15.02
CA SER B 138 27.31 4.68 -16.29
C SER B 138 26.86 3.25 -16.09
N PRO B 139 26.41 2.59 -17.16
CA PRO B 139 26.11 1.15 -17.09
C PRO B 139 27.38 0.34 -16.87
N MET B 140 27.20 -0.96 -16.65
CA MET B 140 28.35 -1.86 -16.56
C MET B 140 28.67 -2.33 -17.97
N TYR B 141 29.47 -1.53 -18.66
CA TYR B 141 29.84 -1.81 -20.03
C TYR B 141 30.65 -3.09 -20.12
N ALA B 142 30.26 -3.96 -21.07
CA ALA B 142 30.85 -5.28 -21.25
C ALA B 142 30.65 -6.14 -20.03
N ASP B 143 29.73 -5.73 -19.16
CA ASP B 143 29.51 -6.36 -17.88
C ASP B 143 30.79 -6.39 -17.04
N LYS B 144 31.72 -5.44 -17.30
CA LYS B 144 32.95 -5.31 -16.50
C LYS B 144 33.38 -3.86 -16.25
N PHE B 145 33.00 -2.89 -17.08
CA PHE B 145 33.57 -1.57 -17.00
C PHE B 145 32.47 -0.54 -16.83
N SER B 146 32.69 0.41 -15.93
CA SER B 146 31.69 1.42 -15.58
C SER B 146 32.34 2.73 -15.19
N ILE B 147 31.66 3.84 -15.49
CA ILE B 147 32.09 5.21 -15.19
C ILE B 147 31.08 5.86 -14.24
N ASP B 148 31.59 6.65 -13.31
CA ASP B 148 30.76 7.47 -12.45
C ASP B 148 31.29 8.90 -12.58
N ALA B 149 30.40 9.86 -12.81
CA ALA B 149 30.82 11.22 -13.12
C ALA B 149 29.78 12.23 -12.66
N ALA B 150 30.24 13.34 -12.10
CA ALA B 150 29.31 14.25 -11.46
C ALA B 150 29.92 15.62 -11.24
N VAL B 151 29.07 16.63 -11.34
CA VAL B 151 29.37 17.99 -10.92
C VAL B 151 28.19 18.55 -10.14
N GLY B 152 28.49 19.53 -9.31
CA GLY B 152 27.48 20.15 -8.49
C GLY B 152 28.05 21.41 -7.90
N ALA B 153 27.19 22.16 -7.23
CA ALA B 153 27.64 23.39 -6.61
C ALA B 153 28.22 23.08 -5.25
N GLY B 154 29.10 23.96 -4.78
CA GLY B 154 29.81 23.74 -3.55
C GLY B 154 28.93 23.96 -2.34
N ASP B 155 29.54 23.68 -1.17
CA ASP B 155 28.81 23.75 0.09
C ASP B 155 28.29 25.17 0.34
N LYS B 156 29.18 26.16 0.30
CA LYS B 156 28.77 27.52 0.62
C LYS B 156 27.87 28.09 -0.46
N ALA B 157 28.10 27.69 -1.71
CA ALA B 157 27.30 28.18 -2.82
C ALA B 157 25.84 27.77 -2.76
N GLY B 158 25.53 26.68 -2.06
CA GLY B 158 24.15 26.23 -1.95
C GLY B 158 23.27 27.08 -1.07
N LEU B 159 23.83 28.08 -0.40
CA LEU B 159 23.07 29.02 0.38
C LEU B 159 23.21 30.43 -0.14
N GLY B 160 23.67 30.58 -1.38
CA GLY B 160 23.87 31.89 -1.95
C GLY B 160 24.92 32.72 -1.27
N ALA B 161 25.89 32.10 -0.58
CA ALA B 161 26.94 32.85 0.10
C ALA B 161 28.28 32.75 -0.63
N GLY B 162 28.33 32.06 -1.75
CA GLY B 162 29.58 31.96 -2.49
C GLY B 162 29.36 31.29 -3.82
N ASP B 163 30.48 30.95 -4.48
CA ASP B 163 30.42 30.22 -5.73
C ASP B 163 31.41 29.07 -5.77
N ASP B 164 31.71 28.45 -4.63
CA ASP B 164 32.51 27.24 -4.66
C ASP B 164 31.74 26.18 -5.46
N TYR B 165 32.47 25.31 -6.13
CA TYR B 165 31.82 24.25 -6.90
C TYR B 165 32.79 23.11 -7.10
N TRP B 166 32.33 22.07 -7.79
CA TRP B 166 33.13 20.87 -7.87
C TRP B 166 32.61 19.94 -8.97
N GLY B 167 33.53 19.14 -9.51
CA GLY B 167 33.20 18.03 -10.38
C GLY B 167 34.13 16.87 -10.05
N GLY B 168 33.80 15.70 -10.59
CA GLY B 168 34.58 14.53 -10.27
C GLY B 168 34.15 13.36 -11.11
N ILE B 169 35.05 12.38 -11.19
CA ILE B 169 34.80 11.18 -11.98
C ILE B 169 35.61 10.04 -11.39
N ALA B 170 35.12 8.82 -11.57
CA ALA B 170 35.83 7.63 -11.13
C ALA B 170 35.51 6.51 -12.10
N ALA B 171 36.37 5.50 -12.17
CA ALA B 171 36.06 4.38 -13.04
C ALA B 171 36.41 3.08 -12.36
N HIS B 172 35.79 2.00 -12.84
CA HIS B 172 35.99 0.68 -12.28
C HIS B 172 36.03 -0.35 -13.41
N TYR B 173 37.14 -1.05 -13.54
CA TYR B 173 37.24 -2.19 -14.43
C TYR B 173 37.38 -3.40 -13.52
N LYS B 174 36.70 -4.47 -13.88
CA LYS B 174 36.58 -5.64 -13.03
C LYS B 174 37.34 -6.78 -13.69
N LEU B 175 38.63 -6.86 -13.40
CA LEU B 175 39.46 -7.93 -13.94
C LEU B 175 39.28 -9.13 -13.04
N GLY B 176 38.37 -10.02 -13.44
CA GLY B 176 38.08 -11.23 -12.71
C GLY B 176 37.82 -11.01 -11.23
N PRO B 177 38.56 -11.71 -10.36
CA PRO B 177 38.32 -11.55 -8.91
C PRO B 177 38.68 -10.18 -8.40
N LEU B 178 39.57 -9.48 -9.07
CA LEU B 178 39.88 -8.15 -8.63
C LEU B 178 38.89 -7.19 -9.23
N GLN B 179 38.86 -6.01 -8.66
CA GLN B 179 38.24 -4.87 -9.30
C GLN B 179 39.22 -3.72 -9.14
N LEU B 180 39.62 -3.13 -10.25
CA LEU B 180 40.54 -2.02 -10.16
C LEU B 180 39.72 -0.73 -10.20
N ASP B 181 40.09 0.22 -9.32
CA ASP B 181 39.37 1.46 -9.06
C ASP B 181 40.30 2.66 -9.13
N ALA B 182 39.90 3.68 -9.88
CA ALA B 182 40.59 4.96 -9.89
C ALA B 182 39.57 6.06 -9.73
N ALA B 183 39.99 7.20 -9.17
CA ALA B 183 39.02 8.26 -8.95
C ALA B 183 39.70 9.61 -8.81
N TYR B 184 38.95 10.65 -9.22
CA TYR B 184 39.39 12.03 -9.12
C TYR B 184 38.22 12.90 -8.67
N GLU B 185 38.54 13.99 -7.96
CA GLU B 185 37.54 15.03 -7.69
C GLU B 185 38.24 16.35 -7.41
N GLY B 186 37.77 17.42 -8.05
CA GLY B 186 38.38 18.73 -7.91
C GLY B 186 37.38 19.74 -7.40
N ASN B 187 37.81 20.56 -6.45
CA ASN B 187 36.99 21.64 -5.92
C ASN B 187 37.61 23.01 -6.25
N ARG B 188 36.73 23.99 -6.44
CA ARG B 188 37.13 25.33 -6.80
C ARG B 188 36.37 26.34 -5.97
N ASN B 189 36.92 27.57 -5.93
CA ASN B 189 36.31 28.73 -5.27
C ASN B 189 35.98 28.46 -3.81
N ILE B 190 36.87 27.71 -3.16
CA ILE B 190 36.70 27.36 -1.75
C ILE B 190 37.32 28.46 -0.91
N GLU B 191 36.50 29.14 -0.13
CA GLU B 191 36.96 30.20 0.76
C GLU B 191 37.27 29.61 2.13
N ALA B 192 38.49 29.85 2.63
CA ALA B 192 38.93 29.31 3.91
C ALA B 192 40.20 30.02 4.36
N GLU B 193 40.30 30.20 5.67
CA GLU B 193 41.48 30.79 6.29
C GLU B 193 41.86 32.13 5.66
N GLY B 194 40.90 32.83 5.08
CA GLY B 194 41.25 34.07 4.44
C GLY B 194 41.81 33.94 3.04
N GLN B 195 41.71 32.76 2.44
CA GLN B 195 42.19 32.55 1.08
C GLN B 195 41.14 31.79 0.29
N THR B 196 41.38 31.67 -1.00
CA THR B 196 40.53 30.86 -1.86
C THR B 196 41.34 29.71 -2.43
N TRP B 197 40.81 28.49 -2.36
CA TRP B 197 41.58 27.30 -2.66
C TRP B 197 40.97 26.55 -3.84
N GLU B 198 41.84 25.76 -4.46
CA GLU B 198 41.45 24.78 -5.46
C GLU B 198 42.01 23.46 -4.93
N ASN B 199 41.15 22.48 -4.71
CA ASN B 199 41.56 21.20 -4.17
C ASN B 199 41.53 20.16 -5.27
N ASN B 200 42.64 19.43 -5.40
CA ASN B 200 42.69 18.29 -6.30
C ASN B 200 42.96 17.02 -5.52
N THR B 201 42.27 15.95 -5.91
CA THR B 201 42.33 14.73 -5.14
C THR B 201 42.18 13.53 -6.06
N TYR B 202 43.08 12.56 -5.89
CA TYR B 202 43.15 11.39 -6.74
C TYR B 202 43.23 10.14 -5.88
N LEU B 203 42.54 9.10 -6.31
CA LEU B 203 42.48 7.88 -5.53
C LEU B 203 42.57 6.70 -6.48
N VAL B 204 43.42 5.74 -6.11
CA VAL B 204 43.51 4.48 -6.80
C VAL B 204 43.39 3.37 -5.77
N GLY B 205 42.76 2.29 -6.13
CA GLY B 205 42.56 1.25 -5.16
C GLY B 205 42.20 -0.05 -5.83
N VAL B 206 42.18 -1.10 -5.03
CA VAL B 206 41.87 -2.43 -5.52
C VAL B 206 40.95 -3.11 -4.55
N GLN B 207 40.24 -4.11 -5.05
CA GLN B 207 39.29 -4.87 -4.28
C GLN B 207 39.33 -6.29 -4.81
N GLY B 208 39.28 -7.26 -3.90
CA GLY B 208 39.27 -8.66 -4.29
C GLY B 208 38.37 -9.45 -3.36
N TRP B 209 37.78 -10.51 -3.90
CA TRP B 209 36.88 -11.39 -3.15
C TRP B 209 37.03 -12.82 -3.66
N PHE B 210 37.44 -13.77 -2.82
CA PHE B 210 37.73 -15.11 -3.31
C PHE B 210 36.88 -16.19 -2.65
N GLU B 211 36.64 -17.28 -3.41
CA GLU B 211 35.91 -18.43 -2.90
C GLU B 211 36.64 -19.05 -1.70
N ASN B 212 37.96 -18.85 -1.61
CA ASN B 212 38.74 -19.30 -0.46
C ASN B 212 38.29 -18.62 0.83
N GLY B 213 37.49 -17.57 0.72
CA GLY B 213 37.06 -16.79 1.85
C GLY B 213 37.89 -15.54 2.06
N ILE B 214 39.01 -15.40 1.36
CA ILE B 214 39.83 -14.21 1.48
C ILE B 214 39.21 -13.12 0.63
N SER B 215 39.10 -11.92 1.18
CA SER B 215 38.74 -10.74 0.42
C SER B 215 39.52 -9.58 1.00
N PHE B 216 39.84 -8.61 0.15
CA PHE B 216 40.77 -7.57 0.59
C PHE B 216 40.56 -6.33 -0.25
N PHE B 217 41.04 -5.22 0.30
CA PHE B 217 41.01 -3.96 -0.44
C PHE B 217 42.21 -3.15 -0.02
N ALA B 218 42.66 -2.31 -0.93
CA ALA B 218 43.77 -1.41 -0.69
C ALA B 218 43.55 -0.18 -1.54
N GLN B 219 43.89 0.97 -1.00
CA GLN B 219 43.58 2.22 -1.65
C GLN B 219 44.62 3.24 -1.26
N TYR B 220 45.02 4.05 -2.24
CA TYR B 220 45.91 5.17 -1.97
C TYR B 220 45.22 6.46 -2.40
N LYS B 221 45.28 7.46 -1.54
CA LYS B 221 44.58 8.72 -1.78
C LYS B 221 45.62 9.82 -1.87
N TYR B 222 45.58 10.59 -2.96
CA TYR B 222 46.50 11.69 -3.19
C TYR B 222 45.72 13.00 -3.20
N MET B 223 46.08 13.89 -2.28
CA MET B 223 45.34 15.13 -2.06
C MET B 223 46.29 16.30 -2.17
N GLU B 224 46.02 17.19 -3.10
CA GLU B 224 46.79 18.40 -3.24
C GLU B 224 45.85 19.58 -3.04
N ALA B 225 46.43 20.74 -2.76
CA ALA B 225 45.63 21.92 -2.54
C ALA B 225 46.48 23.14 -2.78
N ASP B 226 45.90 24.17 -3.41
CA ASP B 226 46.60 25.41 -3.70
C ASP B 226 45.72 26.59 -3.27
N ALA B 227 46.29 27.44 -2.43
CA ALA B 227 45.62 28.59 -1.83
C ALA B 227 45.85 29.87 -2.63
N SER B 228 45.00 30.87 -2.35
CA SER B 228 44.97 32.10 -3.14
C SER B 228 46.22 32.95 -2.95
N ASN B 229 46.86 32.89 -1.78
CA ASN B 229 48.08 33.66 -1.63
C ASN B 229 49.28 32.95 -2.24
N GLY B 230 49.07 31.84 -2.94
CA GLY B 230 50.17 31.13 -3.54
C GLY B 230 50.77 30.00 -2.73
N VAL B 231 50.20 29.67 -1.57
CA VAL B 231 50.72 28.54 -0.81
C VAL B 231 50.33 27.24 -1.52
N ASN B 232 51.13 26.21 -1.32
CA ASN B 232 50.80 24.87 -1.78
C ASN B 232 50.78 23.94 -0.58
N GLU B 233 49.84 22.99 -0.59
CA GLU B 233 49.77 21.98 0.45
C GLU B 233 49.54 20.64 -0.22
N LYS B 234 50.13 19.61 0.35
CA LYS B 234 49.99 18.27 -0.17
C LYS B 234 49.90 17.31 0.99
N GLN B 235 48.94 16.40 0.93
CA GLN B 235 48.87 15.31 1.88
C GLN B 235 48.37 14.10 1.11
N ASP B 236 48.79 12.92 1.56
CA ASP B 236 48.43 11.68 0.91
C ASP B 236 48.07 10.68 1.98
N ALA B 237 47.44 9.60 1.56
CA ALA B 237 46.91 8.68 2.55
C ALA B 237 46.68 7.33 1.89
N MET B 238 46.39 6.36 2.75
CA MET B 238 46.21 5.02 2.27
C MET B 238 45.28 4.29 3.23
N SER B 239 44.53 3.36 2.68
CA SER B 239 43.71 2.49 3.49
C SER B 239 43.67 1.11 2.90
N ALA B 240 43.66 0.12 3.79
CA ALA B 240 43.54 -1.27 3.38
C ALA B 240 42.89 -2.09 4.49
N GLY B 241 42.26 -3.17 4.08
CA GLY B 241 41.53 -4.04 4.96
C GLY B 241 41.56 -5.44 4.41
N LEU B 242 41.86 -6.39 5.30
CA LEU B 242 41.96 -7.79 4.97
C LEU B 242 40.89 -8.52 5.76
N MET B 243 40.16 -9.42 5.10
CA MET B 243 39.10 -10.11 5.79
C MET B 243 39.03 -11.56 5.32
N TYR B 244 38.83 -12.45 6.29
CA TYR B 244 38.59 -13.87 6.07
C TYR B 244 37.18 -14.21 6.54
N THR B 245 36.54 -15.09 5.78
CA THR B 245 35.13 -15.43 5.91
C THR B 245 35.01 -16.95 6.04
N THR B 246 34.52 -17.42 7.18
CA THR B 246 34.19 -18.83 7.41
C THR B 246 32.73 -18.92 7.76
N GLY B 247 31.99 -19.76 7.06
CA GLY B 247 30.60 -19.99 7.42
C GLY B 247 29.77 -18.71 7.43
N ASP B 248 29.21 -18.38 8.59
CA ASP B 248 28.45 -17.15 8.78
C ASP B 248 29.25 -16.08 9.53
N TRP B 249 30.57 -16.09 9.41
CA TRP B 249 31.42 -15.19 10.18
C TRP B 249 32.34 -14.47 9.20
N GLN B 250 32.73 -13.25 9.56
CA GLN B 250 33.73 -12.52 8.80
C GLN B 250 34.71 -11.96 9.81
N TYR B 251 35.99 -12.27 9.65
CA TYR B 251 37.00 -11.60 10.43
C TYR B 251 37.51 -10.45 9.61
N LYS B 252 37.76 -9.31 10.26
CA LYS B 252 38.22 -8.15 9.52
C LYS B 252 39.24 -7.39 10.33
N LEU B 253 40.24 -6.90 9.60
CA LEU B 253 41.35 -6.14 10.18
C LEU B 253 41.60 -4.98 9.25
N GLY B 254 41.59 -3.76 9.77
CA GLY B 254 41.70 -2.58 8.94
C GLY B 254 42.79 -1.63 9.42
N TYR B 255 43.45 -0.99 8.46
CA TYR B 255 44.43 0.06 8.73
C TYR B 255 44.32 1.16 7.70
N ALA B 256 44.37 2.40 8.16
CA ALA B 256 44.42 3.55 7.27
C ALA B 256 45.31 4.62 7.86
N ALA B 257 45.89 5.45 6.99
CA ALA B 257 46.76 6.48 7.50
C ALA B 257 46.87 7.66 6.54
N ASN B 258 46.65 8.86 7.06
CA ASN B 258 47.12 10.07 6.43
C ASN B 258 48.57 10.28 6.80
N PHE B 259 49.34 10.79 5.86
CA PHE B 259 50.75 11.02 6.14
C PHE B 259 50.97 12.48 6.51
N ASP B 260 52.20 12.79 6.89
CA ASP B 260 52.50 14.13 7.35
C ASP B 260 52.22 15.12 6.24
N LEU B 261 51.76 16.30 6.61
CA LEU B 261 51.41 17.26 5.59
C LEU B 261 52.65 18.01 5.14
N GLU B 262 52.72 18.27 3.85
CA GLU B 262 53.77 19.07 3.26
C GLU B 262 53.12 20.37 2.81
N ARG B 263 53.67 21.48 3.28
CA ARG B 263 53.23 22.81 2.90
C ARG B 263 54.38 23.57 2.28
N ASP B 264 54.23 23.92 1.01
CA ASP B 264 55.23 24.69 0.29
C ASP B 264 56.56 23.94 0.28
N GLY B 265 56.50 22.62 0.07
CA GLY B 265 57.70 21.81 0.04
C GLY B 265 58.22 21.38 1.40
N LYS B 266 58.06 22.23 2.42
CA LYS B 266 58.46 21.88 3.79
C LYS B 266 57.43 20.96 4.41
N THR B 267 57.89 19.91 5.03
CA THR B 267 56.97 19.02 5.73
C THR B 267 56.70 19.56 7.12
N LEU B 268 55.46 19.41 7.58
CA LEU B 268 55.05 19.89 8.88
C LEU B 268 55.03 18.73 9.85
N SER B 269 55.76 18.87 10.94
CA SER B 269 56.12 17.73 11.79
C SER B 269 54.93 17.16 12.53
N ASN B 270 54.93 15.84 12.65
CA ASN B 270 53.90 15.08 13.35
C ASN B 270 52.51 15.58 13.00
N THR B 271 52.14 15.36 11.74
CA THR B 271 50.81 15.67 11.24
C THR B 271 50.16 14.45 10.61
N SER B 272 50.70 13.26 10.83
CA SER B 272 50.09 12.10 10.23
C SER B 272 49.06 11.55 11.19
N ASP B 273 48.17 10.74 10.64
CA ASP B 273 47.17 10.01 11.40
C ASP B 273 47.20 8.59 10.93
N ASP B 274 46.98 7.68 11.85
CA ASP B 274 46.90 6.28 11.47
C ASP B 274 45.95 5.62 12.44
N VAL B 275 45.11 4.75 11.91
CA VAL B 275 44.14 4.04 12.72
C VAL B 275 44.16 2.59 12.31
N VAL B 276 44.14 1.72 13.31
CA VAL B 276 44.07 0.28 13.11
C VAL B 276 42.85 -0.27 13.82
N SER B 277 42.26 -1.32 13.23
CA SER B 277 41.02 -1.83 13.77
C SER B 277 40.82 -3.30 13.44
N ALA B 278 40.10 -3.97 14.34
CA ALA B 278 39.68 -5.34 14.17
C ALA B 278 38.19 -5.46 14.51
N GLN B 279 37.50 -6.34 13.80
CA GLN B 279 36.08 -6.53 14.00
C GLN B 279 35.69 -7.94 13.64
N ILE B 280 34.78 -8.52 14.43
CA ILE B 280 34.14 -9.80 14.11
C ILE B 280 32.70 -9.51 13.75
N MET B 281 32.23 -10.14 12.67
CA MET B 281 30.90 -9.88 12.15
C MET B 281 30.17 -11.18 11.93
N TYR B 282 28.92 -11.23 12.36
CA TYR B 282 28.08 -12.41 12.28
C TYR B 282 26.90 -12.17 11.36
N PHE B 283 26.70 -13.06 10.39
CA PHE B 283 25.60 -12.91 9.42
C PHE B 283 24.35 -13.63 9.93
N VAL B 284 23.72 -13.00 10.92
CA VAL B 284 22.59 -13.60 11.60
C VAL B 284 21.35 -13.73 10.71
N ASP B 285 21.23 -12.92 9.67
CA ASP B 285 20.15 -13.07 8.70
C ASP B 285 20.61 -12.44 7.39
N PRO B 286 20.15 -12.94 6.24
CA PRO B 286 20.54 -12.33 4.95
C PRO B 286 20.47 -10.83 4.92
N SER B 287 19.56 -10.26 5.69
CA SER B 287 19.34 -8.83 5.73
C SER B 287 19.94 -8.18 6.98
N ALA B 288 20.71 -8.93 7.78
CA ALA B 288 21.22 -8.33 9.03
C ALA B 288 22.51 -8.99 9.51
N VAL B 289 23.24 -8.25 10.34
CA VAL B 289 24.51 -8.69 10.91
C VAL B 289 24.68 -8.22 12.34
N LEU B 290 25.43 -9.00 13.11
CA LEU B 290 25.92 -8.59 14.42
C LEU B 290 27.42 -8.40 14.30
N TYR B 291 27.95 -7.42 15.01
CA TYR B 291 29.38 -7.21 14.88
C TYR B 291 29.94 -6.60 16.14
N ALA B 292 31.18 -6.96 16.44
CA ALA B 292 31.97 -6.31 17.48
C ALA B 292 33.27 -5.82 16.87
N ARG B 293 33.76 -4.70 17.37
CA ARG B 293 34.91 -4.05 16.78
C ARG B 293 35.62 -3.21 17.81
N ALA B 294 36.94 -3.18 17.72
CA ALA B 294 37.76 -2.29 18.53
C ALA B 294 38.81 -1.65 17.63
N ARG B 295 39.15 -0.40 17.94
CA ARG B 295 40.02 0.37 17.08
C ARG B 295 40.83 1.37 17.90
N MET B 296 41.97 1.78 17.32
CA MET B 296 42.94 2.67 17.95
C MET B 296 43.29 3.80 16.99
N ASN B 297 43.09 5.04 17.42
CA ASN B 297 43.37 6.21 16.62
C ASN B 297 44.53 6.98 17.23
N ASP B 298 45.60 7.20 16.47
CA ASP B 298 46.60 8.17 16.87
C ASP B 298 46.54 9.30 15.86
N PHE B 299 46.24 10.50 16.34
CA PHE B 299 45.97 11.66 15.51
C PHE B 299 47.14 12.63 15.59
N ASN B 300 47.13 13.61 14.69
CA ASN B 300 48.18 14.60 14.55
C ASN B 300 48.26 15.48 15.81
N GLU B 301 49.35 16.26 15.90
CA GLU B 301 49.58 17.13 17.04
C GLU B 301 49.28 18.60 16.76
N GLY B 302 48.62 18.92 15.66
CA GLY B 302 48.15 20.28 15.48
C GLY B 302 48.71 20.99 14.27
N LEU B 303 48.00 21.98 13.77
CA LEU B 303 48.43 22.70 12.58
C LEU B 303 47.79 24.08 12.57
N ASP B 304 48.61 25.12 12.56
CA ASP B 304 48.03 26.42 12.35
C ASP B 304 47.75 26.53 10.86
N GLY B 305 46.53 26.89 10.51
CA GLY B 305 46.17 27.16 9.13
C GLY B 305 46.73 28.49 8.68
N LEU B 306 46.51 28.78 7.41
CA LEU B 306 47.04 30.01 6.83
C LEU B 306 46.51 31.29 7.44
N ASP B 307 45.76 31.22 8.56
CA ASP B 307 45.33 32.44 9.23
C ASP B 307 45.97 32.62 10.59
N ASP B 308 47.05 31.88 10.86
CA ASP B 308 47.70 31.89 12.17
C ASP B 308 46.81 31.31 13.26
N ALA B 309 45.59 30.93 12.90
CA ALA B 309 44.67 30.27 13.82
C ALA B 309 44.73 28.78 13.55
N ALA B 310 44.40 28.00 14.58
CA ALA B 310 44.44 26.56 14.44
C ALA B 310 43.54 26.10 13.29
N ARG B 311 43.79 24.90 12.83
CA ARG B 311 42.95 24.27 11.84
C ARG B 311 42.35 23.02 12.43
N TRP B 312 41.07 22.81 12.20
CA TRP B 312 40.40 21.66 12.79
C TRP B 312 40.72 20.40 12.00
N THR B 313 41.01 19.32 12.73
CA THR B 313 41.17 17.99 12.19
C THR B 313 40.42 16.99 13.06
N SER B 314 40.25 15.78 12.53
CA SER B 314 39.64 14.71 13.29
C SER B 314 40.33 14.52 14.62
N GLY B 315 41.57 14.97 14.73
CA GLY B 315 42.33 14.90 15.96
C GLY B 315 42.22 16.10 16.86
N THR B 316 41.44 17.13 16.50
CA THR B 316 41.27 18.28 17.38
C THR B 316 40.57 17.88 18.68
N ASN B 317 39.97 16.69 18.72
CA ASN B 317 39.42 16.12 19.93
C ASN B 317 40.39 15.20 20.66
N GLY B 318 41.44 14.72 20.02
CA GLY B 318 42.46 13.93 20.70
C GLY B 318 42.39 12.44 20.36
N ASP B 319 43.49 11.74 20.67
CA ASP B 319 43.58 10.30 20.43
C ASP B 319 42.54 9.56 21.27
N TYR B 320 42.10 8.40 20.77
CA TYR B 320 41.13 7.60 21.51
C TYR B 320 41.03 6.21 20.89
N ASN B 321 40.51 5.27 21.68
CA ASN B 321 40.16 3.92 21.24
C ASN B 321 38.67 3.70 21.46
N GLU B 322 38.13 2.66 20.85
CA GLU B 322 36.70 2.42 20.99
C GLU B 322 36.41 0.95 20.78
N TYR B 323 35.62 0.39 21.71
CA TYR B 323 35.17 -0.99 21.64
C TYR B 323 33.66 -0.96 21.47
N SER B 324 33.14 -1.80 20.57
CA SER B 324 31.73 -1.65 20.25
C SER B 324 31.14 -2.89 19.62
N VAL B 325 29.87 -3.11 19.92
CA VAL B 325 29.04 -4.04 19.18
C VAL B 325 27.90 -3.23 18.62
N GLY B 326 27.34 -3.73 17.54
CA GLY B 326 26.25 -3.04 16.89
C GLY B 326 25.40 -4.02 16.12
N VAL B 327 24.32 -3.50 15.56
CA VAL B 327 23.44 -4.27 14.70
C VAL B 327 23.16 -3.48 13.42
N GLU B 328 22.86 -4.20 12.35
CA GLU B 328 22.56 -3.60 11.05
C GLU B 328 21.50 -4.43 10.32
N TYR B 329 20.35 -3.81 9.99
CA TYR B 329 19.22 -4.50 9.39
C TYR B 329 18.71 -3.74 8.14
N TYR B 330 18.26 -4.49 7.12
CA TYR B 330 17.93 -3.89 5.84
C TYR B 330 16.43 -3.97 5.49
N PHE B 331 15.87 -2.79 5.14
CA PHE B 331 14.49 -2.44 4.64
C PHE B 331 13.33 -2.53 5.62
N GLU C 1 2.73 -4.82 -9.11
CA GLU C 1 1.82 -3.70 -9.36
C GLU C 1 0.45 -4.21 -9.78
N VAL C 2 -0.57 -3.52 -9.32
CA VAL C 2 -1.95 -3.79 -9.72
C VAL C 2 -2.35 -2.77 -10.77
N TYR C 3 -3.10 -3.23 -11.75
CA TYR C 3 -3.51 -2.32 -12.79
C TYR C 3 -4.91 -2.73 -13.17
N GLY C 4 -5.76 -1.73 -13.38
CA GLY C 4 -7.11 -1.96 -13.81
C GLY C 4 -7.47 -1.18 -15.06
N ILE C 5 -8.49 -1.68 -15.74
CA ILE C 5 -9.23 -0.91 -16.71
C ILE C 5 -10.66 -0.95 -16.24
N ILE C 6 -11.16 0.20 -15.79
CA ILE C 6 -12.56 0.33 -15.39
C ILE C 6 -13.38 0.67 -16.62
N ALA C 7 -14.47 -0.05 -16.85
CA ALA C 7 -15.15 0.04 -18.14
C ALA C 7 -16.62 -0.29 -17.98
N MET C 8 -17.46 0.73 -18.01
CA MET C 8 -18.90 0.58 -17.90
C MET C 8 -19.54 1.18 -19.12
N GLN C 9 -20.46 0.44 -19.72
CA GLN C 9 -21.19 0.90 -20.88
C GLN C 9 -22.64 0.52 -20.67
N ALA C 10 -23.52 1.52 -20.70
CA ALA C 10 -24.96 1.32 -20.64
C ALA C 10 -25.49 1.29 -22.06
N ALA C 11 -26.21 0.23 -22.41
CA ALA C 11 -26.47 -0.01 -23.82
C ALA C 11 -27.83 -0.66 -24.02
N TYR C 12 -28.69 0.06 -24.76
CA TYR C 12 -29.99 -0.43 -25.23
C TYR C 12 -29.86 -1.03 -26.62
N ARG C 13 -30.42 -2.22 -26.81
CA ARG C 13 -30.36 -2.94 -28.09
C ARG C 13 -31.77 -3.21 -28.58
N ASP C 14 -32.02 -2.92 -29.86
CA ASP C 14 -33.32 -3.17 -30.50
C ASP C 14 -33.10 -4.23 -31.57
N TYR C 15 -33.53 -5.45 -31.28
CA TYR C 15 -33.34 -6.56 -32.17
C TYR C 15 -34.52 -6.71 -33.11
N ASP C 16 -34.24 -7.09 -34.35
CA ASP C 16 -35.26 -7.57 -35.27
C ASP C 16 -34.83 -8.94 -35.77
N SER C 17 -35.40 -9.98 -35.18
CA SER C 17 -35.07 -11.34 -35.53
C SER C 17 -36.15 -12.01 -36.35
N GLY C 18 -37.37 -11.50 -36.32
CA GLY C 18 -38.48 -12.18 -36.93
C GLY C 18 -39.34 -12.92 -35.94
N ASP C 19 -38.86 -13.05 -34.71
CA ASP C 19 -39.63 -13.62 -33.62
C ASP C 19 -39.64 -12.58 -32.53
N ALA C 20 -40.83 -12.11 -32.17
CA ALA C 20 -40.94 -10.99 -31.23
C ALA C 20 -40.60 -11.42 -29.82
N LYS C 21 -40.92 -12.67 -29.44
CA LYS C 21 -40.48 -13.18 -28.16
C LYS C 21 -38.97 -13.15 -28.06
N GLN C 22 -38.29 -13.73 -29.05
CA GLN C 22 -36.83 -13.66 -29.10
C GLN C 22 -36.34 -12.22 -29.10
N ASP C 23 -37.01 -11.36 -29.86
CA ASP C 23 -36.61 -9.95 -29.91
C ASP C 23 -36.65 -9.32 -28.52
N ASP C 24 -37.71 -9.58 -27.75
CA ASP C 24 -37.83 -8.95 -26.44
C ASP C 24 -36.84 -9.55 -25.45
N ASN C 25 -36.57 -10.84 -25.58
CA ASN C 25 -35.55 -11.46 -24.75
C ASN C 25 -34.21 -10.79 -25.05
N LEU C 26 -33.71 -11.01 -26.27
CA LEU C 26 -32.38 -10.57 -26.68
C LEU C 26 -32.21 -9.07 -26.59
N GLY C 27 -33.27 -8.32 -26.84
CA GLY C 27 -33.22 -6.88 -26.82
C GLY C 27 -33.45 -6.31 -25.44
N GLY C 28 -33.49 -4.99 -25.38
CA GLY C 28 -33.63 -4.26 -24.14
C GLY C 28 -32.34 -3.58 -23.73
N MET C 29 -32.41 -2.95 -22.56
CA MET C 29 -31.28 -2.21 -22.02
C MET C 29 -30.46 -3.11 -21.12
N GLN C 30 -29.15 -2.92 -21.12
CA GLN C 30 -28.27 -3.68 -20.24
C GLN C 30 -27.02 -2.88 -19.90
N LEU C 31 -26.31 -3.36 -18.88
CA LEU C 31 -25.01 -2.84 -18.48
C LEU C 31 -23.94 -3.83 -18.88
N ASN C 32 -22.96 -3.37 -19.67
CA ASN C 32 -21.83 -4.17 -20.10
C ASN C 32 -20.61 -3.69 -19.32
N ASN C 33 -20.34 -4.35 -18.21
CA ASN C 33 -19.18 -4.02 -17.42
C ASN C 33 -18.02 -4.80 -17.98
N GLU C 34 -17.08 -4.09 -18.60
CA GLU C 34 -15.85 -4.70 -19.07
C GLU C 34 -14.66 -4.32 -18.20
N SER C 35 -14.91 -3.86 -16.99
CA SER C 35 -13.81 -3.55 -16.11
C SER C 35 -13.07 -4.81 -15.74
N ARG C 36 -11.77 -4.66 -15.49
CA ARG C 36 -10.92 -5.81 -15.23
C ARG C 36 -9.76 -5.38 -14.36
N ILE C 37 -9.28 -6.29 -13.52
CA ILE C 37 -8.07 -6.03 -12.76
C ILE C 37 -7.05 -7.12 -13.05
N GLY C 38 -5.80 -6.70 -13.13
CA GLY C 38 -4.72 -7.59 -13.45
C GLY C 38 -3.50 -7.22 -12.64
N PHE C 39 -2.50 -8.09 -12.75
CA PHE C 39 -1.23 -7.88 -12.11
C PHE C 39 -0.12 -8.16 -13.10
N ARG C 40 0.90 -7.33 -13.05
CA ARG C 40 2.02 -7.50 -13.96
C ARG C 40 3.29 -7.04 -13.27
N GLY C 41 4.42 -7.50 -13.78
CA GLY C 41 5.70 -7.08 -13.23
C GLY C 41 6.84 -7.48 -14.14
N LYS C 42 7.98 -6.88 -13.86
CA LYS C 42 9.24 -7.28 -14.48
C LYS C 42 10.17 -7.63 -13.35
N LYS C 43 11.21 -8.41 -13.64
CA LYS C 43 12.19 -8.79 -12.63
C LYS C 43 13.52 -9.05 -13.30
N GLN C 44 14.57 -8.38 -12.81
CA GLN C 44 15.91 -8.58 -13.36
C GLN C 44 16.56 -9.78 -12.68
N PHE C 45 16.65 -10.88 -13.40
CA PHE C 45 17.31 -12.07 -12.89
C PHE C 45 18.81 -11.83 -12.69
N ALA C 46 19.33 -12.32 -11.57
CA ALA C 46 20.71 -12.04 -11.20
C ALA C 46 21.67 -12.57 -12.25
N ASN C 47 21.27 -13.60 -12.98
CA ASN C 47 22.10 -14.18 -14.02
C ASN C 47 21.46 -14.15 -15.41
N PHE C 48 20.94 -13.01 -15.83
CA PHE C 48 20.27 -13.00 -17.13
C PHE C 48 19.97 -11.59 -17.60
N GLU C 49 20.61 -11.18 -18.69
CA GLU C 49 20.40 -9.83 -19.20
C GLU C 49 18.95 -9.64 -19.60
N PRO C 50 18.30 -10.57 -20.32
CA PRO C 50 16.88 -10.38 -20.62
C PRO C 50 16.10 -10.23 -19.34
N THR C 51 15.23 -9.22 -19.30
CA THR C 51 14.45 -8.95 -18.12
C THR C 51 13.22 -9.84 -18.09
N PHE C 52 13.02 -10.53 -16.98
CA PHE C 52 11.87 -11.40 -16.87
C PHE C 52 10.63 -10.55 -16.74
N ILE C 53 9.60 -10.90 -17.48
CA ILE C 53 8.35 -10.18 -17.43
C ILE C 53 7.25 -11.21 -17.25
N TRP C 54 6.16 -10.78 -16.63
CA TRP C 54 5.04 -11.65 -16.33
C TRP C 54 3.81 -10.79 -16.17
N GLN C 55 2.65 -11.34 -16.49
CA GLN C 55 1.41 -10.60 -16.30
C GLN C 55 0.24 -11.57 -16.14
N ILE C 56 -0.67 -11.24 -15.23
CA ILE C 56 -1.93 -11.95 -15.08
C ILE C 56 -3.06 -10.93 -15.10
N GLU C 57 -3.84 -10.91 -16.17
CA GLU C 57 -4.96 -9.99 -16.32
C GLU C 57 -6.24 -10.79 -16.27
N GLY C 58 -7.08 -10.49 -15.30
CA GLY C 58 -8.38 -11.14 -15.18
C GLY C 58 -9.35 -10.69 -16.26
N GLY C 59 -10.50 -11.35 -16.29
CA GLY C 59 -11.48 -11.10 -17.32
C GLY C 59 -12.43 -9.94 -17.03
N TYR C 60 -13.37 -9.76 -17.95
CA TYR C 60 -14.43 -8.77 -17.78
C TYR C 60 -15.26 -9.13 -16.57
N VAL C 61 -15.51 -8.14 -15.71
CA VAL C 61 -16.12 -8.40 -14.42
C VAL C 61 -17.59 -8.81 -14.59
N ASP C 62 -18.39 -7.97 -15.24
CA ASP C 62 -19.74 -8.35 -15.61
C ASP C 62 -20.03 -7.85 -17.00
N PRO C 63 -19.65 -8.62 -18.01
CA PRO C 63 -20.09 -8.34 -19.36
C PRO C 63 -21.61 -8.40 -19.44
N SER C 64 -22.14 -7.74 -20.46
CA SER C 64 -23.55 -7.91 -20.80
C SER C 64 -23.81 -9.34 -21.29
N PHE C 65 -25.07 -9.73 -21.34
CA PHE C 65 -25.47 -11.06 -21.78
C PHE C 65 -24.82 -12.19 -21.00
N GLY C 66 -24.19 -11.87 -19.86
CA GLY C 66 -23.44 -12.84 -19.09
C GLY C 66 -23.52 -12.58 -17.60
N GLY C 67 -23.08 -13.58 -16.85
CA GLY C 67 -23.08 -13.51 -15.41
C GLY C 67 -21.90 -12.74 -14.85
N GLU C 68 -21.89 -12.63 -13.53
CA GLU C 68 -20.88 -11.87 -12.79
C GLU C 68 -19.65 -12.71 -12.52
N GLY C 69 -18.59 -12.06 -12.07
CA GLY C 69 -17.40 -12.78 -11.68
C GLY C 69 -16.54 -13.20 -12.86
N ALA C 70 -15.23 -12.99 -12.70
CA ALA C 70 -14.27 -13.46 -13.68
C ALA C 70 -13.01 -13.86 -12.92
N GLY C 71 -12.41 -14.98 -13.32
CA GLY C 71 -11.18 -15.42 -12.72
C GLY C 71 -10.00 -14.54 -13.13
N LEU C 72 -8.83 -14.93 -12.66
CA LEU C 72 -7.59 -14.25 -13.02
C LEU C 72 -6.96 -15.00 -14.17
N GLY C 73 -6.36 -14.24 -15.07
CA GLY C 73 -5.80 -14.89 -16.24
C GLY C 73 -6.79 -15.21 -17.34
N GLU C 74 -7.95 -14.55 -17.38
CA GLU C 74 -8.83 -14.75 -18.51
C GLU C 74 -8.40 -13.90 -19.68
N ARG C 75 -7.66 -12.82 -19.44
CA ARG C 75 -7.11 -12.04 -20.53
C ARG C 75 -5.59 -12.23 -20.53
N ASP C 76 -4.86 -11.30 -21.13
CA ASP C 76 -3.44 -11.54 -21.44
C ASP C 76 -2.65 -11.99 -20.23
N THR C 77 -2.26 -13.27 -20.20
CA THR C 77 -1.55 -13.87 -19.07
C THR C 77 -0.36 -14.66 -19.60
N PHE C 78 0.83 -14.32 -19.10
CA PHE C 78 2.06 -14.79 -19.72
C PHE C 78 3.26 -14.52 -18.81
N VAL C 79 4.37 -15.16 -19.18
CA VAL C 79 5.71 -14.86 -18.73
C VAL C 79 6.54 -14.65 -19.99
N GLY C 80 7.64 -13.93 -19.85
CA GLY C 80 8.45 -13.70 -21.03
C GLY C 80 9.70 -12.94 -20.67
N PHE C 81 10.45 -12.61 -21.72
CA PHE C 81 11.74 -11.95 -21.60
C PHE C 81 11.81 -10.78 -22.57
N GLU C 82 12.66 -9.82 -22.24
CA GLU C 82 12.79 -8.67 -23.11
C GLU C 82 14.22 -8.13 -23.07
N SER C 83 14.79 -7.92 -24.24
CA SER C 83 16.03 -7.19 -24.38
C SER C 83 15.79 -6.11 -25.42
N ALA C 84 16.38 -4.94 -25.21
CA ALA C 84 16.13 -3.81 -26.11
C ALA C 84 16.61 -4.09 -27.54
N SER C 85 17.68 -4.87 -27.70
CA SER C 85 18.18 -5.18 -29.04
C SER C 85 17.14 -5.94 -29.85
N TRP C 86 16.68 -7.08 -29.33
CA TRP C 86 15.86 -8.01 -30.10
C TRP C 86 14.39 -8.05 -29.67
N GLY C 87 13.97 -7.19 -28.75
CA GLY C 87 12.55 -7.08 -28.49
C GLY C 87 12.00 -7.76 -27.25
N GLN C 88 11.08 -8.72 -27.45
CA GLN C 88 10.34 -9.31 -26.33
C GLN C 88 9.60 -10.60 -26.73
N VAL C 89 9.95 -11.71 -26.10
CA VAL C 89 9.28 -12.98 -26.31
C VAL C 89 8.33 -13.25 -25.16
N ARG C 90 7.16 -13.76 -25.47
CA ARG C 90 6.16 -14.10 -24.47
C ARG C 90 5.64 -15.50 -24.71
N LEU C 91 5.31 -16.18 -23.61
CA LEU C 91 4.70 -17.50 -23.65
C LEU C 91 3.47 -17.46 -22.78
N GLY C 92 2.37 -17.99 -23.29
CA GLY C 92 1.17 -18.06 -22.49
C GLY C 92 -0.07 -17.74 -23.27
N ARG C 93 -0.86 -16.77 -22.79
CA ARG C 93 -2.12 -16.37 -23.41
C ARG C 93 -2.01 -14.91 -23.86
N VAL C 94 -1.95 -14.71 -25.19
CA VAL C 94 -1.80 -13.37 -25.75
C VAL C 94 -2.71 -13.17 -26.95
N LEU C 95 -2.54 -12.03 -27.63
CA LEU C 95 -3.24 -11.74 -28.87
C LEU C 95 -2.37 -12.14 -30.06
N THR C 96 -2.94 -12.89 -31.01
CA THR C 96 -2.15 -13.25 -32.17
C THR C 96 -1.81 -11.97 -32.92
N PRO C 97 -0.78 -11.97 -33.77
CA PRO C 97 -0.40 -10.71 -34.42
C PRO C 97 -1.51 -10.15 -35.28
N MET C 98 -2.32 -11.02 -35.90
CA MET C 98 -3.39 -10.47 -36.72
C MET C 98 -4.52 -9.98 -35.87
N TYR C 99 -4.87 -10.72 -34.83
CA TYR C 99 -6.04 -10.29 -34.08
C TYR C 99 -5.86 -8.90 -33.52
N GLU C 100 -4.63 -8.53 -33.13
CA GLU C 100 -4.41 -7.18 -32.63
C GLU C 100 -4.93 -6.16 -33.62
N LEU C 101 -4.54 -6.31 -34.89
CA LEU C 101 -4.95 -5.36 -35.91
C LEU C 101 -6.42 -5.49 -36.25
N VAL C 102 -7.01 -6.66 -36.02
CA VAL C 102 -8.43 -6.80 -36.26
C VAL C 102 -9.20 -6.04 -35.19
N ASP C 103 -8.72 -6.11 -33.96
CA ASP C 103 -9.38 -5.41 -32.87
C ASP C 103 -9.16 -3.92 -32.97
N TRP C 104 -7.91 -3.51 -32.97
CA TRP C 104 -7.62 -2.10 -33.04
C TRP C 104 -6.83 -1.81 -34.29
N PRO C 105 -7.26 -0.84 -35.10
CA PRO C 105 -8.40 0.00 -34.72
C PRO C 105 -9.65 -0.48 -35.42
N ALA C 106 -9.52 -1.65 -36.03
CA ALA C 106 -10.45 -2.16 -37.03
C ALA C 106 -11.81 -2.56 -36.45
N SER C 107 -11.94 -2.74 -35.13
CA SER C 107 -13.23 -3.10 -34.57
C SER C 107 -13.87 -1.97 -33.79
N ASN C 108 -13.20 -0.86 -33.62
CA ASN C 108 -13.77 0.20 -32.80
C ASN C 108 -14.26 1.34 -33.68
N PRO C 109 -15.41 1.99 -33.41
CA PRO C 109 -16.35 1.93 -32.30
C PRO C 109 -17.49 0.94 -32.46
N GLY C 110 -17.31 -0.28 -31.98
CA GLY C 110 -18.41 -1.21 -31.97
C GLY C 110 -18.65 -1.97 -33.25
N LEU C 111 -17.66 -2.07 -34.12
CA LEU C 111 -17.86 -2.80 -35.36
C LEU C 111 -17.56 -4.27 -35.16
N GLY C 112 -17.15 -4.64 -33.95
CA GLY C 112 -16.64 -5.97 -33.70
C GLY C 112 -17.59 -7.08 -34.14
N ASP C 113 -18.89 -6.91 -33.90
CA ASP C 113 -19.81 -7.99 -34.25
C ASP C 113 -19.60 -8.53 -35.65
N VAL C 114 -19.03 -7.74 -36.56
CA VAL C 114 -18.91 -8.13 -37.94
C VAL C 114 -17.45 -8.32 -38.35
N TYR C 115 -16.55 -7.45 -37.88
CA TYR C 115 -15.15 -7.55 -38.32
C TYR C 115 -14.34 -8.42 -37.38
N ASP C 116 -14.72 -8.52 -36.11
CA ASP C 116 -14.02 -9.33 -35.12
C ASP C 116 -14.46 -10.79 -35.31
N TRP C 117 -15.64 -11.18 -34.83
CA TRP C 117 -16.13 -12.55 -35.05
C TRP C 117 -17.18 -12.67 -36.14
N GLY C 118 -17.63 -11.58 -36.73
CA GLY C 118 -18.61 -11.63 -37.80
C GLY C 118 -18.17 -12.37 -39.04
N GLY C 119 -18.20 -13.69 -39.00
CA GLY C 119 -17.78 -14.48 -40.14
C GLY C 119 -18.86 -15.42 -40.64
N ALA C 120 -18.78 -15.74 -41.93
CA ALA C 120 -19.60 -16.75 -42.55
C ALA C 120 -18.79 -17.94 -43.00
N ILE C 121 -17.46 -17.83 -43.00
CA ILE C 121 -16.58 -18.88 -43.48
C ILE C 121 -16.51 -20.01 -42.46
N GLY C 122 -16.15 -21.19 -42.97
CA GLY C 122 -15.92 -22.36 -42.16
C GLY C 122 -14.51 -22.41 -41.59
N GLY C 123 -14.23 -23.50 -40.90
CA GLY C 123 -12.91 -23.63 -40.31
C GLY C 123 -12.76 -22.66 -39.16
N ALA C 124 -11.69 -21.87 -39.20
CA ALA C 124 -11.38 -20.93 -38.13
C ALA C 124 -10.67 -19.75 -38.75
N LYS C 125 -11.40 -18.65 -38.98
CA LYS C 125 -10.83 -17.50 -39.68
C LYS C 125 -9.43 -17.20 -39.13
N TYR C 126 -9.34 -16.88 -37.85
CA TYR C 126 -8.07 -16.66 -37.16
C TYR C 126 -8.32 -16.88 -35.69
N GLN C 127 -7.37 -16.46 -34.87
CA GLN C 127 -7.49 -16.69 -33.44
C GLN C 127 -7.28 -15.36 -32.73
N ASP C 128 -8.09 -15.11 -31.69
CA ASP C 128 -8.02 -13.83 -31.00
C ASP C 128 -7.08 -13.89 -29.80
N ARG C 129 -7.47 -14.62 -28.77
CA ARG C 129 -6.66 -14.83 -27.58
C ARG C 129 -6.59 -16.34 -27.36
N GLN C 130 -5.38 -16.90 -27.49
CA GLN C 130 -5.13 -18.34 -27.38
C GLN C 130 -4.13 -18.60 -26.26
N SER C 131 -4.38 -19.64 -25.49
CA SER C 131 -3.66 -19.85 -24.25
C SER C 131 -2.33 -20.59 -24.40
N ASN C 132 -2.04 -21.17 -25.55
CA ASN C 132 -0.84 -22.00 -25.70
C ASN C 132 -0.06 -21.37 -26.82
N THR C 133 0.72 -20.34 -26.50
CA THR C 133 1.22 -19.48 -27.56
C THR C 133 2.60 -18.95 -27.24
N ILE C 134 3.46 -18.90 -28.23
CA ILE C 134 4.70 -18.14 -28.12
C ILE C 134 4.63 -16.99 -29.10
N ARG C 135 5.03 -15.81 -28.66
CA ARG C 135 4.93 -14.62 -29.50
C ARG C 135 6.14 -13.72 -29.27
N TRP C 136 6.84 -13.39 -30.35
CA TRP C 136 7.97 -12.46 -30.30
C TRP C 136 7.57 -11.16 -30.97
N ASP C 137 7.82 -10.03 -30.30
CA ASP C 137 7.66 -8.69 -30.85
C ASP C 137 9.02 -8.07 -31.12
N SER C 138 9.19 -7.54 -32.32
CA SER C 138 10.45 -6.94 -32.66
C SER C 138 10.49 -5.52 -32.13
N PRO C 139 11.66 -4.95 -32.00
CA PRO C 139 11.75 -3.52 -31.66
C PRO C 139 11.21 -2.63 -32.75
N MET C 140 11.20 -1.34 -32.47
CA MET C 140 10.85 -0.35 -33.49
C MET C 140 12.14 -0.12 -34.26
N TYR C 141 12.36 -0.95 -35.28
CA TYR C 141 13.59 -0.86 -36.05
C TYR C 141 13.66 0.50 -36.73
N ALA C 142 14.79 1.18 -36.53
CA ALA C 142 14.98 2.55 -36.99
C ALA C 142 13.94 3.47 -36.38
N ASP C 143 13.28 3.02 -35.32
CA ASP C 143 12.15 3.72 -34.74
C ASP C 143 11.04 3.93 -35.77
N LYS C 144 10.94 3.01 -36.72
CA LYS C 144 9.91 3.07 -37.75
C LYS C 144 9.28 1.73 -38.07
N PHE C 145 9.99 0.61 -37.89
CA PHE C 145 9.57 -0.69 -38.41
C PHE C 145 9.52 -1.71 -37.28
N SER C 146 8.48 -2.54 -37.29
CA SER C 146 8.30 -3.52 -36.24
C SER C 146 7.64 -4.77 -36.81
N ILE C 147 8.07 -5.93 -36.31
CA ILE C 147 7.53 -7.23 -36.69
C ILE C 147 6.92 -7.89 -35.46
N ASP C 148 5.79 -8.51 -35.66
CA ASP C 148 5.10 -9.28 -34.63
C ASP C 148 4.90 -10.66 -35.24
N ALA C 149 5.19 -11.70 -34.48
CA ALA C 149 5.15 -13.04 -35.03
C ALA C 149 4.90 -14.03 -33.90
N ALA C 150 4.12 -15.07 -34.19
CA ALA C 150 3.69 -15.96 -33.12
C ALA C 150 3.27 -17.31 -33.66
N VAL C 151 3.49 -18.34 -32.85
CA VAL C 151 3.00 -19.68 -33.09
C VAL C 151 2.34 -20.16 -31.81
N GLY C 152 1.37 -21.06 -31.93
CA GLY C 152 0.71 -21.56 -30.73
C GLY C 152 -0.16 -22.77 -30.99
N ALA C 153 -0.65 -23.36 -29.91
CA ALA C 153 -1.51 -24.53 -30.02
C ALA C 153 -2.95 -24.13 -30.25
N GLY C 154 -3.71 -25.05 -30.82
CA GLY C 154 -5.09 -24.78 -31.19
C GLY C 154 -6.06 -24.75 -30.01
N ASP C 155 -7.33 -24.46 -30.35
CA ASP C 155 -8.34 -24.41 -29.30
C ASP C 155 -8.54 -25.79 -28.68
N LYS C 156 -8.80 -26.80 -29.51
CA LYS C 156 -9.05 -28.14 -28.97
C LYS C 156 -7.78 -28.77 -28.46
N ALA C 157 -6.65 -28.51 -29.12
CA ALA C 157 -5.38 -29.11 -28.73
C ALA C 157 -4.91 -28.64 -27.37
N GLY C 158 -5.39 -27.48 -26.91
CA GLY C 158 -5.02 -27.01 -25.60
C GLY C 158 -5.70 -27.73 -24.46
N LEU C 159 -6.67 -28.59 -24.77
CA LEU C 159 -7.34 -29.42 -23.77
C LEU C 159 -7.11 -30.89 -24.04
N GLY C 160 -6.13 -31.23 -24.88
CA GLY C 160 -5.86 -32.61 -25.22
C GLY C 160 -6.96 -33.29 -26.00
N ALA C 161 -7.76 -32.52 -26.75
CA ALA C 161 -8.81 -33.08 -27.57
C ALA C 161 -8.53 -33.01 -29.05
N GLY C 162 -7.39 -32.48 -29.46
CA GLY C 162 -7.16 -32.39 -30.88
C GLY C 162 -5.73 -32.01 -31.17
N ASP C 163 -5.48 -31.72 -32.45
CA ASP C 163 -4.14 -31.43 -32.92
C ASP C 163 -4.12 -30.18 -33.79
N ASP C 164 -5.05 -29.25 -33.56
CA ASP C 164 -4.96 -27.96 -34.22
C ASP C 164 -3.77 -27.17 -33.68
N TYR C 165 -3.21 -26.36 -34.57
CA TYR C 165 -2.09 -25.49 -34.28
C TYR C 165 -2.20 -24.31 -35.24
N TRP C 166 -1.35 -23.32 -35.05
CA TRP C 166 -1.52 -22.10 -35.81
C TRP C 166 -0.27 -21.25 -35.67
N GLY C 167 -0.04 -20.43 -36.67
CA GLY C 167 0.98 -19.41 -36.60
C GLY C 167 0.50 -18.20 -37.35
N GLY C 168 1.18 -17.10 -37.12
CA GLY C 168 0.74 -15.86 -37.70
C GLY C 168 1.84 -14.84 -37.55
N ILE C 169 1.78 -13.85 -38.41
CA ILE C 169 2.80 -12.82 -38.44
C ILE C 169 2.17 -11.55 -38.98
N ALA C 170 2.67 -10.42 -38.52
CA ALA C 170 2.23 -9.15 -39.04
C ALA C 170 3.37 -8.15 -38.90
N ALA C 171 3.36 -7.13 -39.74
CA ALA C 171 4.35 -6.07 -39.63
C ALA C 171 3.67 -4.71 -39.81
N HIS C 172 4.37 -3.67 -39.34
CA HIS C 172 3.87 -2.30 -39.35
C HIS C 172 5.01 -1.34 -39.67
N TYR C 173 4.84 -0.53 -40.71
CA TYR C 173 5.78 0.54 -41.00
C TYR C 173 5.08 1.87 -40.79
N LYS C 174 5.78 2.81 -40.15
CA LYS C 174 5.23 4.12 -39.80
C LYS C 174 5.97 5.18 -40.59
N LEU C 175 5.49 5.44 -41.81
CA LEU C 175 6.05 6.43 -42.73
C LEU C 175 5.52 7.80 -42.35
N GLY C 176 6.31 8.54 -41.57
CA GLY C 176 5.92 9.85 -41.12
C GLY C 176 4.57 9.84 -40.44
N PRO C 177 3.61 10.59 -41.00
CA PRO C 177 2.27 10.68 -40.38
C PRO C 177 1.41 9.43 -40.52
N LEU C 178 1.67 8.59 -41.50
CA LEU C 178 0.89 7.39 -41.76
C LEU C 178 1.47 6.18 -41.02
N GLN C 179 0.70 5.10 -40.97
CA GLN C 179 1.20 3.77 -40.61
C GLN C 179 0.59 2.69 -41.50
N LEU C 180 1.43 1.82 -42.05
CA LEU C 180 0.97 0.69 -42.84
C LEU C 180 1.00 -0.60 -42.03
N ASP C 181 -0.04 -1.42 -42.18
CA ASP C 181 -0.22 -2.66 -41.42
C ASP C 181 -0.48 -3.80 -42.40
N ALA C 182 0.27 -4.89 -42.26
CA ALA C 182 -0.04 -6.11 -43.00
C ALA C 182 -0.04 -7.28 -42.04
N ALA C 183 -0.83 -8.31 -42.35
CA ALA C 183 -0.91 -9.40 -41.39
C ALA C 183 -1.34 -10.69 -42.04
N TYR C 184 -0.83 -11.79 -41.50
CA TYR C 184 -1.19 -13.14 -41.92
C TYR C 184 -1.30 -14.04 -40.70
N GLU C 185 -2.18 -15.04 -40.80
CA GLU C 185 -2.25 -16.11 -39.80
C GLU C 185 -2.90 -17.33 -40.42
N GLY C 186 -2.26 -18.48 -40.26
CA GLY C 186 -2.77 -19.74 -40.78
C GLY C 186 -3.06 -20.75 -39.69
N ASN C 187 -4.19 -21.42 -39.81
CA ASN C 187 -4.61 -22.48 -38.89
C ASN C 187 -4.67 -23.81 -39.62
N ARG C 188 -4.34 -24.88 -38.92
CA ARG C 188 -4.33 -26.20 -39.53
C ARG C 188 -4.97 -27.19 -38.59
N ASN C 189 -5.36 -28.34 -39.14
CA ASN C 189 -5.94 -29.44 -38.38
C ASN C 189 -7.13 -28.96 -37.56
N ILE C 190 -7.96 -28.13 -38.18
CA ILE C 190 -9.18 -27.59 -37.57
C ILE C 190 -10.34 -28.53 -37.87
N GLU C 191 -10.85 -29.17 -36.82
CA GLU C 191 -11.93 -30.15 -36.97
C GLU C 191 -13.27 -29.42 -36.76
N ALA C 192 -14.14 -29.49 -37.77
CA ALA C 192 -15.40 -28.74 -37.73
C ALA C 192 -16.32 -29.24 -38.84
N GLU C 193 -17.63 -29.23 -38.56
CA GLU C 193 -18.66 -29.60 -39.53
C GLU C 193 -18.42 -30.97 -40.14
N GLY C 194 -17.71 -31.84 -39.41
CA GLY C 194 -17.42 -33.19 -39.85
C GLY C 194 -16.24 -33.35 -40.76
N GLN C 195 -15.44 -32.32 -40.99
CA GLN C 195 -14.28 -32.37 -41.85
C GLN C 195 -13.13 -31.68 -41.13
N THR C 196 -11.95 -31.70 -41.73
CA THR C 196 -10.77 -31.05 -41.16
C THR C 196 -10.41 -29.85 -42.01
N TRP C 197 -10.14 -28.73 -41.37
CA TRP C 197 -10.02 -27.46 -42.08
C TRP C 197 -8.60 -26.89 -41.98
N GLU C 198 -8.24 -26.13 -43.02
CA GLU C 198 -7.01 -25.35 -43.07
C GLU C 198 -7.42 -23.93 -43.45
N ASN C 199 -7.14 -22.97 -42.58
CA ASN C 199 -7.50 -21.57 -42.82
C ASN C 199 -6.26 -20.73 -43.08
N ASN C 200 -6.26 -20.01 -44.19
CA ASN C 200 -5.26 -18.96 -44.44
C ASN C 200 -5.99 -17.63 -44.57
N THR C 201 -5.44 -16.57 -43.95
CA THR C 201 -6.13 -15.29 -43.87
C THR C 201 -5.14 -14.15 -43.81
N TYR C 202 -5.36 -13.13 -44.65
CA TYR C 202 -4.42 -12.03 -44.83
C TYR C 202 -5.14 -10.70 -44.68
N LEU C 203 -4.45 -9.73 -44.08
CA LEU C 203 -4.99 -8.43 -43.74
C LEU C 203 -4.02 -7.34 -44.16
N VAL C 204 -4.55 -6.32 -44.82
CA VAL C 204 -3.79 -5.13 -45.20
C VAL C 204 -4.51 -3.92 -44.63
N GLY C 205 -3.74 -2.96 -44.15
CA GLY C 205 -4.40 -1.85 -43.50
C GLY C 205 -3.51 -0.64 -43.42
N VAL C 206 -4.14 0.48 -43.10
CA VAL C 206 -3.45 1.74 -43.03
C VAL C 206 -4.06 2.59 -41.93
N GLN C 207 -3.27 3.51 -41.39
CA GLN C 207 -3.70 4.37 -40.32
C GLN C 207 -2.94 5.69 -40.40
N GLY C 208 -3.64 6.79 -40.17
CA GLY C 208 -3.01 8.11 -40.19
C GLY C 208 -3.60 9.03 -39.15
N TRP C 209 -2.76 9.98 -38.70
CA TRP C 209 -3.18 10.99 -37.73
C TRP C 209 -2.57 12.31 -38.15
N PHE C 210 -3.42 13.26 -38.49
CA PHE C 210 -2.95 14.51 -39.05
C PHE C 210 -3.37 15.66 -38.14
N GLU C 211 -2.56 16.72 -38.17
CA GLU C 211 -2.74 17.84 -37.27
C GLU C 211 -4.09 18.51 -37.43
N ASN C 212 -4.69 18.46 -38.61
CA ASN C 212 -6.02 19.06 -38.73
C ASN C 212 -7.04 18.41 -37.80
N GLY C 213 -6.68 17.32 -37.11
CA GLY C 213 -7.59 16.65 -36.21
C GLY C 213 -8.23 15.41 -36.79
N ILE C 214 -8.06 15.16 -38.06
CA ILE C 214 -8.63 13.97 -38.69
C ILE C 214 -7.71 12.78 -38.50
N SER C 215 -8.31 11.62 -38.22
CA SER C 215 -7.61 10.36 -38.08
C SER C 215 -8.43 9.30 -38.80
N PHE C 216 -7.76 8.26 -39.26
CA PHE C 216 -8.50 7.30 -40.06
C PHE C 216 -7.79 5.96 -40.04
N PHE C 217 -8.55 4.94 -40.37
CA PHE C 217 -7.97 3.63 -40.53
C PHE C 217 -8.79 2.92 -41.58
N ALA C 218 -8.14 2.02 -42.30
CA ALA C 218 -8.84 1.25 -43.29
C ALA C 218 -8.14 -0.07 -43.48
N GLN C 219 -8.93 -1.14 -43.68
CA GLN C 219 -8.38 -2.47 -43.73
C GLN C 219 -9.15 -3.37 -44.66
N TYR C 220 -8.40 -4.21 -45.37
CA TYR C 220 -8.94 -5.25 -46.22
C TYR C 220 -8.50 -6.60 -45.68
N LYS C 221 -9.46 -7.50 -45.48
CA LYS C 221 -9.24 -8.80 -44.86
C LYS C 221 -9.63 -9.88 -45.86
N TYR C 222 -8.70 -10.75 -46.19
CA TYR C 222 -8.96 -11.80 -47.17
C TYR C 222 -8.85 -13.14 -46.49
N MET C 223 -9.95 -13.88 -46.50
CA MET C 223 -10.12 -15.09 -45.73
C MET C 223 -10.43 -16.24 -46.66
N GLU C 224 -9.58 -17.24 -46.62
CA GLU C 224 -9.75 -18.48 -47.36
C GLU C 224 -9.90 -19.62 -46.37
N ALA C 225 -10.48 -20.72 -46.85
CA ALA C 225 -10.65 -21.92 -46.04
C ALA C 225 -10.81 -23.09 -46.99
N ASP C 226 -10.13 -24.19 -46.67
CA ASP C 226 -10.14 -25.39 -47.48
C ASP C 226 -10.49 -26.56 -46.60
N ALA C 227 -11.50 -27.30 -46.99
CA ALA C 227 -12.01 -28.41 -46.21
C ALA C 227 -11.35 -29.70 -46.62
N SER C 228 -11.45 -30.71 -45.75
CA SER C 228 -10.78 -31.97 -45.98
C SER C 228 -11.38 -32.72 -47.15
N ASN C 229 -12.67 -32.55 -47.42
CA ASN C 229 -13.27 -33.21 -48.58
C ASN C 229 -12.96 -32.50 -49.87
N GLY C 230 -12.06 -31.53 -49.85
CA GLY C 230 -11.70 -30.81 -51.06
C GLY C 230 -12.53 -29.58 -51.33
N VAL C 231 -13.47 -29.24 -50.46
CA VAL C 231 -14.24 -28.05 -50.67
C VAL C 231 -13.34 -26.85 -50.41
N ASN C 232 -13.61 -25.75 -51.12
CA ASN C 232 -12.93 -24.50 -50.90
C ASN C 232 -13.95 -23.43 -50.55
N GLU C 233 -13.54 -22.50 -49.69
CA GLU C 233 -14.35 -21.37 -49.29
C GLU C 233 -13.49 -20.12 -49.25
N LYS C 234 -14.08 -19.00 -49.67
CA LYS C 234 -13.40 -17.70 -49.67
C LYS C 234 -14.42 -16.63 -49.31
N GLN C 235 -14.07 -15.78 -48.35
CA GLN C 235 -14.88 -14.62 -47.98
C GLN C 235 -13.93 -13.51 -47.57
N ASP C 236 -14.33 -12.27 -47.82
CA ASP C 236 -13.47 -11.14 -47.53
C ASP C 236 -14.31 -9.99 -46.97
N ALA C 237 -13.63 -9.01 -46.40
CA ALA C 237 -14.30 -8.01 -45.59
C ALA C 237 -13.42 -6.77 -45.53
N MET C 238 -13.95 -5.74 -44.91
CA MET C 238 -13.27 -4.47 -44.85
C MET C 238 -13.69 -3.74 -43.60
N SER C 239 -12.78 -2.90 -43.08
CA SER C 239 -13.21 -2.00 -42.03
C SER C 239 -12.45 -0.71 -42.17
N ALA C 240 -13.15 0.39 -41.96
CA ALA C 240 -12.48 1.67 -42.05
C ALA C 240 -13.21 2.63 -41.17
N GLY C 241 -12.48 3.64 -40.74
CA GLY C 241 -12.99 4.56 -39.76
C GLY C 241 -12.47 5.96 -39.92
N LEU C 242 -13.37 6.92 -39.79
CA LEU C 242 -13.07 8.33 -39.95
C LEU C 242 -13.36 9.02 -38.64
N MET C 243 -12.42 9.83 -38.18
CA MET C 243 -12.63 10.52 -36.92
C MET C 243 -11.97 11.90 -36.96
N TYR C 244 -12.66 12.87 -36.38
CA TYR C 244 -12.18 14.21 -36.17
C TYR C 244 -12.11 14.48 -34.67
N THR C 245 -11.04 15.10 -34.24
CA THR C 245 -10.78 15.33 -32.83
C THR C 245 -10.43 16.79 -32.66
N THR C 246 -11.32 17.52 -31.99
CA THR C 246 -11.09 18.92 -31.67
C THR C 246 -11.24 19.12 -30.17
N GLY C 247 -10.29 19.81 -29.58
CA GLY C 247 -10.38 20.13 -28.15
C GLY C 247 -10.43 18.88 -27.31
N ASP C 248 -11.47 18.70 -26.51
CA ASP C 248 -11.65 17.48 -25.73
C ASP C 248 -12.73 16.58 -26.31
N TRP C 249 -12.87 16.59 -27.62
CA TRP C 249 -13.91 15.86 -28.28
C TRP C 249 -13.34 15.04 -29.42
N GLN C 250 -13.93 13.87 -29.63
CA GLN C 250 -13.63 13.10 -30.82
C GLN C 250 -14.94 12.60 -31.39
N TYR C 251 -15.22 12.99 -32.63
CA TYR C 251 -16.31 12.38 -33.37
C TYR C 251 -15.72 11.25 -34.20
N LYS C 252 -16.46 10.16 -34.32
CA LYS C 252 -15.93 9.00 -35.00
C LYS C 252 -17.03 8.38 -35.83
N LEU C 253 -16.66 7.92 -37.00
CA LEU C 253 -17.57 7.32 -37.95
C LEU C 253 -16.91 6.05 -38.45
N GLY C 254 -17.56 4.93 -38.25
CA GLY C 254 -16.96 3.65 -38.59
C GLY C 254 -17.85 2.85 -39.49
N TYR C 255 -17.22 2.10 -40.40
CA TYR C 255 -17.96 1.20 -41.26
C TYR C 255 -17.17 -0.08 -41.40
N ALA C 256 -17.86 -1.21 -41.24
CA ALA C 256 -17.26 -2.50 -41.52
C ALA C 256 -18.28 -3.43 -42.14
N ALA C 257 -17.79 -4.30 -43.03
CA ALA C 257 -18.67 -5.23 -43.72
C ALA C 257 -17.86 -6.43 -44.18
N ASN C 258 -18.34 -7.61 -43.79
CA ASN C 258 -17.97 -8.86 -44.41
C ASN C 258 -18.83 -9.04 -45.66
N PHE C 259 -18.24 -9.58 -46.73
CA PHE C 259 -18.94 -9.73 -48.00
C PHE C 259 -19.43 -11.16 -48.21
N ASP C 260 -20.15 -11.36 -49.31
CA ASP C 260 -20.77 -12.65 -49.56
C ASP C 260 -19.72 -13.74 -49.68
N LEU C 261 -20.06 -14.91 -49.18
CA LEU C 261 -19.14 -16.02 -49.14
C LEU C 261 -19.24 -16.77 -50.45
N GLU C 262 -18.10 -17.24 -50.91
CA GLU C 262 -18.03 -18.12 -52.06
C GLU C 262 -17.59 -19.50 -51.58
N ARG C 263 -18.36 -20.51 -51.95
CA ARG C 263 -18.02 -21.89 -51.65
C ARG C 263 -17.88 -22.64 -52.96
N ASP C 264 -16.67 -23.14 -53.23
CA ASP C 264 -16.39 -23.93 -54.41
C ASP C 264 -16.74 -23.13 -55.67
N GLY C 265 -16.30 -21.88 -55.69
CA GLY C 265 -16.53 -20.98 -56.82
C GLY C 265 -17.88 -20.31 -56.87
N LYS C 266 -18.92 -21.04 -56.46
CA LYS C 266 -20.26 -20.50 -56.42
C LYS C 266 -20.39 -19.58 -55.20
N THR C 267 -21.09 -18.48 -55.40
CA THR C 267 -21.38 -17.50 -54.35
C THR C 267 -22.65 -17.90 -53.59
N LEU C 268 -22.67 -17.64 -52.28
CA LEU C 268 -23.83 -17.92 -51.43
C LEU C 268 -24.61 -16.63 -51.25
N SER C 269 -25.87 -16.62 -51.70
CA SER C 269 -26.60 -15.37 -51.84
C SER C 269 -26.98 -14.82 -50.48
N ASN C 270 -26.91 -13.50 -50.34
CA ASN C 270 -27.23 -12.83 -49.08
C ASN C 270 -26.59 -13.55 -47.88
N THR C 271 -25.26 -13.48 -47.85
CA THR C 271 -24.51 -13.96 -46.70
C THR C 271 -23.53 -12.91 -46.20
N SER C 272 -23.72 -11.66 -46.60
CA SER C 272 -22.88 -10.56 -46.15
C SER C 272 -23.49 -9.88 -44.91
N ASP C 273 -22.64 -9.12 -44.20
CA ASP C 273 -23.00 -8.32 -43.02
C ASP C 273 -22.45 -6.91 -43.19
N ASP C 274 -23.16 -5.91 -42.66
CA ASP C 274 -22.70 -4.54 -42.78
C ASP C 274 -22.99 -3.83 -41.48
N VAL C 275 -22.04 -3.01 -41.02
CA VAL C 275 -22.27 -2.24 -39.80
C VAL C 275 -21.81 -0.80 -40.02
N VAL C 276 -22.64 0.14 -39.60
CA VAL C 276 -22.28 1.54 -39.51
C VAL C 276 -22.55 1.96 -38.06
N SER C 277 -21.70 2.84 -37.54
CA SER C 277 -21.82 3.29 -36.16
C SER C 277 -21.20 4.66 -36.02
N ALA C 278 -21.73 5.45 -35.09
CA ALA C 278 -21.23 6.78 -34.82
C ALA C 278 -20.95 6.94 -33.34
N GLN C 279 -19.92 7.72 -33.04
CA GLN C 279 -19.46 7.85 -31.67
C GLN C 279 -18.94 9.25 -31.37
N ILE C 280 -19.38 9.80 -30.25
CA ILE C 280 -18.82 11.03 -29.71
C ILE C 280 -18.11 10.67 -28.43
N MET C 281 -16.93 11.25 -28.23
CA MET C 281 -16.13 10.92 -27.07
C MET C 281 -15.59 12.19 -26.41
N TYR C 282 -15.63 12.21 -25.08
CA TYR C 282 -15.18 13.34 -24.29
C TYR C 282 -13.96 12.94 -23.48
N PHE C 283 -12.91 13.76 -23.55
CA PHE C 283 -11.67 13.48 -22.82
C PHE C 283 -11.77 14.08 -21.42
N VAL C 284 -12.60 13.43 -20.61
CA VAL C 284 -12.97 13.99 -19.33
C VAL C 284 -11.78 14.09 -18.38
N ASP C 285 -10.76 13.28 -18.58
CA ASP C 285 -9.53 13.38 -17.81
C ASP C 285 -8.45 12.68 -18.61
N PRO C 286 -7.19 13.05 -18.44
CA PRO C 286 -6.13 12.28 -19.08
C PRO C 286 -6.26 10.79 -18.90
N SER C 287 -6.92 10.33 -17.84
CA SER C 287 -6.97 8.92 -17.52
C SER C 287 -8.30 8.23 -17.83
N ALA C 288 -9.31 8.94 -18.35
CA ALA C 288 -10.61 8.31 -18.63
C ALA C 288 -11.39 9.11 -19.67
N VAL C 289 -12.41 8.46 -20.25
CA VAL C 289 -13.28 9.07 -21.27
C VAL C 289 -14.74 8.64 -21.12
N LEU C 290 -15.62 9.53 -21.54
CA LEU C 290 -17.05 9.26 -21.69
C LEU C 290 -17.38 9.22 -23.17
N TYR C 291 -18.36 8.40 -23.53
CA TYR C 291 -18.74 8.23 -24.92
C TYR C 291 -20.19 7.84 -25.05
N ALA C 292 -20.80 8.26 -26.14
CA ALA C 292 -22.11 7.78 -26.55
C ALA C 292 -21.97 7.16 -27.95
N ARG C 293 -22.82 6.18 -28.24
CA ARG C 293 -22.58 5.39 -29.43
C ARG C 293 -23.89 4.83 -29.98
N ALA C 294 -24.02 4.87 -31.30
CA ALA C 294 -25.15 4.25 -31.95
C ALA C 294 -24.68 3.49 -33.18
N ARG C 295 -25.32 2.35 -33.43
CA ARG C 295 -24.87 1.40 -34.43
C ARG C 295 -26.05 0.76 -35.13
N MET C 296 -25.79 0.32 -36.37
CA MET C 296 -26.79 -0.33 -37.22
C MET C 296 -26.16 -1.60 -37.74
N ASN C 297 -26.74 -2.75 -37.39
CA ASN C 297 -26.21 -4.06 -37.77
C ASN C 297 -27.17 -4.70 -38.77
N ASP C 298 -26.67 -4.99 -39.97
CA ASP C 298 -27.42 -5.78 -40.95
C ASP C 298 -26.68 -7.09 -41.14
N PHE C 299 -27.31 -8.19 -40.75
CA PHE C 299 -26.63 -9.48 -40.68
C PHE C 299 -27.10 -10.41 -41.80
N ASN C 300 -26.37 -11.50 -41.95
CA ASN C 300 -26.65 -12.47 -42.99
C ASN C 300 -27.97 -13.19 -42.76
N GLU C 301 -28.43 -13.87 -43.83
CA GLU C 301 -29.65 -14.65 -43.82
C GLU C 301 -29.36 -16.14 -43.80
N GLY C 302 -28.11 -16.55 -43.60
CA GLY C 302 -27.77 -17.95 -43.37
C GLY C 302 -26.82 -18.65 -44.32
N LEU C 303 -26.22 -19.73 -43.83
CA LEU C 303 -25.27 -20.57 -44.58
C LEU C 303 -25.28 -21.94 -43.93
N ASP C 304 -25.51 -22.97 -44.72
CA ASP C 304 -25.33 -24.31 -44.21
C ASP C 304 -23.84 -24.61 -44.20
N GLY C 305 -23.35 -25.15 -43.08
CA GLY C 305 -21.98 -25.62 -43.04
C GLY C 305 -21.82 -26.88 -43.85
N LEU C 306 -20.60 -27.30 -43.98
CA LEU C 306 -20.40 -28.49 -44.77
C LEU C 306 -20.95 -29.72 -44.13
N ASP C 307 -21.79 -29.65 -43.09
CA ASP C 307 -22.33 -30.86 -42.46
C ASP C 307 -23.82 -31.02 -42.70
N ASP C 308 -24.35 -30.40 -43.75
CA ASP C 308 -25.79 -30.37 -44.05
C ASP C 308 -26.55 -29.59 -42.99
N ALA C 309 -25.86 -29.22 -41.91
CA ALA C 309 -26.40 -28.43 -40.82
C ALA C 309 -25.92 -26.99 -40.91
N ALA C 310 -26.71 -26.09 -40.31
CA ALA C 310 -26.40 -24.67 -40.28
C ALA C 310 -25.02 -24.41 -39.68
N ARG C 311 -24.51 -23.23 -39.95
CA ARG C 311 -23.27 -22.77 -39.34
C ARG C 311 -23.55 -21.47 -38.60
N TRP C 312 -22.99 -21.36 -37.41
CA TRP C 312 -23.24 -20.20 -36.56
C TRP C 312 -22.45 -18.99 -37.07
N THR C 313 -23.10 -17.83 -37.10
CA THR C 313 -22.45 -16.55 -37.37
C THR C 313 -22.95 -15.52 -36.36
N SER C 314 -22.25 -14.39 -36.25
CA SER C 314 -22.75 -13.34 -35.37
C SER C 314 -24.15 -12.92 -35.71
N GLY C 315 -24.56 -13.16 -36.95
CA GLY C 315 -25.89 -12.80 -37.36
C GLY C 315 -26.89 -13.88 -37.09
N THR C 316 -26.45 -15.00 -36.53
CA THR C 316 -27.39 -16.04 -36.22
C THR C 316 -28.38 -15.63 -35.14
N ASN C 317 -28.13 -14.54 -34.41
CA ASN C 317 -29.12 -14.10 -33.45
C ASN C 317 -30.08 -13.09 -34.05
N GLY C 318 -29.74 -12.52 -35.19
CA GLY C 318 -30.60 -11.61 -35.91
C GLY C 318 -30.12 -10.16 -35.83
N ASP C 319 -30.62 -9.35 -36.77
CA ASP C 319 -30.24 -7.94 -36.88
C ASP C 319 -30.66 -7.16 -35.63
N TYR C 320 -29.95 -6.07 -35.36
CA TYR C 320 -30.26 -5.25 -34.20
C TYR C 320 -29.57 -3.90 -34.33
N ASN C 321 -30.08 -2.92 -33.59
CA ASN C 321 -29.46 -1.62 -33.46
C ASN C 321 -29.12 -1.37 -32.00
N GLU C 322 -28.24 -0.42 -31.76
CA GLU C 322 -27.84 -0.19 -30.38
C GLU C 322 -27.34 1.21 -30.14
N TYR C 323 -27.90 1.81 -29.12
CA TYR C 323 -27.51 3.11 -28.60
C TYR C 323 -26.85 2.86 -27.26
N SER C 324 -25.79 3.61 -26.96
CA SER C 324 -25.05 3.28 -25.76
C SER C 324 -24.29 4.50 -25.27
N VAL C 325 -24.18 4.59 -23.95
CA VAL C 325 -23.25 5.50 -23.31
C VAL C 325 -22.35 4.68 -22.42
N GLY C 326 -21.12 5.14 -22.24
CA GLY C 326 -20.19 4.40 -21.41
C GLY C 326 -19.06 5.22 -20.85
N VAL C 327 -18.29 4.58 -19.98
CA VAL C 327 -17.09 5.16 -19.40
C VAL C 327 -15.99 4.13 -19.44
N GLU C 328 -14.74 4.61 -19.54
CA GLU C 328 -13.55 3.77 -19.51
C GLU C 328 -12.45 4.53 -18.80
N TYR C 329 -11.89 3.91 -17.75
CA TYR C 329 -10.88 4.51 -16.88
C TYR C 329 -9.67 3.60 -16.80
N TYR C 330 -8.47 4.18 -16.89
CA TYR C 330 -7.24 3.41 -16.97
C TYR C 330 -6.39 3.69 -15.75
N PHE C 331 -5.88 2.64 -15.12
CA PHE C 331 -5.01 2.72 -13.95
C PHE C 331 -4.34 1.34 -13.75
N GLU D 1 -1.27 -8.28 1.93
CA GLU D 1 -0.09 -8.57 1.10
C GLU D 1 -0.43 -9.44 -0.12
N VAL D 2 0.16 -9.09 -1.25
CA VAL D 2 0.05 -9.86 -2.49
C VAL D 2 1.34 -10.64 -2.65
N TYR D 3 1.25 -11.88 -3.15
CA TYR D 3 2.50 -12.62 -3.19
C TYR D 3 2.71 -13.60 -4.32
N GLY D 4 2.02 -13.50 -5.46
CA GLY D 4 2.16 -14.49 -6.52
C GLY D 4 3.37 -15.42 -6.66
N ILE D 5 3.12 -16.59 -7.24
CA ILE D 5 4.17 -17.52 -7.67
C ILE D 5 3.96 -17.72 -9.16
N ILE D 6 4.79 -17.08 -9.95
CA ILE D 6 4.70 -17.11 -11.40
C ILE D 6 5.48 -18.30 -11.94
N ALA D 7 4.85 -19.09 -12.79
CA ALA D 7 5.37 -20.41 -13.11
C ALA D 7 4.84 -20.83 -14.48
N MET D 8 5.72 -20.89 -15.46
CA MET D 8 5.34 -21.32 -16.79
C MET D 8 6.21 -22.50 -17.19
N GLN D 9 5.59 -23.50 -17.80
CA GLN D 9 6.31 -24.69 -18.26
C GLN D 9 5.85 -25.06 -19.65
N ALA D 10 6.78 -25.11 -20.60
CA ALA D 10 6.50 -25.62 -21.93
C ALA D 10 6.91 -27.09 -21.96
N ALA D 11 5.98 -27.94 -22.37
CA ALA D 11 6.09 -29.37 -22.14
C ALA D 11 5.50 -30.13 -23.31
N TYR D 12 6.34 -30.87 -23.99
CA TYR D 12 5.89 -31.76 -25.06
C TYR D 12 5.60 -33.13 -24.49
N ARG D 13 4.47 -33.70 -24.93
CA ARG D 13 4.04 -35.03 -24.49
C ARG D 13 3.86 -35.92 -25.70
N ASP D 14 4.50 -37.09 -25.71
CA ASP D 14 4.32 -38.10 -26.75
C ASP D 14 3.72 -39.32 -26.08
N TYR D 15 2.47 -39.57 -26.35
CA TYR D 15 1.72 -40.66 -25.75
C TYR D 15 1.82 -41.89 -26.63
N ASP D 16 1.78 -43.06 -25.98
CA ASP D 16 1.55 -44.34 -26.66
C ASP D 16 0.37 -44.98 -25.93
N SER D 17 -0.82 -44.87 -26.51
CA SER D 17 -1.98 -45.43 -25.84
C SER D 17 -2.51 -46.68 -26.53
N GLY D 18 -2.21 -46.86 -27.81
CA GLY D 18 -2.88 -47.87 -28.58
C GLY D 18 -3.95 -47.32 -29.52
N ASP D 19 -4.33 -46.05 -29.38
CA ASP D 19 -5.20 -45.35 -30.33
C ASP D 19 -4.54 -44.02 -30.71
N ALA D 20 -4.26 -43.85 -32.02
CA ALA D 20 -3.46 -42.72 -32.46
C ALA D 20 -4.20 -41.39 -32.45
N LYS D 21 -5.52 -41.38 -32.69
CA LYS D 21 -6.27 -40.15 -32.48
C LYS D 21 -6.09 -39.70 -31.04
N GLN D 22 -6.28 -40.62 -30.10
CA GLN D 22 -6.00 -40.33 -28.70
C GLN D 22 -4.58 -39.81 -28.52
N ASP D 23 -3.62 -40.46 -29.17
CA ASP D 23 -2.25 -39.97 -29.09
C ASP D 23 -2.13 -38.56 -29.63
N ASP D 24 -2.78 -38.28 -30.76
CA ASP D 24 -2.67 -36.98 -31.39
C ASP D 24 -3.39 -35.90 -30.58
N ASN D 25 -4.55 -36.22 -30.03
CA ASN D 25 -5.25 -35.30 -29.15
C ASN D 25 -4.41 -35.05 -27.91
N LEU D 26 -4.25 -36.10 -27.12
CA LEU D 26 -3.62 -35.99 -25.81
C LEU D 26 -2.21 -35.47 -25.91
N GLY D 27 -1.49 -35.89 -26.94
CA GLY D 27 -0.08 -35.56 -27.07
C GLY D 27 0.16 -34.20 -27.68
N GLY D 28 1.44 -33.92 -27.91
CA GLY D 28 1.84 -32.66 -28.47
C GLY D 28 2.36 -31.72 -27.40
N MET D 29 2.71 -30.53 -27.82
CA MET D 29 3.20 -29.56 -26.85
C MET D 29 2.04 -28.67 -26.39
N GLN D 30 2.11 -28.24 -25.13
CA GLN D 30 1.15 -27.32 -24.55
C GLN D 30 1.87 -26.36 -23.62
N LEU D 31 1.18 -25.31 -23.26
CA LEU D 31 1.69 -24.38 -22.29
C LEU D 31 0.95 -24.62 -20.99
N ASN D 32 1.71 -24.97 -19.94
CA ASN D 32 1.19 -25.19 -18.60
C ASN D 32 1.58 -24.00 -17.74
N ASN D 33 0.70 -23.02 -17.64
CA ASN D 33 0.93 -21.89 -16.77
C ASN D 33 0.36 -22.26 -15.40
N GLU D 34 1.24 -22.41 -14.43
CA GLU D 34 0.83 -22.65 -13.06
C GLU D 34 1.05 -21.41 -12.21
N SER D 35 1.08 -20.24 -12.83
CA SER D 35 1.20 -19.03 -12.04
C SER D 35 -0.07 -18.86 -11.21
N ARG D 36 0.07 -18.25 -10.04
CA ARG D 36 -1.02 -18.10 -9.09
C ARG D 36 -0.74 -16.87 -8.27
N ILE D 37 -1.79 -16.18 -7.84
CA ILE D 37 -1.63 -14.99 -7.00
C ILE D 37 -2.35 -15.19 -5.67
N GLY D 38 -1.78 -14.66 -4.60
CA GLY D 38 -2.37 -14.85 -3.30
C GLY D 38 -2.33 -13.59 -2.47
N PHE D 39 -3.09 -13.67 -1.38
CA PHE D 39 -3.18 -12.62 -0.38
C PHE D 39 -3.06 -13.27 0.97
N ARG D 40 -2.27 -12.65 1.84
CA ARG D 40 -2.04 -13.20 3.16
C ARG D 40 -1.82 -12.02 4.08
N GLY D 41 -2.02 -12.25 5.37
CA GLY D 41 -1.79 -11.21 6.34
C GLY D 41 -1.79 -11.76 7.74
N LYS D 42 -1.24 -10.95 8.66
CA LYS D 42 -1.33 -11.17 10.09
C LYS D 42 -1.88 -9.91 10.74
N LYS D 43 -2.51 -10.09 11.90
CA LYS D 43 -3.09 -8.99 12.66
C LYS D 43 -3.03 -9.34 14.13
N GLN D 44 -2.50 -8.42 14.95
CA GLN D 44 -2.53 -8.61 16.40
C GLN D 44 -3.83 -8.02 16.94
N PHE D 45 -4.79 -8.89 17.25
CA PHE D 45 -6.01 -8.42 17.88
C PHE D 45 -5.68 -7.88 19.26
N ALA D 46 -6.17 -6.68 19.56
CA ALA D 46 -5.80 -6.03 20.81
C ALA D 46 -6.25 -6.82 22.02
N ASN D 47 -7.28 -7.64 21.90
CA ASN D 47 -7.79 -8.35 23.06
C ASN D 47 -7.64 -9.86 22.93
N PHE D 48 -6.48 -10.32 22.46
CA PHE D 48 -6.21 -11.74 22.21
C PHE D 48 -4.75 -11.97 21.83
N GLU D 49 -4.01 -12.70 22.69
CA GLU D 49 -2.58 -12.86 22.49
C GLU D 49 -2.24 -13.64 21.21
N PRO D 50 -2.86 -14.79 20.92
CA PRO D 50 -2.53 -15.47 19.66
C PRO D 50 -2.71 -14.53 18.47
N THR D 51 -1.73 -14.58 17.58
CA THR D 51 -1.68 -13.68 16.44
C THR D 51 -2.53 -14.20 15.31
N PHE D 52 -3.39 -13.34 14.78
CA PHE D 52 -4.29 -13.70 13.71
C PHE D 52 -3.58 -13.76 12.37
N ILE D 53 -3.87 -14.81 11.61
CA ILE D 53 -3.29 -15.02 10.31
C ILE D 53 -4.39 -15.43 9.34
N TRP D 54 -4.18 -15.13 8.07
CA TRP D 54 -5.16 -15.47 7.05
C TRP D 54 -4.44 -15.49 5.72
N GLN D 55 -4.94 -16.28 4.79
CA GLN D 55 -4.36 -16.30 3.45
C GLN D 55 -5.43 -16.68 2.42
N ILE D 56 -5.37 -16.04 1.25
CA ILE D 56 -6.24 -16.36 0.13
C ILE D 56 -5.37 -16.64 -1.09
N GLU D 57 -5.36 -17.87 -1.54
CA GLU D 57 -4.52 -18.25 -2.67
C GLU D 57 -5.40 -18.54 -3.87
N GLY D 58 -5.15 -17.85 -4.98
CA GLY D 58 -5.84 -18.17 -6.21
C GLY D 58 -5.30 -19.43 -6.88
N GLY D 59 -6.02 -19.90 -7.90
CA GLY D 59 -5.64 -21.13 -8.57
C GLY D 59 -4.65 -20.89 -9.70
N TYR D 60 -4.32 -21.98 -10.39
CA TYR D 60 -3.48 -21.91 -11.57
C TYR D 60 -4.20 -21.17 -12.70
N VAL D 61 -3.53 -20.20 -13.30
CA VAL D 61 -4.20 -19.28 -14.23
C VAL D 61 -4.61 -20.00 -15.53
N ASP D 62 -3.65 -20.60 -16.25
CA ASP D 62 -3.96 -21.46 -17.40
C ASP D 62 -3.06 -22.69 -17.34
N PRO D 63 -3.49 -23.71 -16.59
CA PRO D 63 -2.79 -25.00 -16.64
C PRO D 63 -2.88 -25.63 -18.01
N SER D 64 -1.96 -26.56 -18.27
CA SER D 64 -2.11 -27.37 -19.46
C SER D 64 -3.33 -28.26 -19.31
N PHE D 65 -3.80 -28.79 -20.42
CA PHE D 65 -4.99 -29.64 -20.47
C PHE D 65 -6.22 -28.96 -19.89
N GLY D 66 -6.18 -27.66 -19.69
CA GLY D 66 -7.28 -26.95 -19.08
C GLY D 66 -7.44 -25.55 -19.63
N GLY D 67 -8.61 -25.00 -19.38
CA GLY D 67 -8.96 -23.68 -19.87
C GLY D 67 -8.37 -22.60 -19.02
N GLU D 68 -8.64 -21.37 -19.43
CA GLU D 68 -8.07 -20.21 -18.77
C GLU D 68 -8.89 -19.84 -17.55
N GLY D 69 -8.30 -19.03 -16.69
CA GLY D 69 -9.00 -18.50 -15.54
C GLY D 69 -9.13 -19.38 -14.32
N ALA D 70 -8.87 -18.79 -13.15
CA ALA D 70 -9.14 -19.46 -11.89
C ALA D 70 -9.53 -18.39 -10.87
N GLY D 71 -10.51 -18.71 -10.03
CA GLY D 71 -10.96 -17.79 -9.00
C GLY D 71 -9.95 -17.66 -7.88
N LEU D 72 -10.32 -16.89 -6.86
CA LEU D 72 -9.47 -16.77 -5.68
C LEU D 72 -9.91 -17.75 -4.59
N GLY D 73 -8.93 -18.31 -3.89
CA GLY D 73 -9.22 -19.33 -2.91
C GLY D 73 -9.32 -20.75 -3.43
N GLU D 74 -8.73 -21.05 -4.59
CA GLU D 74 -8.66 -22.42 -5.08
C GLU D 74 -7.52 -23.20 -4.45
N ARG D 75 -6.50 -22.52 -3.96
CA ARG D 75 -5.43 -23.17 -3.25
C ARG D 75 -5.48 -22.79 -1.78
N ASP D 76 -4.36 -22.94 -1.09
CA ASP D 76 -4.32 -22.86 0.35
C ASP D 76 -4.93 -21.55 0.81
N THR D 77 -6.13 -21.65 1.38
CA THR D 77 -6.90 -20.50 1.80
C THR D 77 -7.49 -20.79 3.18
N PHE D 78 -7.24 -19.89 4.13
CA PHE D 78 -7.48 -20.25 5.52
C PHE D 78 -7.39 -19.02 6.41
N VAL D 79 -7.86 -19.21 7.65
CA VAL D 79 -7.67 -18.33 8.79
C VAL D 79 -7.09 -19.15 9.93
N GLY D 80 -6.42 -18.48 10.85
CA GLY D 80 -5.84 -19.22 11.95
C GLY D 80 -5.12 -18.31 12.92
N PHE D 81 -4.46 -18.97 13.88
CA PHE D 81 -3.74 -18.30 14.95
C PHE D 81 -2.37 -18.93 15.12
N GLU D 82 -1.45 -18.15 15.67
CA GLU D 82 -0.10 -18.63 15.87
C GLU D 82 0.48 -18.02 17.14
N SER D 83 1.04 -18.87 17.99
CA SER D 83 1.83 -18.46 19.15
C SER D 83 3.12 -19.26 19.20
N ALA D 84 4.18 -18.63 19.73
CA ALA D 84 5.44 -19.33 19.89
C ALA D 84 5.28 -20.53 20.81
N SER D 85 4.33 -20.46 21.74
CA SER D 85 4.09 -21.56 22.63
C SER D 85 3.65 -22.80 21.84
N TRP D 86 2.45 -22.74 21.25
CA TRP D 86 1.81 -23.94 20.74
C TRP D 86 1.77 -24.01 19.21
N GLY D 87 2.42 -23.10 18.52
CA GLY D 87 2.54 -23.32 17.11
C GLY D 87 1.53 -22.55 16.29
N GLN D 88 0.68 -23.28 15.58
CA GLN D 88 -0.14 -22.66 14.55
C GLN D 88 -1.31 -23.55 14.21
N VAL D 89 -2.50 -23.10 14.53
CA VAL D 89 -3.71 -23.79 14.13
C VAL D 89 -4.39 -22.97 13.05
N ARG D 90 -4.84 -23.65 12.00
CA ARG D 90 -5.46 -23.02 10.83
C ARG D 90 -6.79 -23.68 10.53
N LEU D 91 -7.72 -22.87 10.02
CA LEU D 91 -9.02 -23.37 9.62
C LEU D 91 -9.31 -22.94 8.20
N GLY D 92 -9.73 -23.92 7.41
CA GLY D 92 -10.12 -23.68 6.05
C GLY D 92 -9.71 -24.77 5.11
N ARG D 93 -8.99 -24.38 4.06
CA ARG D 93 -8.54 -25.23 2.98
C ARG D 93 -7.03 -25.25 3.05
N VAL D 94 -6.47 -26.38 3.44
CA VAL D 94 -5.03 -26.55 3.58
C VAL D 94 -4.65 -27.91 3.00
N LEU D 95 -3.36 -28.27 3.12
CA LEU D 95 -2.83 -29.56 2.70
C LEU D 95 -2.76 -30.50 3.89
N THR D 96 -3.27 -31.73 3.72
CA THR D 96 -3.24 -32.66 4.85
C THR D 96 -1.80 -32.94 5.21
N PRO D 97 -1.53 -33.44 6.42
CA PRO D 97 -0.13 -33.68 6.80
C PRO D 97 0.56 -34.62 5.84
N MET D 98 -0.17 -35.59 5.29
CA MET D 98 0.50 -36.52 4.40
C MET D 98 0.71 -35.94 3.02
N TYR D 99 -0.27 -35.27 2.46
CA TYR D 99 -0.08 -34.78 1.09
C TYR D 99 1.12 -33.83 1.01
N GLU D 100 1.42 -33.11 2.10
CA GLU D 100 2.64 -32.30 2.10
C GLU D 100 3.86 -33.15 1.81
N LEU D 101 3.99 -34.29 2.48
CA LEU D 101 5.13 -35.14 2.25
C LEU D 101 5.07 -35.86 0.92
N VAL D 102 3.88 -36.04 0.37
CA VAL D 102 3.81 -36.63 -0.96
C VAL D 102 4.25 -35.61 -2.00
N ASP D 103 3.90 -34.34 -1.82
CA ASP D 103 4.38 -33.31 -2.75
C ASP D 103 5.86 -33.03 -2.55
N TRP D 104 6.25 -32.68 -1.36
CA TRP D 104 7.63 -32.44 -1.12
C TRP D 104 8.13 -33.44 -0.10
N PRO D 105 9.21 -34.17 -0.40
CA PRO D 105 9.91 -33.84 -1.63
C PRO D 105 9.65 -34.86 -2.72
N ALA D 106 8.70 -35.74 -2.48
CA ALA D 106 8.54 -37.01 -3.19
C ALA D 106 8.00 -36.93 -4.61
N SER D 107 7.42 -35.81 -5.07
CA SER D 107 7.02 -35.74 -6.48
C SER D 107 7.88 -34.79 -7.28
N ASN D 108 8.86 -34.15 -6.63
CA ASN D 108 9.78 -33.11 -7.09
C ASN D 108 9.88 -33.07 -8.60
N PRO D 109 10.57 -34.05 -9.26
CA PRO D 109 10.82 -33.87 -10.69
C PRO D 109 9.75 -34.51 -11.55
N GLY D 110 8.49 -34.17 -11.35
CA GLY D 110 7.46 -34.70 -12.23
C GLY D 110 7.00 -36.09 -11.89
N LEU D 111 7.21 -36.55 -10.67
CA LEU D 111 6.82 -37.93 -10.39
C LEU D 111 5.39 -38.05 -9.96
N GLY D 112 4.67 -36.93 -9.82
CA GLY D 112 3.34 -36.97 -9.24
C GLY D 112 2.40 -37.95 -9.93
N ASP D 113 2.43 -38.00 -11.27
CA ASP D 113 1.48 -38.83 -11.99
C ASP D 113 1.41 -40.23 -11.42
N VAL D 114 2.46 -40.66 -10.74
CA VAL D 114 2.55 -42.01 -10.20
C VAL D 114 2.51 -42.00 -8.69
N TYR D 115 3.17 -41.04 -8.05
CA TYR D 115 3.21 -41.03 -6.60
C TYR D 115 2.15 -40.14 -5.96
N ASP D 116 1.71 -39.06 -6.63
CA ASP D 116 0.74 -38.13 -6.06
C ASP D 116 -0.69 -38.66 -6.21
N TRP D 117 -1.31 -38.51 -7.36
CA TRP D 117 -2.61 -39.11 -7.55
C TRP D 117 -2.50 -40.45 -8.27
N GLY D 118 -1.30 -40.81 -8.69
CA GLY D 118 -1.09 -42.09 -9.32
C GLY D 118 -1.52 -43.15 -8.34
N GLY D 119 -2.79 -43.52 -8.38
CA GLY D 119 -3.28 -44.53 -7.49
C GLY D 119 -3.92 -45.66 -8.27
N ALA D 120 -3.93 -46.81 -7.62
CA ALA D 120 -4.77 -47.93 -8.04
C ALA D 120 -5.73 -48.36 -6.96
N ILE D 121 -5.53 -47.95 -5.71
CA ILE D 121 -6.33 -48.42 -4.60
C ILE D 121 -7.72 -47.81 -4.70
N GLY D 122 -8.70 -48.51 -4.13
CA GLY D 122 -10.06 -48.02 -4.19
C GLY D 122 -10.31 -46.97 -3.16
N GLY D 123 -11.54 -46.43 -3.18
CA GLY D 123 -11.89 -45.44 -2.19
C GLY D 123 -11.09 -44.18 -2.41
N ALA D 124 -10.39 -43.76 -1.36
CA ALA D 124 -9.65 -42.50 -1.38
C ALA D 124 -8.39 -42.67 -0.54
N LYS D 125 -7.26 -42.86 -1.22
CA LYS D 125 -5.97 -43.07 -0.57
C LYS D 125 -5.79 -42.05 0.56
N TYR D 126 -5.76 -40.77 0.19
CA TYR D 126 -5.55 -39.65 1.09
C TYR D 126 -6.16 -38.42 0.44
N GLN D 127 -5.75 -37.24 0.89
CA GLN D 127 -6.40 -36.04 0.37
C GLN D 127 -5.37 -34.98 -0.02
N ASP D 128 -5.51 -34.45 -1.21
CA ASP D 128 -4.64 -33.39 -1.68
C ASP D 128 -5.41 -32.11 -1.49
N ARG D 129 -4.97 -31.26 -0.55
CA ARG D 129 -5.64 -29.97 -0.33
C ARG D 129 -7.14 -30.12 -0.15
N GLN D 130 -7.60 -30.11 1.09
CA GLN D 130 -8.99 -30.37 1.41
C GLN D 130 -9.59 -29.17 2.14
N SER D 131 -10.81 -28.79 1.76
CA SER D 131 -11.48 -27.71 2.46
C SER D 131 -12.25 -28.27 3.65
N ASN D 132 -12.78 -27.37 4.46
CA ASN D 132 -13.43 -27.77 5.69
C ASN D 132 -12.44 -28.60 6.50
N THR D 133 -11.48 -27.90 7.07
CA THR D 133 -10.38 -28.55 7.76
C THR D 133 -9.86 -27.67 8.87
N ILE D 134 -9.57 -28.27 10.01
CA ILE D 134 -8.77 -27.63 11.05
C ILE D 134 -7.46 -28.39 11.10
N ARG D 135 -6.34 -27.65 11.12
CA ARG D 135 -5.01 -28.24 11.08
C ARG D 135 -4.07 -27.49 12.00
N TRP D 136 -3.45 -28.23 12.91
CA TRP D 136 -2.47 -27.70 13.83
C TRP D 136 -1.09 -28.14 13.40
N ASP D 137 -0.19 -27.16 13.30
CA ASP D 137 1.23 -27.37 13.10
C ASP D 137 1.95 -27.05 14.39
N SER D 138 2.77 -27.98 14.84
CA SER D 138 3.49 -27.75 16.08
C SER D 138 4.74 -26.95 15.75
N PRO D 139 5.34 -26.29 16.76
CA PRO D 139 6.64 -25.65 16.54
C PRO D 139 7.76 -26.67 16.34
N MET D 140 8.96 -26.20 16.03
CA MET D 140 10.12 -27.08 15.98
C MET D 140 10.70 -27.17 17.38
N TYR D 141 10.16 -28.11 18.15
CA TYR D 141 10.57 -28.31 19.53
C TYR D 141 12.04 -28.70 19.57
N ALA D 142 12.80 -28.04 20.45
CA ALA D 142 14.23 -28.23 20.53
C ALA D 142 14.91 -27.95 19.21
N ASP D 143 14.20 -27.31 18.29
CA ASP D 143 14.66 -27.08 16.93
C ASP D 143 15.03 -28.38 16.22
N LYS D 144 14.40 -29.51 16.59
CA LYS D 144 14.72 -30.80 15.95
C LYS D 144 13.46 -31.59 15.59
N PHE D 145 12.37 -31.36 16.33
CA PHE D 145 11.19 -32.21 16.27
C PHE D 145 9.94 -31.36 16.05
N SER D 146 9.05 -31.81 15.15
CA SER D 146 7.82 -31.08 14.83
C SER D 146 6.70 -32.05 14.44
N ILE D 147 5.46 -31.69 14.81
CA ILE D 147 4.26 -32.49 14.54
C ILE D 147 3.31 -31.69 13.66
N ASP D 148 2.66 -32.40 12.74
CA ASP D 148 1.61 -31.87 11.90
C ASP D 148 0.39 -32.76 12.10
N ALA D 149 -0.77 -32.15 12.37
CA ALA D 149 -1.97 -32.91 12.71
C ALA D 149 -3.21 -32.14 12.29
N ALA D 150 -4.19 -32.86 11.75
CA ALA D 150 -5.36 -32.23 11.15
C ALA D 150 -6.47 -33.24 10.92
N VAL D 151 -7.70 -32.74 11.03
CA VAL D 151 -8.90 -33.45 10.59
C VAL D 151 -9.80 -32.49 9.82
N GLY D 152 -10.63 -33.07 8.96
CA GLY D 152 -11.48 -32.22 8.15
C GLY D 152 -12.58 -33.05 7.54
N ALA D 153 -13.48 -32.37 6.85
CA ALA D 153 -14.59 -33.05 6.23
C ALA D 153 -14.17 -33.61 4.87
N GLY D 154 -14.85 -34.68 4.46
CA GLY D 154 -14.52 -35.32 3.22
C GLY D 154 -15.00 -34.50 2.05
N ASP D 155 -14.65 -34.96 0.84
CA ASP D 155 -14.98 -34.25 -0.39
C ASP D 155 -16.51 -34.24 -0.60
N LYS D 156 -17.16 -35.39 -0.48
CA LYS D 156 -18.59 -35.45 -0.73
C LYS D 156 -19.36 -34.73 0.36
N ALA D 157 -18.89 -34.80 1.60
CA ALA D 157 -19.57 -34.18 2.73
C ALA D 157 -19.53 -32.66 2.68
N GLY D 158 -18.57 -32.07 1.97
CA GLY D 158 -18.51 -30.61 1.90
C GLY D 158 -19.58 -29.98 1.04
N LEU D 159 -20.38 -30.79 0.36
CA LEU D 159 -21.51 -30.31 -0.42
C LEU D 159 -22.82 -30.82 0.14
N GLY D 160 -22.80 -31.32 1.36
CA GLY D 160 -24.00 -31.88 1.95
C GLY D 160 -24.51 -33.12 1.26
N ALA D 161 -23.64 -33.87 0.58
CA ALA D 161 -24.07 -35.11 -0.07
C ALA D 161 -23.61 -36.36 0.65
N GLY D 162 -22.92 -36.21 1.77
CA GLY D 162 -22.45 -37.39 2.49
C GLY D 162 -21.86 -37.01 3.83
N ASP D 163 -21.20 -38.00 4.45
CA ASP D 163 -20.53 -37.79 5.73
C ASP D 163 -19.14 -38.41 5.73
N ASP D 164 -18.47 -38.45 4.58
CA ASP D 164 -17.06 -38.85 4.57
C ASP D 164 -16.24 -37.84 5.35
N TYR D 165 -15.17 -38.32 5.98
CA TYR D 165 -14.29 -37.45 6.75
C TYR D 165 -12.90 -38.07 6.82
N TRP D 166 -12.00 -37.38 7.50
CA TRP D 166 -10.62 -37.82 7.51
C TRP D 166 -9.85 -37.11 8.62
N GLY D 167 -8.81 -37.79 9.10
CA GLY D 167 -7.82 -37.20 9.98
C GLY D 167 -6.46 -37.75 9.60
N GLY D 168 -5.44 -37.12 10.12
CA GLY D 168 -4.10 -37.51 9.76
C GLY D 168 -3.10 -36.79 10.61
N ILE D 169 -1.92 -37.38 10.67
CA ILE D 169 -0.85 -36.82 11.47
C ILE D 169 0.45 -37.23 10.82
N ALA D 170 1.46 -36.40 11.00
CA ALA D 170 2.79 -36.68 10.48
C ALA D 170 3.78 -36.14 11.48
N ALA D 171 5.00 -36.67 11.45
CA ALA D 171 6.03 -36.16 12.34
C ALA D 171 7.30 -35.98 11.56
N HIS D 172 8.19 -35.16 12.10
CA HIS D 172 9.46 -34.87 11.46
C HIS D 172 10.51 -34.75 12.54
N TYR D 173 11.50 -35.63 12.52
CA TYR D 173 12.65 -35.49 13.39
C TYR D 173 13.85 -35.25 12.51
N LYS D 174 14.69 -34.32 12.91
CA LYS D 174 15.82 -33.89 12.09
C LYS D 174 17.13 -34.35 12.72
N LEU D 175 17.57 -35.53 12.33
CA LEU D 175 18.83 -36.09 12.82
C LEU D 175 19.95 -35.50 11.98
N GLY D 176 20.53 -34.41 12.48
CA GLY D 176 21.60 -33.73 11.78
C GLY D 176 21.27 -33.44 10.33
N PRO D 177 22.11 -33.91 9.41
CA PRO D 177 21.84 -33.66 7.99
C PRO D 177 20.62 -34.39 7.50
N LEU D 178 20.28 -35.50 8.13
CA LEU D 178 19.10 -36.20 7.68
C LEU D 178 17.90 -35.58 8.32
N GLN D 179 16.75 -35.93 7.77
CA GLN D 179 15.48 -35.71 8.43
C GLN D 179 14.67 -36.97 8.30
N LEU D 180 14.29 -37.53 9.43
CA LEU D 180 13.44 -38.70 9.39
C LEU D 180 12.01 -38.20 9.61
N ASP D 181 11.09 -38.69 8.77
CA ASP D 181 9.69 -38.28 8.80
C ASP D 181 8.77 -39.45 8.49
N ALA D 182 7.68 -39.55 9.25
CA ALA D 182 6.64 -40.54 9.04
C ALA D 182 5.28 -39.85 8.99
N ALA D 183 4.31 -40.52 8.38
CA ALA D 183 2.99 -39.89 8.26
C ALA D 183 1.88 -40.93 8.10
N TYR D 184 0.68 -40.53 8.51
CA TYR D 184 -0.55 -41.31 8.41
C TYR D 184 -1.70 -40.42 7.97
N GLU D 185 -2.68 -41.01 7.30
CA GLU D 185 -3.96 -40.35 7.04
C GLU D 185 -5.05 -41.39 6.82
N GLY D 186 -6.17 -41.24 7.53
CA GLY D 186 -7.25 -42.20 7.35
C GLY D 186 -8.52 -41.55 6.88
N ASN D 187 -9.19 -42.13 5.88
CA ASN D 187 -10.47 -41.59 5.43
C ASN D 187 -11.60 -42.56 5.75
N ARG D 188 -12.77 -42.00 5.99
CA ARG D 188 -13.92 -42.77 6.40
C ARG D 188 -15.14 -42.32 5.62
N ASN D 189 -16.14 -43.19 5.59
CA ASN D 189 -17.44 -42.92 4.97
C ASN D 189 -17.31 -42.50 3.51
N ILE D 190 -16.40 -43.16 2.80
CA ILE D 190 -16.13 -42.91 1.38
C ILE D 190 -17.08 -43.76 0.55
N GLU D 191 -17.94 -43.10 -0.21
CA GLU D 191 -18.86 -43.80 -1.10
C GLU D 191 -18.20 -43.92 -2.47
N ALA D 192 -18.09 -45.15 -2.97
CA ALA D 192 -17.47 -45.42 -4.25
C ALA D 192 -17.75 -46.86 -4.68
N GLU D 193 -17.87 -47.05 -5.99
CA GLU D 193 -18.06 -48.38 -6.57
C GLU D 193 -19.24 -49.12 -5.95
N GLY D 194 -20.21 -48.39 -5.44
CA GLY D 194 -21.36 -49.03 -4.86
C GLY D 194 -21.18 -49.50 -3.44
N GLN D 195 -20.08 -49.14 -2.78
CA GLN D 195 -19.88 -49.50 -1.38
C GLN D 195 -19.22 -48.34 -0.65
N THR D 196 -19.04 -48.51 0.66
CA THR D 196 -18.40 -47.53 1.50
C THR D 196 -17.06 -48.04 2.04
N TRP D 197 -16.02 -47.22 1.93
CA TRP D 197 -14.64 -47.61 2.20
C TRP D 197 -14.03 -46.82 3.35
N GLU D 198 -13.03 -47.44 3.96
CA GLU D 198 -12.17 -46.79 4.94
C GLU D 198 -10.76 -46.99 4.45
N ASN D 199 -10.06 -45.91 4.16
CA ASN D 199 -8.71 -46.00 3.64
C ASN D 199 -7.74 -45.61 4.74
N ASN D 200 -6.76 -46.48 4.97
CA ASN D 200 -5.68 -46.18 5.88
C ASN D 200 -4.38 -46.12 5.10
N THR D 201 -3.57 -45.13 5.42
CA THR D 201 -2.39 -44.91 4.62
C THR D 201 -1.26 -44.38 5.49
N TYR D 202 -0.09 -45.01 5.35
CA TYR D 202 1.10 -44.74 6.13
C TYR D 202 2.28 -44.51 5.20
N LEU D 203 3.11 -43.54 5.56
CA LEU D 203 4.25 -43.15 4.75
C LEU D 203 5.43 -42.88 5.65
N VAL D 204 6.57 -43.45 5.27
CA VAL D 204 7.84 -43.20 5.92
C VAL D 204 8.84 -42.78 4.87
N GLY D 205 9.73 -41.88 5.25
CA GLY D 205 10.69 -41.41 4.27
C GLY D 205 11.84 -40.74 4.98
N VAL D 206 12.87 -40.43 4.22
CA VAL D 206 14.02 -39.71 4.73
C VAL D 206 14.50 -38.78 3.65
N GLN D 207 15.19 -37.73 4.08
CA GLN D 207 15.76 -36.78 3.17
C GLN D 207 17.00 -36.20 3.79
N GLY D 208 17.97 -35.89 2.94
CA GLY D 208 19.23 -35.34 3.37
C GLY D 208 19.67 -34.26 2.41
N TRP D 209 20.49 -33.35 2.93
CA TRP D 209 21.02 -32.24 2.15
C TRP D 209 22.46 -32.05 2.61
N PHE D 210 23.43 -32.22 1.72
CA PHE D 210 24.81 -32.25 2.14
C PHE D 210 25.66 -31.16 1.53
N GLU D 211 26.67 -30.75 2.30
CA GLU D 211 27.60 -29.70 1.91
C GLU D 211 28.36 -30.08 0.64
N ASN D 212 28.56 -31.38 0.41
CA ASN D 212 29.18 -31.86 -0.82
C ASN D 212 28.37 -31.52 -2.05
N GLY D 213 27.13 -31.06 -1.87
CA GLY D 213 26.22 -30.86 -2.96
C GLY D 213 25.29 -32.02 -3.14
N ILE D 214 25.55 -33.13 -2.45
CA ILE D 214 24.67 -34.28 -2.54
C ILE D 214 23.46 -34.01 -1.66
N SER D 215 22.29 -34.31 -2.19
CA SER D 215 21.08 -34.31 -1.38
C SER D 215 20.21 -35.40 -1.95
N PHE D 216 19.37 -35.98 -1.11
CA PHE D 216 18.64 -37.15 -1.57
C PHE D 216 17.36 -37.29 -0.75
N PHE D 217 16.43 -38.07 -1.27
CA PHE D 217 15.24 -38.38 -0.51
C PHE D 217 14.71 -39.72 -0.96
N ALA D 218 14.05 -40.41 -0.03
CA ALA D 218 13.40 -41.68 -0.30
C ALA D 218 12.23 -41.84 0.64
N GLN D 219 11.15 -42.45 0.15
CA GLN D 219 9.93 -42.59 0.91
C GLN D 219 9.25 -43.86 0.47
N TYR D 220 8.63 -44.52 1.42
CA TYR D 220 7.78 -45.67 1.15
C TYR D 220 6.36 -45.35 1.61
N LYS D 221 5.40 -45.66 0.76
CA LYS D 221 4.01 -45.32 1.03
C LYS D 221 3.23 -46.63 1.11
N TYR D 222 2.52 -46.83 2.21
CA TYR D 222 1.73 -48.03 2.42
C TYR D 222 0.27 -47.66 2.47
N MET D 223 -0.51 -48.26 1.57
CA MET D 223 -1.91 -47.90 1.37
C MET D 223 -2.79 -49.13 1.54
N GLU D 224 -3.66 -49.09 2.52
CA GLU D 224 -4.64 -50.14 2.71
C GLU D 224 -6.03 -49.54 2.56
N ALA D 225 -6.98 -50.40 2.22
CA ALA D 225 -8.35 -49.96 1.99
C ALA D 225 -9.27 -51.16 2.14
N ASP D 226 -10.43 -50.92 2.75
CA ASP D 226 -11.46 -51.93 2.98
C ASP D 226 -12.82 -51.40 2.56
N ALA D 227 -13.52 -52.16 1.74
CA ALA D 227 -14.83 -51.81 1.19
C ALA D 227 -15.96 -52.38 2.02
N SER D 228 -17.16 -51.83 1.80
CA SER D 228 -18.32 -52.13 2.63
C SER D 228 -18.79 -53.57 2.49
N ASN D 229 -18.60 -54.21 1.34
CA ASN D 229 -19.02 -55.59 1.24
C ASN D 229 -18.01 -56.57 1.83
N GLY D 230 -16.98 -56.10 2.50
CA GLY D 230 -15.97 -56.97 3.07
C GLY D 230 -14.72 -57.22 2.24
N VAL D 231 -14.57 -56.54 1.11
CA VAL D 231 -13.36 -56.68 0.32
C VAL D 231 -12.19 -55.97 1.00
N ASN D 232 -10.98 -56.47 0.77
CA ASN D 232 -9.75 -55.81 1.19
C ASN D 232 -8.90 -55.48 -0.03
N GLU D 233 -8.25 -54.34 0.01
CA GLU D 233 -7.35 -53.95 -1.05
C GLU D 233 -6.11 -53.35 -0.44
N LYS D 234 -4.97 -53.61 -1.06
CA LYS D 234 -3.73 -53.06 -0.58
C LYS D 234 -2.83 -52.78 -1.77
N GLN D 235 -2.18 -51.63 -1.71
CA GLN D 235 -1.16 -51.25 -2.67
C GLN D 235 -0.10 -50.49 -1.90
N ASP D 236 1.11 -50.55 -2.40
CA ASP D 236 2.23 -49.90 -1.73
C ASP D 236 3.03 -49.16 -2.77
N ALA D 237 3.87 -48.26 -2.32
CA ALA D 237 4.54 -47.41 -3.29
C ALA D 237 5.77 -46.83 -2.64
N MET D 238 6.60 -46.26 -3.50
CA MET D 238 7.86 -45.70 -3.06
C MET D 238 8.28 -44.65 -4.05
N SER D 239 9.04 -43.68 -3.55
CA SER D 239 9.62 -42.64 -4.37
C SER D 239 10.96 -42.25 -3.81
N ALA D 240 11.89 -41.95 -4.73
CA ALA D 240 13.21 -41.50 -4.35
C ALA D 240 13.78 -40.60 -5.44
N GLY D 241 14.68 -39.74 -5.02
CA GLY D 241 15.28 -38.74 -5.88
C GLY D 241 16.67 -38.36 -5.41
N LEU D 242 17.58 -38.31 -6.36
CA LEU D 242 18.98 -38.02 -6.09
C LEU D 242 19.34 -36.71 -6.78
N MET D 243 20.06 -35.85 -6.07
CA MET D 243 20.42 -34.55 -6.61
C MET D 243 21.83 -34.16 -6.19
N TYR D 244 22.57 -33.68 -7.18
CA TYR D 244 23.89 -33.07 -6.96
C TYR D 244 23.83 -31.62 -7.41
N THR D 245 24.49 -30.76 -6.64
CA THR D 245 24.45 -29.31 -6.79
C THR D 245 25.88 -28.78 -6.91
N THR D 246 26.21 -28.20 -8.06
CA THR D 246 27.50 -27.54 -8.28
C THR D 246 27.19 -26.09 -8.62
N GLY D 247 27.78 -25.16 -7.88
CA GLY D 247 27.62 -23.75 -8.22
C GLY D 247 26.15 -23.31 -8.21
N ASP D 248 25.68 -22.87 -9.39
CA ASP D 248 24.30 -22.44 -9.57
C ASP D 248 23.49 -23.47 -10.35
N TRP D 249 23.84 -24.74 -10.23
CA TRP D 249 23.20 -25.79 -11.01
C TRP D 249 22.76 -26.91 -10.08
N GLN D 250 21.70 -27.62 -10.46
CA GLN D 250 21.30 -28.81 -9.73
C GLN D 250 20.96 -29.90 -10.73
N TYR D 251 21.61 -31.06 -10.58
CA TYR D 251 21.22 -32.23 -11.34
C TYR D 251 20.28 -33.08 -10.51
N LYS D 252 19.28 -33.68 -11.16
CA LYS D 252 18.32 -34.47 -10.41
C LYS D 252 17.86 -35.68 -11.22
N LEU D 253 17.61 -36.79 -10.52
CA LEU D 253 17.06 -38.01 -11.09
C LEU D 253 16.02 -38.51 -10.11
N GLY D 254 14.81 -38.77 -10.58
CA GLY D 254 13.75 -39.22 -9.70
C GLY D 254 13.13 -40.51 -10.20
N TYR D 255 12.74 -41.36 -9.26
CA TYR D 255 12.03 -42.60 -9.56
C TYR D 255 10.92 -42.81 -8.56
N ALA D 256 9.75 -43.19 -9.05
CA ALA D 256 8.64 -43.53 -8.17
C ALA D 256 7.87 -44.70 -8.74
N ALA D 257 7.27 -45.49 -7.86
CA ALA D 257 6.52 -46.65 -8.33
C ALA D 257 5.47 -47.08 -7.32
N ASN D 258 4.25 -47.21 -7.80
CA ASN D 258 3.24 -48.01 -7.14
C ASN D 258 3.40 -49.43 -7.60
N PHE D 259 3.22 -50.37 -6.70
CA PHE D 259 3.36 -51.76 -7.05
C PHE D 259 1.99 -52.35 -7.34
N ASP D 260 1.98 -53.60 -7.76
CA ASP D 260 0.72 -54.25 -8.11
C ASP D 260 -0.21 -54.34 -6.92
N LEU D 261 -1.50 -54.25 -7.20
CA LEU D 261 -2.52 -54.24 -6.17
C LEU D 261 -2.90 -55.65 -5.75
N GLU D 262 -3.15 -55.80 -4.46
CA GLU D 262 -3.64 -57.04 -3.89
C GLU D 262 -5.10 -56.78 -3.47
N ARG D 263 -6.01 -57.61 -3.97
CA ARG D 263 -7.43 -57.53 -3.63
C ARG D 263 -7.88 -58.86 -3.04
N ASP D 264 -8.31 -58.84 -1.78
CA ASP D 264 -8.75 -60.04 -1.10
C ASP D 264 -7.64 -61.08 -1.08
N GLY D 265 -6.41 -60.62 -0.84
CA GLY D 265 -5.29 -61.54 -0.86
C GLY D 265 -4.77 -61.86 -2.25
N LYS D 266 -5.65 -61.88 -3.25
CA LYS D 266 -5.23 -62.13 -4.64
C LYS D 266 -4.59 -60.88 -5.22
N THR D 267 -3.43 -61.04 -5.85
CA THR D 267 -2.77 -59.94 -6.51
C THR D 267 -3.26 -59.84 -7.95
N LEU D 268 -3.42 -58.62 -8.43
CA LEU D 268 -3.96 -58.35 -9.76
C LEU D 268 -2.88 -58.00 -10.78
N SER D 269 -2.88 -58.71 -11.90
CA SER D 269 -1.75 -58.72 -12.84
C SER D 269 -1.57 -57.40 -13.57
N ASN D 270 -0.30 -57.04 -13.78
CA ASN D 270 0.12 -55.83 -14.51
C ASN D 270 -0.69 -54.61 -14.03
N THR D 271 -0.43 -54.25 -12.78
CA THR D 271 -1.05 -53.08 -12.16
C THR D 271 -0.02 -52.12 -11.56
N SER D 272 1.25 -52.23 -11.95
CA SER D 272 2.24 -51.34 -11.36
C SER D 272 2.35 -50.06 -12.16
N ASP D 273 2.98 -49.08 -11.55
CA ASP D 273 3.31 -47.82 -12.19
C ASP D 273 4.76 -47.53 -11.89
N ASP D 274 5.46 -46.96 -12.86
CA ASP D 274 6.81 -46.53 -12.55
C ASP D 274 7.13 -45.33 -13.41
N VAL D 275 7.83 -44.38 -12.82
CA VAL D 275 8.21 -43.17 -13.52
C VAL D 275 9.68 -42.95 -13.25
N VAL D 276 10.40 -42.60 -14.30
CA VAL D 276 11.81 -42.28 -14.24
C VAL D 276 11.96 -40.86 -14.74
N SER D 277 12.88 -40.11 -14.15
CA SER D 277 12.91 -38.73 -14.60
C SER D 277 14.26 -38.09 -14.33
N ALA D 278 14.66 -37.20 -15.24
CA ALA D 278 15.87 -36.41 -15.06
C ALA D 278 15.55 -34.95 -15.34
N GLN D 279 16.24 -34.06 -14.62
CA GLN D 279 16.00 -32.64 -14.75
C GLN D 279 17.28 -31.88 -14.45
N ILE D 280 17.53 -30.84 -15.23
CA ILE D 280 18.58 -29.88 -14.94
C ILE D 280 17.90 -28.58 -14.55
N MET D 281 18.40 -27.96 -13.48
CA MET D 281 17.80 -26.76 -12.93
C MET D 281 18.89 -25.72 -12.75
N TYR D 282 18.60 -24.49 -13.16
CA TYR D 282 19.53 -23.38 -13.08
C TYR D 282 18.99 -22.32 -12.16
N PHE D 283 19.79 -21.88 -11.20
CA PHE D 283 19.35 -20.88 -10.22
C PHE D 283 19.65 -19.45 -10.69
N VAL D 284 18.87 -19.03 -11.67
CA VAL D 284 19.06 -17.76 -12.37
C VAL D 284 18.87 -16.55 -11.48
N ASP D 285 18.13 -16.68 -10.38
CA ASP D 285 17.98 -15.63 -9.37
C ASP D 285 17.59 -16.34 -8.07
N PRO D 286 17.95 -15.79 -6.91
CA PRO D 286 17.49 -16.37 -5.64
C PRO D 286 16.01 -16.66 -5.61
N SER D 287 15.24 -15.89 -6.38
CA SER D 287 13.80 -15.95 -6.38
C SER D 287 13.25 -16.69 -7.60
N ALA D 288 14.12 -17.33 -8.40
CA ALA D 288 13.66 -17.98 -9.62
C ALA D 288 14.60 -19.09 -10.06
N VAL D 289 14.05 -19.99 -10.88
CA VAL D 289 14.79 -21.13 -11.40
C VAL D 289 14.40 -21.39 -12.84
N LEU D 290 15.37 -21.90 -13.61
CA LEU D 290 15.13 -22.44 -14.93
C LEU D 290 15.30 -23.92 -14.86
N TYR D 291 14.51 -24.66 -15.63
CA TYR D 291 14.66 -26.10 -15.55
C TYR D 291 14.24 -26.74 -16.84
N ALA D 292 14.93 -27.83 -17.17
CA ALA D 292 14.54 -28.73 -18.23
C ALA D 292 14.43 -30.13 -17.64
N ARG D 293 13.49 -30.90 -18.17
CA ARG D 293 13.20 -32.19 -17.56
C ARG D 293 12.54 -33.10 -18.58
N ALA D 294 12.87 -34.39 -18.51
CA ALA D 294 12.20 -35.39 -19.31
C ALA D 294 11.91 -36.59 -18.43
N ARG D 295 10.78 -37.25 -18.72
CA ARG D 295 10.27 -38.33 -17.88
C ARG D 295 9.55 -39.37 -18.73
N MET D 296 9.47 -40.58 -18.19
CA MET D 296 8.88 -41.73 -18.85
C MET D 296 7.90 -42.39 -17.88
N ASN D 297 6.65 -42.52 -18.28
CA ASN D 297 5.63 -43.12 -17.41
C ASN D 297 5.15 -44.43 -18.01
N ASP D 298 5.27 -45.52 -17.25
CA ASP D 298 4.63 -46.76 -17.63
C ASP D 298 3.52 -47.07 -16.64
N PHE D 299 2.31 -47.14 -17.15
CA PHE D 299 1.07 -47.25 -16.39
C PHE D 299 0.47 -48.63 -16.54
N ASN D 300 -0.57 -48.85 -15.74
CA ASN D 300 -1.24 -50.13 -15.57
C ASN D 300 -1.89 -50.61 -16.85
N GLU D 301 -2.30 -51.87 -16.83
CA GLU D 301 -3.01 -52.49 -17.94
C GLU D 301 -4.50 -52.64 -17.65
N GLY D 302 -5.00 -52.01 -16.59
CA GLY D 302 -6.43 -51.96 -16.37
C GLY D 302 -6.87 -52.56 -15.06
N LEU D 303 -8.04 -52.15 -14.57
CA LEU D 303 -8.53 -52.67 -13.31
C LEU D 303 -10.02 -52.45 -13.24
N ASP D 304 -10.78 -53.53 -13.12
CA ASP D 304 -12.20 -53.38 -12.87
C ASP D 304 -12.38 -53.04 -11.41
N GLY D 305 -13.16 -52.00 -11.12
CA GLY D 305 -13.53 -51.70 -9.75
C GLY D 305 -14.60 -52.64 -9.22
N LEU D 306 -14.88 -52.49 -7.93
CA LEU D 306 -15.91 -53.34 -7.31
C LEU D 306 -17.31 -53.11 -7.86
N ASP D 307 -17.51 -52.36 -8.95
CA ASP D 307 -18.82 -52.22 -9.57
C ASP D 307 -18.84 -52.86 -10.94
N ASP D 308 -17.88 -53.72 -11.23
CA ASP D 308 -17.70 -54.35 -12.53
C ASP D 308 -17.33 -53.35 -13.63
N ALA D 309 -17.23 -52.07 -13.31
CA ALA D 309 -16.76 -51.06 -14.22
C ALA D 309 -15.30 -50.76 -13.93
N ALA D 310 -14.61 -50.25 -14.95
CA ALA D 310 -13.22 -49.89 -14.80
C ALA D 310 -13.06 -48.87 -13.67
N ARG D 311 -11.82 -48.69 -13.23
CA ARG D 311 -11.46 -47.65 -12.30
C ARG D 311 -10.53 -46.69 -13.00
N TRP D 312 -10.69 -45.41 -12.74
CA TRP D 312 -9.79 -44.48 -13.36
C TRP D 312 -8.48 -44.48 -12.59
N THR D 313 -7.37 -44.52 -13.31
CA THR D 313 -6.05 -44.34 -12.76
C THR D 313 -5.30 -43.38 -13.65
N SER D 314 -4.19 -42.86 -13.15
CA SER D 314 -3.37 -41.98 -13.96
C SER D 314 -3.03 -42.60 -15.29
N GLY D 315 -3.12 -43.92 -15.39
CA GLY D 315 -2.86 -44.63 -16.62
C GLY D 315 -4.02 -44.81 -17.57
N THR D 316 -5.22 -44.32 -17.21
CA THR D 316 -6.35 -44.43 -18.12
C THR D 316 -6.14 -43.60 -19.39
N ASN D 317 -5.15 -42.71 -19.41
CA ASN D 317 -4.74 -42.02 -20.62
C ASN D 317 -3.62 -42.75 -21.36
N GLY D 318 -2.94 -43.71 -20.73
CA GLY D 318 -1.94 -44.51 -21.39
C GLY D 318 -0.52 -44.10 -21.03
N ASP D 319 0.43 -44.97 -21.35
CA ASP D 319 1.83 -44.64 -21.10
C ASP D 319 2.17 -43.39 -21.92
N TYR D 320 3.14 -42.60 -21.44
CA TYR D 320 3.53 -41.40 -22.18
C TYR D 320 4.84 -40.83 -21.64
N ASN D 321 5.53 -40.05 -22.49
CA ASN D 321 6.76 -39.33 -22.14
C ASN D 321 6.56 -37.84 -22.31
N GLU D 322 7.47 -37.06 -21.72
CA GLU D 322 7.32 -35.62 -21.77
C GLU D 322 8.68 -34.95 -21.60
N TYR D 323 8.98 -34.02 -22.49
CA TYR D 323 10.19 -33.23 -22.41
C TYR D 323 9.75 -31.79 -22.22
N SER D 324 10.42 -31.08 -21.31
CA SER D 324 9.89 -29.77 -20.94
C SER D 324 10.94 -28.87 -20.32
N VAL D 325 10.77 -27.58 -20.58
CA VAL D 325 11.47 -26.54 -19.87
C VAL D 325 10.44 -25.64 -19.24
N GLY D 326 10.85 -24.97 -18.17
CA GLY D 326 9.94 -24.08 -17.49
C GLY D 326 10.70 -23.03 -16.71
N VAL D 327 9.94 -22.10 -16.17
CA VAL D 327 10.48 -21.08 -15.30
C VAL D 327 9.59 -20.99 -14.06
N GLU D 328 10.17 -20.54 -12.95
CA GLU D 328 9.42 -20.35 -11.69
C GLU D 328 9.98 -19.17 -10.91
N TYR D 329 9.13 -18.19 -10.59
CA TYR D 329 9.51 -16.94 -9.90
C TYR D 329 8.62 -16.72 -8.67
N TYR D 330 9.21 -16.29 -7.57
CA TYR D 330 8.49 -16.10 -6.32
C TYR D 330 8.57 -14.66 -5.89
N PHE D 331 7.43 -14.09 -5.50
CA PHE D 331 7.45 -12.76 -4.90
C PHE D 331 6.37 -12.69 -3.81
N GLU E 1 5.80 -1.50 8.97
CA GLU E 1 4.47 -0.93 9.18
C GLU E 1 4.53 0.51 9.69
N VAL E 2 3.59 1.32 9.22
CA VAL E 2 3.42 2.69 9.68
C VAL E 2 2.29 2.73 10.69
N TYR E 3 2.46 3.56 11.71
CA TYR E 3 1.45 3.70 12.74
C TYR E 3 1.40 5.16 13.15
N GLY E 4 0.21 5.66 13.36
CA GLY E 4 0.10 7.03 13.78
C GLY E 4 -0.66 7.22 15.08
N ILE E 5 -0.40 8.36 15.72
CA ILE E 5 -1.24 8.86 16.78
C ILE E 5 -1.67 10.25 16.32
N ILE E 6 -2.94 10.40 15.98
CA ILE E 6 -3.50 11.70 15.63
C ILE E 6 -4.02 12.35 16.90
N ALA E 7 -3.65 13.63 17.12
CA ALA E 7 -3.86 14.24 18.43
C ALA E 7 -3.97 15.76 18.28
N MET E 8 -5.19 16.26 18.38
CA MET E 8 -5.42 17.70 18.34
C MET E 8 -6.17 18.09 19.59
N GLN E 9 -5.68 19.15 20.22
CA GLN E 9 -6.28 19.69 21.43
C GLN E 9 -6.32 21.19 21.24
N ALA E 10 -7.52 21.76 21.29
CA ALA E 10 -7.70 23.20 21.23
C ALA E 10 -7.77 23.73 22.65
N ALA E 11 -6.92 24.70 22.98
CA ALA E 11 -6.72 25.03 24.38
C ALA E 11 -6.47 26.52 24.54
N TYR E 12 -7.36 27.17 25.29
CA TYR E 12 -7.25 28.55 25.73
C TYR E 12 -6.67 28.59 27.15
N ARG E 13 -5.70 29.48 27.38
CA ARG E 13 -5.03 29.61 28.67
C ARG E 13 -5.16 31.04 29.18
N ASP E 14 -5.50 31.17 30.47
CA ASP E 14 -5.64 32.48 31.15
C ASP E 14 -4.51 32.59 32.17
N TYR E 15 -3.51 33.40 31.85
CA TYR E 15 -2.33 33.53 32.68
C TYR E 15 -2.45 34.71 33.63
N ASP E 16 -1.94 34.50 34.86
CA ASP E 16 -1.70 35.57 35.82
C ASP E 16 -0.26 35.52 36.32
N SER E 17 0.59 36.34 35.71
CA SER E 17 2.00 36.38 36.07
C SER E 17 2.32 37.62 36.88
N GLY E 18 1.47 38.64 36.84
CA GLY E 18 1.78 39.89 37.47
C GLY E 18 2.26 40.95 36.50
N ASP E 19 2.57 40.55 35.27
CA ASP E 19 2.89 41.45 34.20
C ASP E 19 1.87 41.17 33.12
N ALA E 20 1.06 42.18 32.79
CA ALA E 20 -0.02 41.93 31.86
C ALA E 20 0.50 41.79 30.44
N LYS E 21 1.59 42.49 30.10
CA LYS E 21 2.21 42.25 28.81
C LYS E 21 2.62 40.79 28.69
N GLN E 22 3.41 40.30 29.65
CA GLN E 22 3.76 38.88 29.65
C GLN E 22 2.51 38.00 29.72
N ASP E 23 1.50 38.43 30.47
CA ASP E 23 0.27 37.66 30.54
C ASP E 23 -0.39 37.49 29.17
N ASP E 24 -0.45 38.56 28.38
CA ASP E 24 -1.14 38.46 27.09
C ASP E 24 -0.36 37.60 26.12
N ASN E 25 0.96 37.65 26.21
CA ASN E 25 1.81 36.80 25.41
C ASN E 25 1.51 35.34 25.71
N LEU E 26 1.87 34.86 26.91
CA LEU E 26 1.76 33.43 27.22
C LEU E 26 0.33 32.95 27.14
N GLY E 27 -0.62 33.82 27.46
CA GLY E 27 -2.01 33.42 27.46
C GLY E 27 -2.60 33.52 26.09
N GLY E 28 -3.87 33.19 26.02
CA GLY E 28 -4.57 33.17 24.75
C GLY E 28 -4.80 31.74 24.29
N MET E 29 -5.41 31.63 23.12
CA MET E 29 -5.74 30.32 22.57
C MET E 29 -4.69 29.82 21.60
N GLN E 30 -4.48 28.51 21.59
CA GLN E 30 -3.60 27.86 20.63
C GLN E 30 -4.10 26.45 20.34
N LEU E 31 -3.53 25.87 19.28
CA LEU E 31 -3.75 24.48 18.94
C LEU E 31 -2.49 23.71 19.30
N ASN E 32 -2.65 22.67 20.12
CA ASN E 32 -1.55 21.79 20.52
C ASN E 32 -1.72 20.52 19.71
N ASN E 33 -1.07 20.46 18.57
CA ASN E 33 -1.09 19.27 17.74
C ASN E 33 0.01 18.37 18.21
N GLU E 34 -0.37 17.26 18.83
CA GLU E 34 0.57 16.24 19.25
C GLU E 34 0.52 15.01 18.34
N SER E 35 0.09 15.19 17.10
CA SER E 35 0.05 14.07 16.17
C SER E 35 1.46 13.61 15.84
N ARG E 36 1.58 12.32 15.55
CA ARG E 36 2.90 11.76 15.29
C ARG E 36 2.77 10.54 14.39
N ILE E 37 3.80 10.34 13.56
CA ILE E 37 3.89 9.19 12.68
C ILE E 37 5.17 8.43 13.04
N GLY E 38 5.07 7.11 13.04
CA GLY E 38 6.18 6.29 13.43
C GLY E 38 6.25 5.05 12.56
N PHE E 39 7.36 4.35 12.72
CA PHE E 39 7.55 3.09 12.02
C PHE E 39 8.14 2.06 12.97
N ARG E 40 7.64 0.84 12.86
CA ARG E 40 8.18 -0.22 13.68
C ARG E 40 8.03 -1.54 12.95
N GLY E 41 8.83 -2.52 13.37
CA GLY E 41 8.76 -3.84 12.78
C GLY E 41 9.48 -4.84 13.65
N LYS E 42 9.22 -6.10 13.36
CA LYS E 42 9.97 -7.18 13.92
C LYS E 42 10.48 -8.02 12.77
N LYS E 43 11.56 -8.78 13.00
CA LYS E 43 12.07 -9.68 11.98
C LYS E 43 12.72 -10.84 12.70
N GLN E 44 12.39 -12.05 12.29
CA GLN E 44 12.96 -13.25 12.89
C GLN E 44 14.28 -13.55 12.20
N PHE E 45 15.37 -13.25 12.89
CA PHE E 45 16.69 -13.54 12.36
C PHE E 45 16.87 -15.05 12.16
N ALA E 46 17.49 -15.41 11.03
CA ALA E 46 17.57 -16.82 10.67
C ALA E 46 18.31 -17.62 11.72
N ASN E 47 19.25 -16.98 12.41
CA ASN E 47 20.07 -17.63 13.42
C ASN E 47 19.87 -17.01 14.80
N PHE E 48 18.63 -16.87 15.25
CA PHE E 48 18.43 -16.20 16.53
C PHE E 48 17.01 -16.34 17.06
N GLU E 49 16.87 -17.05 18.16
CA GLU E 49 15.55 -17.21 18.76
C GLU E 49 15.01 -15.86 19.20
N PRO E 50 15.76 -15.00 19.89
CA PRO E 50 15.22 -13.68 20.23
C PRO E 50 14.83 -12.96 18.96
N THR E 51 13.63 -12.39 18.97
CA THR E 51 13.11 -11.71 17.79
C THR E 51 13.61 -10.28 17.73
N PHE E 52 14.19 -9.90 16.58
CA PHE E 52 14.68 -8.55 16.44
C PHE E 52 13.48 -7.63 16.26
N ILE E 53 13.48 -6.54 17.01
CA ILE E 53 12.41 -5.55 16.98
C ILE E 53 13.08 -4.20 16.87
N TRP E 54 12.34 -3.25 16.32
CA TRP E 54 12.86 -1.91 16.06
C TRP E 54 11.66 -0.99 15.94
N GLN E 55 11.87 0.28 16.28
CA GLN E 55 10.83 1.29 16.14
C GLN E 55 11.46 2.66 15.99
N ILE E 56 10.87 3.48 15.11
CA ILE E 56 11.23 4.88 14.96
C ILE E 56 9.96 5.73 15.03
N GLU E 57 9.79 6.46 16.12
CA GLU E 57 8.59 7.27 16.32
C GLU E 57 8.98 8.73 16.21
N GLY E 58 8.39 9.43 15.25
CA GLY E 58 8.63 10.86 15.10
C GLY E 58 7.97 11.68 16.20
N GLY E 59 8.30 12.97 16.21
CA GLY E 59 7.83 13.84 17.26
C GLY E 59 6.45 14.42 17.01
N TYR E 60 6.04 15.27 17.94
CA TYR E 60 4.80 16.01 17.79
C TYR E 60 4.91 16.98 16.62
N VAL E 61 3.92 16.95 15.72
CA VAL E 61 4.04 17.68 14.45
C VAL E 61 3.97 19.20 14.68
N ASP E 62 2.93 19.68 15.36
CA ASP E 62 2.88 21.09 15.74
C ASP E 62 2.38 21.19 17.17
N PRO E 63 3.27 21.08 18.13
CA PRO E 63 2.90 21.39 19.50
C PRO E 63 2.43 22.83 19.63
N SER E 64 1.72 23.09 20.72
CA SER E 64 1.47 24.46 21.12
C SER E 64 2.78 25.10 21.56
N PHE E 65 2.81 26.43 21.58
CA PHE E 65 3.99 27.19 22.02
C PHE E 65 5.26 26.85 21.25
N GLY E 66 5.15 26.14 20.13
CA GLY E 66 6.32 25.67 19.41
C GLY E 66 6.07 25.71 17.92
N GLY E 67 7.16 25.59 17.17
CA GLY E 67 7.08 25.67 15.73
C GLY E 67 6.59 24.40 15.09
N GLU E 68 6.46 24.46 13.77
CA GLU E 68 5.93 23.33 13.03
C GLU E 68 7.05 22.35 12.72
N GLY E 69 6.67 21.15 12.30
CA GLY E 69 7.68 20.19 11.90
C GLY E 69 8.34 19.42 13.03
N ALA E 70 8.51 18.11 12.81
CA ALA E 70 9.24 17.27 13.73
C ALA E 70 9.94 16.17 12.92
N GLY E 71 11.19 15.88 13.29
CA GLY E 71 11.95 14.81 12.67
C GLY E 71 11.47 13.45 13.11
N LEU E 72 12.16 12.42 12.63
CA LEU E 72 11.88 11.06 13.00
C LEU E 72 12.81 10.61 14.12
N GLY E 73 12.26 9.81 15.03
CA GLY E 73 13.04 9.39 16.18
C GLY E 73 13.13 10.40 17.29
N GLU E 74 12.23 11.38 17.34
CA GLU E 74 12.21 12.27 18.49
C GLU E 74 11.49 11.62 19.64
N ARG E 75 10.67 10.61 19.37
CA ARG E 75 10.02 9.90 20.43
C ARG E 75 10.64 8.51 20.52
N ASP E 76 9.94 7.58 21.15
CA ASP E 76 10.56 6.29 21.49
C ASP E 76 11.12 5.66 20.22
N THR E 77 12.44 5.65 20.05
CA THR E 77 13.03 5.11 18.83
C THR E 77 14.20 4.21 19.20
N PHE E 78 14.17 2.96 18.77
CA PHE E 78 15.02 1.95 19.37
C PHE E 78 15.07 0.69 18.52
N VAL E 79 16.06 -0.15 18.83
CA VAL E 79 16.15 -1.54 18.39
C VAL E 79 16.32 -2.39 19.65
N GLY E 80 15.95 -3.66 19.53
CA GLY E 80 16.03 -4.52 20.68
C GLY E 80 15.64 -5.92 20.30
N PHE E 81 15.60 -6.77 21.32
CA PHE E 81 15.34 -8.18 21.15
C PHE E 81 14.30 -8.62 22.15
N GLU E 82 13.57 -9.67 21.81
CA GLU E 82 12.52 -10.11 22.71
C GLU E 82 12.39 -11.62 22.64
N SER E 83 12.35 -12.24 23.81
CA SER E 83 12.01 -13.66 23.93
C SER E 83 10.88 -13.74 24.93
N ALA E 84 9.94 -14.66 24.69
CA ALA E 84 8.81 -14.73 25.59
C ALA E 84 9.24 -15.15 26.99
N SER E 85 10.26 -15.99 27.12
CA SER E 85 10.71 -16.43 28.44
C SER E 85 11.18 -15.24 29.28
N TRP E 86 12.13 -14.48 28.77
CA TRP E 86 12.78 -13.44 29.57
C TRP E 86 12.39 -12.02 29.16
N GLY E 87 11.43 -11.85 28.25
CA GLY E 87 10.86 -10.53 28.00
C GLY E 87 11.37 -9.80 26.77
N GLN E 88 11.99 -8.62 26.97
CA GLN E 88 12.46 -7.78 25.88
C GLN E 88 13.43 -6.69 26.36
N VAL E 89 14.63 -6.66 25.82
CA VAL E 89 15.56 -5.58 26.10
C VAL E 89 15.63 -4.67 24.88
N ARG E 90 15.66 -3.36 25.12
CA ARG E 90 15.69 -2.37 24.07
C ARG E 90 16.88 -1.46 24.29
N LEU E 91 17.40 -0.92 23.19
CA LEU E 91 18.51 0.02 23.20
C LEU E 91 18.09 1.22 22.39
N GLY E 92 18.38 2.39 22.90
CA GLY E 92 18.09 3.57 22.12
C GLY E 92 17.49 4.66 22.94
N ARG E 93 16.33 5.17 22.49
CA ARG E 93 15.62 6.26 23.15
C ARG E 93 14.28 5.74 23.62
N VAL E 94 14.14 5.58 24.94
CA VAL E 94 12.95 5.00 25.55
C VAL E 94 12.57 5.82 26.77
N LEU E 95 11.54 5.36 27.49
CA LEU E 95 11.07 5.97 28.72
C LEU E 95 11.72 5.27 29.92
N THR E 96 12.25 6.04 30.88
CA THR E 96 12.83 5.37 32.04
C THR E 96 11.70 4.67 32.80
N PRO E 97 12.01 3.66 33.61
CA PRO E 97 10.92 2.90 34.25
C PRO E 97 10.06 3.75 35.15
N MET E 98 10.65 4.75 35.80
CA MET E 98 9.86 5.58 36.67
C MET E 98 9.06 6.59 35.87
N TYR E 99 9.65 7.14 34.81
CA TYR E 99 8.95 8.17 34.06
C TYR E 99 7.64 7.66 33.50
N GLU E 100 7.60 6.39 33.08
CA GLU E 100 6.38 5.82 32.55
C GLU E 100 5.24 6.02 33.52
N LEU E 101 5.47 5.68 34.79
CA LEU E 101 4.44 5.78 35.81
C LEU E 101 4.11 7.20 36.13
N VAL E 102 5.01 8.15 35.87
CA VAL E 102 4.66 9.54 36.00
C VAL E 102 3.76 10.00 34.86
N ASP E 103 4.01 9.57 33.63
CA ASP E 103 3.15 9.93 32.52
C ASP E 103 1.81 9.25 32.62
N TRP E 104 1.82 8.01 32.93
CA TRP E 104 0.58 7.27 33.08
C TRP E 104 0.71 6.35 34.27
N PRO E 105 -0.23 6.45 35.21
CA PRO E 105 -1.39 7.32 35.00
C PRO E 105 -1.26 8.66 35.74
N ALA E 106 -0.08 8.95 36.26
CA ALA E 106 0.07 9.99 37.28
C ALA E 106 -0.08 11.40 36.75
N SER E 107 0.07 11.62 35.43
CA SER E 107 -0.11 12.96 34.88
C SER E 107 -1.34 13.00 33.95
N ASN E 108 -2.50 12.61 34.43
CA ASN E 108 -3.39 12.06 33.40
C ASN E 108 -4.43 13.05 32.91
N PRO E 109 -5.20 13.71 33.76
CA PRO E 109 -6.10 14.71 33.18
C PRO E 109 -5.41 16.06 33.09
N GLY E 110 -4.20 16.12 32.55
CA GLY E 110 -3.56 17.40 32.42
C GLY E 110 -2.77 17.92 33.62
N LEU E 111 -2.22 17.04 34.46
CA LEU E 111 -1.48 17.51 35.62
C LEU E 111 0.01 17.64 35.39
N GLY E 112 0.48 17.29 34.21
CA GLY E 112 1.91 17.16 34.01
C GLY E 112 2.72 18.37 34.45
N ASP E 113 2.26 19.57 34.12
CA ASP E 113 3.04 20.77 34.46
C ASP E 113 3.46 20.79 35.92
N VAL E 114 2.75 20.00 36.74
CA VAL E 114 3.00 19.96 38.16
C VAL E 114 3.66 18.66 38.60
N TYR E 115 3.20 17.52 38.09
CA TYR E 115 3.77 16.26 38.55
C TYR E 115 4.90 15.77 37.64
N ASP E 116 4.87 16.15 36.36
CA ASP E 116 5.83 15.70 35.36
C ASP E 116 7.12 16.47 35.57
N TRP E 117 7.21 17.72 35.09
CA TRP E 117 8.37 18.57 35.31
C TRP E 117 8.16 19.60 36.42
N GLY E 118 6.97 19.64 37.00
CA GLY E 118 6.70 20.52 38.11
C GLY E 118 7.62 20.23 39.27
N GLY E 119 8.83 20.75 39.23
CA GLY E 119 9.77 20.53 40.31
C GLY E 119 10.32 21.81 40.91
N ALA E 120 10.75 21.70 42.16
CA ALA E 120 11.53 22.74 42.78
C ALA E 120 12.92 22.26 43.15
N ILE E 121 13.17 20.95 43.09
CA ILE E 121 14.45 20.41 43.53
C ILE E 121 15.52 20.74 42.51
N GLY E 122 16.76 20.76 42.97
CA GLY E 122 17.91 20.94 42.12
C GLY E 122 18.35 19.63 41.48
N GLY E 123 19.41 19.72 40.70
CA GLY E 123 19.92 18.53 40.05
C GLY E 123 18.98 18.06 38.95
N ALA E 124 18.62 16.78 39.00
CA ALA E 124 17.80 16.18 37.96
C ALA E 124 16.96 15.08 38.59
N LYS E 125 15.70 15.39 38.91
CA LYS E 125 14.83 14.43 39.58
C LYS E 125 14.88 13.06 38.92
N TYR E 126 14.43 12.99 37.66
CA TYR E 126 14.41 11.74 36.90
C TYR E 126 14.47 12.10 35.44
N GLN E 127 14.18 11.15 34.57
CA GLN E 127 14.40 11.39 33.15
C GLN E 127 13.18 11.06 32.29
N ASP E 128 12.88 11.93 31.32
CA ASP E 128 11.79 11.73 30.38
C ASP E 128 12.14 10.58 29.44
N ARG E 129 12.69 10.95 28.30
CA ARG E 129 13.32 10.03 27.36
C ARG E 129 14.79 10.39 27.27
N GLN E 130 15.66 9.38 27.31
CA GLN E 130 17.10 9.57 27.13
C GLN E 130 17.47 8.67 25.97
N SER E 131 18.22 9.19 25.02
CA SER E 131 18.47 8.42 23.80
C SER E 131 19.70 7.54 23.87
N ASN E 132 20.22 7.25 25.06
CA ASN E 132 21.42 6.45 25.21
C ASN E 132 21.07 5.52 26.37
N THR E 133 20.31 4.47 26.07
CA THR E 133 19.69 3.72 27.15
C THR E 133 19.55 2.24 26.85
N ILE E 134 19.81 1.41 27.84
CA ILE E 134 19.45 0.00 27.77
C ILE E 134 18.33 -0.21 28.77
N ARG E 135 17.31 -0.94 28.37
CA ARG E 135 16.15 -1.14 29.21
C ARG E 135 15.59 -2.54 29.04
N TRP E 136 15.46 -3.26 30.13
CA TRP E 136 14.88 -4.59 30.11
C TRP E 136 13.49 -4.56 30.74
N ASP E 137 12.53 -5.15 30.05
CA ASP E 137 11.17 -5.37 30.56
C ASP E 137 10.96 -6.83 30.89
N SER E 138 10.43 -7.09 32.07
CA SER E 138 10.21 -8.48 32.40
C SER E 138 8.94 -8.98 31.76
N PRO E 139 8.81 -10.28 31.61
CA PRO E 139 7.50 -10.85 31.24
C PRO E 139 6.51 -10.63 32.37
N MET E 140 5.27 -10.99 32.11
CA MET E 140 4.25 -10.94 33.15
C MET E 140 4.32 -12.26 33.88
N TYR E 141 5.13 -12.30 34.94
CA TYR E 141 5.29 -13.54 35.69
C TYR E 141 3.96 -13.95 36.32
N ALA E 142 3.55 -15.18 36.05
CA ALA E 142 2.23 -15.69 36.42
C ALA E 142 1.14 -14.85 35.80
N ASP E 143 1.49 -14.07 34.78
CA ASP E 143 0.57 -13.08 34.20
C ASP E 143 0.06 -12.14 35.28
N LYS E 144 0.90 -11.90 36.28
CA LYS E 144 0.56 -11.04 37.39
C LYS E 144 1.69 -10.10 37.82
N PHE E 145 2.95 -10.45 37.62
CA PHE E 145 4.08 -9.71 38.15
C PHE E 145 5.04 -9.32 37.03
N SER E 146 5.54 -8.08 37.12
CA SER E 146 6.35 -7.50 36.06
C SER E 146 7.43 -6.61 36.66
N ILE E 147 8.65 -6.71 36.10
CA ILE E 147 9.78 -5.87 36.47
C ILE E 147 10.23 -5.11 35.23
N ASP E 148 10.53 -3.84 35.41
CA ASP E 148 11.04 -2.98 34.34
C ASP E 148 12.31 -2.37 34.92
N ALA E 149 13.38 -2.35 34.13
CA ALA E 149 14.67 -1.90 34.66
C ALA E 149 15.56 -1.39 33.53
N ALA E 150 16.34 -0.35 33.82
CA ALA E 150 17.07 0.32 32.77
C ALA E 150 18.23 1.12 33.34
N VAL E 151 19.29 1.24 32.54
CA VAL E 151 20.41 2.16 32.78
C VAL E 151 20.67 2.91 31.48
N GLY E 152 21.29 4.08 31.60
CA GLY E 152 21.55 4.85 30.40
C GLY E 152 22.48 6.02 30.64
N ALA E 153 22.83 6.70 29.56
CA ALA E 153 23.69 7.87 29.64
C ALA E 153 22.88 9.11 29.93
N GLY E 154 23.54 10.10 30.49
CA GLY E 154 22.88 11.34 30.85
C GLY E 154 22.64 12.28 29.68
N ASP E 155 21.97 13.40 30.00
CA ASP E 155 21.64 14.38 28.96
C ASP E 155 22.93 14.97 28.37
N LYS E 156 23.80 15.52 29.22
CA LYS E 156 25.03 16.14 28.72
C LYS E 156 26.02 15.09 28.23
N ALA E 157 26.05 13.93 28.87
CA ALA E 157 26.99 12.89 28.45
C ALA E 157 26.65 12.33 27.07
N GLY E 158 25.39 12.42 26.64
CA GLY E 158 25.02 11.98 25.31
C GLY E 158 25.49 12.90 24.19
N LEU E 159 26.09 14.03 24.54
CA LEU E 159 26.65 14.96 23.58
C LEU E 159 28.15 15.15 23.79
N GLY E 160 28.79 14.29 24.57
CA GLY E 160 30.21 14.43 24.82
C GLY E 160 30.59 15.67 25.60
N ALA E 161 29.67 16.20 26.40
CA ALA E 161 29.96 17.34 27.27
C ALA E 161 29.99 16.94 28.73
N GLY E 162 29.79 15.67 29.05
CA GLY E 162 29.76 15.30 30.44
C GLY E 162 29.80 13.80 30.61
N ASP E 163 29.57 13.39 31.87
CA ASP E 163 29.60 12.00 32.30
C ASP E 163 28.36 11.71 33.13
N ASP E 164 27.24 12.34 32.78
CA ASP E 164 26.00 12.03 33.45
C ASP E 164 25.64 10.58 33.16
N TYR E 165 25.04 9.93 34.14
CA TYR E 165 24.53 8.58 33.93
C TYR E 165 23.40 8.39 34.91
N TRP E 166 22.70 7.28 34.76
CA TRP E 166 21.49 7.11 35.54
C TRP E 166 21.05 5.66 35.43
N GLY E 167 20.34 5.21 36.46
CA GLY E 167 19.69 3.92 36.42
C GLY E 167 18.38 4.01 37.16
N GLY E 168 17.54 3.02 36.92
CA GLY E 168 16.21 3.05 37.48
C GLY E 168 15.53 1.72 37.29
N ILE E 169 14.55 1.47 38.17
CA ILE E 169 13.83 0.20 38.16
C ILE E 169 12.45 0.45 38.73
N ALA E 170 11.48 -0.35 38.31
CA ALA E 170 10.14 -0.27 38.88
C ALA E 170 9.48 -1.64 38.76
N ALA E 171 8.48 -1.88 39.62
CA ALA E 171 7.72 -3.13 39.50
C ALA E 171 6.22 -2.89 39.70
N HIS E 172 5.43 -3.83 39.16
CA HIS E 172 3.96 -3.76 39.15
C HIS E 172 3.38 -5.14 39.43
N TYR E 173 2.59 -5.23 40.49
CA TYR E 173 1.84 -6.43 40.81
C TYR E 173 0.36 -6.13 40.64
N LYS E 174 -0.36 -7.06 40.03
CA LYS E 174 -1.78 -6.91 39.69
C LYS E 174 -2.54 -7.88 40.57
N LEU E 175 -2.95 -7.41 41.76
CA LEU E 175 -3.74 -8.18 42.73
C LEU E 175 -5.20 -8.09 42.33
N GLY E 176 -5.67 -9.06 41.56
CA GLY E 176 -7.03 -9.02 41.09
C GLY E 176 -7.29 -7.70 40.42
N PRO E 177 -8.26 -6.95 40.98
CA PRO E 177 -8.61 -5.62 40.41
C PRO E 177 -7.57 -4.52 40.63
N LEU E 178 -6.67 -4.69 41.58
CA LEU E 178 -5.68 -3.69 41.95
C LEU E 178 -4.42 -3.76 41.09
N GLN E 179 -3.65 -2.68 41.11
CA GLN E 179 -2.27 -2.73 40.65
C GLN E 179 -1.40 -1.85 41.53
N LEU E 180 -0.34 -2.42 42.07
CA LEU E 180 0.60 -1.67 42.89
C LEU E 180 1.84 -1.34 42.06
N ASP E 181 2.35 -0.12 42.22
CA ASP E 181 3.47 0.40 41.45
C ASP E 181 4.53 0.93 42.40
N ALA E 182 5.76 0.49 42.24
CA ALA E 182 6.88 1.07 42.97
C ALA E 182 7.98 1.41 41.98
N ALA E 183 8.75 2.45 42.27
CA ALA E 183 9.75 2.85 41.28
C ALA E 183 10.89 3.63 41.92
N TYR E 184 12.07 3.48 41.32
CA TYR E 184 13.26 4.19 41.74
C TYR E 184 14.03 4.64 40.50
N GLU E 185 14.72 5.77 40.63
CA GLU E 185 15.66 6.19 39.59
C GLU E 185 16.69 7.12 40.22
N GLY E 186 17.96 6.82 39.99
CA GLY E 186 19.05 7.64 40.49
C GLY E 186 19.90 8.17 39.35
N ASN E 187 20.25 9.45 39.45
CA ASN E 187 21.13 10.10 38.48
C ASN E 187 22.42 10.49 39.20
N ARG E 188 23.52 10.52 38.44
CA ARG E 188 24.79 10.89 39.02
C ARG E 188 25.50 11.88 38.12
N ASN E 189 26.47 12.57 38.71
CA ASN E 189 27.35 13.47 37.99
C ASN E 189 26.56 14.53 37.22
N ILE E 190 25.52 15.07 37.85
CA ILE E 190 24.68 16.10 37.24
C ILE E 190 25.32 17.46 37.47
N GLU E 191 25.78 18.09 36.40
CA GLU E 191 26.44 19.38 36.51
C GLU E 191 25.37 20.46 36.36
N ALA E 192 25.18 21.26 37.41
CA ALA E 192 24.09 22.24 37.47
C ALA E 192 24.30 23.20 38.63
N GLU E 193 23.87 24.44 38.43
CA GLU E 193 23.98 25.50 39.44
C GLU E 193 25.43 25.65 39.94
N GLY E 194 26.38 25.26 39.10
CA GLY E 194 27.79 25.35 39.44
C GLY E 194 28.32 24.23 40.32
N GLN E 195 27.53 23.20 40.55
CA GLN E 195 27.90 22.11 41.43
C GLN E 195 27.59 20.80 40.72
N THR E 196 28.01 19.68 41.31
CA THR E 196 27.72 18.36 40.78
C THR E 196 26.73 17.68 41.72
N TRP E 197 25.67 17.11 41.14
CA TRP E 197 24.54 16.63 41.93
C TRP E 197 24.35 15.12 41.78
N GLU E 198 23.72 14.54 42.80
CA GLU E 198 23.28 13.16 42.82
C GLU E 198 21.82 13.14 43.23
N ASN E 199 20.94 12.64 42.38
CA ASN E 199 19.51 12.60 42.71
C ASN E 199 19.05 11.17 42.93
N ASN E 200 18.39 10.92 44.05
CA ASN E 200 17.71 9.66 44.30
C ASN E 200 16.21 9.91 44.46
N THR E 201 15.38 9.07 43.83
CA THR E 201 13.94 9.36 43.80
C THR E 201 13.10 8.08 43.76
N TYR E 202 12.06 8.04 44.58
CA TYR E 202 11.22 6.85 44.76
C TYR E 202 9.74 7.18 44.65
N LEU E 203 8.99 6.26 44.05
CA LEU E 203 7.59 6.43 43.70
C LEU E 203 6.79 5.22 44.17
N VAL E 204 5.65 5.49 44.79
CA VAL E 204 4.70 4.48 45.21
C VAL E 204 3.34 4.80 44.61
N GLY E 205 2.60 3.77 44.21
CA GLY E 205 1.35 4.05 43.53
C GLY E 205 0.42 2.86 43.51
N VAL E 206 -0.82 3.14 43.15
CA VAL E 206 -1.86 2.13 43.12
C VAL E 206 -2.86 2.45 42.00
N GLN E 207 -3.56 1.41 41.53
CA GLN E 207 -4.50 1.54 40.44
C GLN E 207 -5.65 0.53 40.55
N GLY E 208 -6.88 0.97 40.26
CA GLY E 208 -8.02 0.06 40.29
C GLY E 208 -9.06 0.37 39.24
N TRP E 209 -9.75 -0.68 38.78
CA TRP E 209 -10.83 -0.60 37.79
C TRP E 209 -11.92 -1.59 38.18
N PHE E 210 -13.09 -1.10 38.56
CA PHE E 210 -14.14 -1.95 39.09
C PHE E 210 -15.40 -1.84 38.25
N GLU E 211 -16.19 -2.92 38.26
CA GLU E 211 -17.37 -3.02 37.41
C GLU E 211 -18.29 -1.82 37.58
N ASN E 212 -18.37 -1.26 38.78
CA ASN E 212 -19.25 -0.13 38.96
C ASN E 212 -18.86 1.07 38.10
N GLY E 213 -17.72 1.03 37.42
CA GLY E 213 -17.32 2.15 36.60
C GLY E 213 -16.30 3.06 37.23
N ILE E 214 -15.94 2.85 38.48
CA ILE E 214 -14.93 3.67 39.12
C ILE E 214 -13.55 3.19 38.71
N SER E 215 -12.65 4.13 38.51
CA SER E 215 -11.26 3.83 38.28
C SER E 215 -10.46 4.84 39.06
N PHE E 216 -9.26 4.48 39.45
CA PHE E 216 -8.51 5.42 40.25
C PHE E 216 -7.03 5.10 40.18
N PHE E 217 -6.24 6.12 40.54
CA PHE E 217 -4.82 5.96 40.72
C PHE E 217 -4.38 6.95 41.78
N ALA E 218 -3.35 6.58 42.51
CA ALA E 218 -2.82 7.48 43.51
C ALA E 218 -1.34 7.18 43.64
N GLN E 219 -0.52 8.22 43.84
CA GLN E 219 0.92 8.06 43.82
C GLN E 219 1.62 9.04 44.73
N TYR E 220 2.67 8.54 45.36
CA TYR E 220 3.56 9.33 46.19
C TYR E 220 4.95 9.32 45.58
N LYS E 221 5.53 10.51 45.41
CA LYS E 221 6.82 10.69 44.76
C LYS E 221 7.76 11.31 45.78
N TYR E 222 8.87 10.63 46.08
CA TYR E 222 9.81 11.14 47.06
C TYR E 222 11.11 11.42 46.37
N MET E 223 11.50 12.67 46.38
CA MET E 223 12.62 13.17 45.60
C MET E 223 13.62 13.78 46.56
N GLU E 224 14.82 13.23 46.57
CA GLU E 224 15.94 13.75 47.33
C GLU E 224 17.04 14.12 46.34
N ALA E 225 17.92 15.01 46.77
CA ALA E 225 19.03 15.47 45.93
C ALA E 225 20.11 15.99 46.85
N ASP E 226 21.36 15.64 46.52
CA ASP E 226 22.51 16.00 47.33
C ASP E 226 23.57 16.62 46.43
N ALA E 227 24.01 17.81 46.78
CA ALA E 227 25.00 18.48 45.95
C ALA E 227 26.38 18.15 46.47
N SER E 228 27.37 18.22 45.57
CA SER E 228 28.69 17.76 45.94
C SER E 228 29.35 18.71 46.92
N ASN E 229 28.91 19.97 46.98
CA ASN E 229 29.40 20.89 48.00
C ASN E 229 28.76 20.64 49.35
N GLY E 230 28.01 19.55 49.50
CA GLY E 230 27.43 19.18 50.78
C GLY E 230 26.03 19.68 51.04
N VAL E 231 25.43 20.39 50.09
CA VAL E 231 24.05 20.78 50.31
C VAL E 231 23.19 19.53 50.15
N ASN E 232 22.08 19.49 50.87
CA ASN E 232 21.05 18.47 50.71
C ASN E 232 19.73 19.16 50.39
N GLU E 233 18.93 18.53 49.55
CA GLU E 233 17.60 19.03 49.24
C GLU E 233 16.63 17.87 49.19
N LYS E 234 15.39 18.10 49.65
CA LYS E 234 14.34 17.08 49.66
C LYS E 234 13.01 17.72 49.31
N GLN E 235 12.27 17.09 48.40
CA GLN E 235 10.92 17.52 48.05
C GLN E 235 10.09 16.29 47.69
N ASP E 236 8.79 16.38 47.96
CA ASP E 236 7.92 15.25 47.62
C ASP E 236 6.56 15.75 47.16
N ALA E 237 5.81 14.85 46.54
CA ALA E 237 4.63 15.23 45.78
C ALA E 237 3.70 14.03 45.68
N MET E 238 2.54 14.29 45.12
CA MET E 238 1.50 13.28 45.05
C MET E 238 0.64 13.52 43.84
N SER E 239 0.08 12.45 43.31
CA SER E 239 -0.90 12.62 42.26
C SER E 239 -1.96 11.56 42.38
N ALA E 240 -3.20 11.95 42.17
CA ALA E 240 -4.26 10.97 42.24
C ALA E 240 -5.41 11.41 41.37
N GLY E 241 -6.19 10.43 40.97
CA GLY E 241 -7.27 10.65 40.03
C GLY E 241 -8.43 9.70 40.25
N LEU E 242 -9.61 10.26 40.24
CA LEU E 242 -10.83 9.51 40.45
C LEU E 242 -11.66 9.67 39.20
N MET E 243 -12.19 8.57 38.70
CA MET E 243 -12.95 8.62 37.47
C MET E 243 -14.09 7.61 37.50
N TYR E 244 -15.23 8.05 36.98
CA TYR E 244 -16.39 7.21 36.77
C TYR E 244 -16.62 7.14 35.26
N THR E 245 -16.90 5.94 34.79
CA THR E 245 -17.04 5.67 33.36
C THR E 245 -18.35 4.95 33.18
N THR E 246 -19.28 5.61 32.51
CA THR E 246 -20.58 5.04 32.22
C THR E 246 -20.82 5.07 30.72
N GLY E 247 -21.27 3.94 30.19
CA GLY E 247 -21.62 3.88 28.77
C GLY E 247 -20.41 4.21 27.93
N ASP E 248 -20.52 5.25 27.08
CA ASP E 248 -19.39 5.74 26.29
C ASP E 248 -18.83 7.03 26.84
N TRP E 249 -18.89 7.20 28.15
CA TRP E 249 -18.48 8.42 28.81
C TRP E 249 -17.55 8.10 29.95
N GLN E 250 -16.61 9.01 30.19
CA GLN E 250 -15.79 8.96 31.39
C GLN E 250 -15.68 10.35 31.98
N TYR E 251 -16.12 10.50 33.22
CA TYR E 251 -15.84 11.70 34.00
C TYR E 251 -14.61 11.44 34.84
N LYS E 252 -13.76 12.44 34.99
CA LYS E 252 -12.48 12.25 35.64
C LYS E 252 -12.11 13.46 36.50
N LEU E 253 -11.49 13.17 37.63
CA LEU E 253 -11.02 14.19 38.54
C LEU E 253 -9.59 13.87 38.92
N GLY E 254 -8.70 14.82 38.70
CA GLY E 254 -7.30 14.64 39.02
C GLY E 254 -6.79 15.78 39.88
N TYR E 255 -5.90 15.44 40.80
CA TYR E 255 -5.27 16.45 41.64
C TYR E 255 -3.82 16.05 41.79
N ALA E 256 -2.93 17.01 41.61
CA ALA E 256 -1.51 16.77 41.88
C ALA E 256 -0.88 18.00 42.53
N ALA E 257 0.12 17.73 43.36
CA ALA E 257 0.80 18.81 44.06
C ALA E 257 2.18 18.36 44.47
N ASN E 258 3.18 19.18 44.15
CA ASN E 258 4.46 19.14 44.80
C ASN E 258 4.36 19.91 46.09
N PHE E 259 5.04 19.45 47.12
CA PHE E 259 5.00 20.13 48.41
C PHE E 259 6.25 20.99 48.56
N ASP E 260 6.27 21.75 49.65
CA ASP E 260 7.36 22.70 49.83
C ASP E 260 8.69 21.95 49.88
N LEU E 261 9.71 22.60 49.34
CA LEU E 261 11.03 22.00 49.26
C LEU E 261 11.76 22.23 50.57
N GLU E 262 12.53 21.22 50.98
CA GLU E 262 13.42 21.34 52.13
C GLU E 262 14.86 21.33 51.65
N ARG E 263 15.60 22.37 52.02
CA ARG E 263 17.01 22.49 51.67
C ARG E 263 17.84 22.58 52.94
N ASP E 264 18.70 21.58 53.15
CA ASP E 264 19.60 21.58 54.30
C ASP E 264 18.81 21.65 55.60
N GLY E 265 17.73 20.87 55.67
CA GLY E 265 16.84 20.84 56.82
C GLY E 265 15.80 21.95 56.87
N LYS E 266 16.18 23.14 56.39
CA LYS E 266 15.28 24.28 56.36
C LYS E 266 14.31 24.18 55.19
N THR E 267 13.06 24.54 55.45
CA THR E 267 12.01 24.56 54.44
C THR E 267 12.01 25.90 53.72
N LEU E 268 11.73 25.89 52.41
CA LEU E 268 11.64 27.10 51.60
C LEU E 268 10.17 27.50 51.47
N SER E 269 9.83 28.71 51.95
CA SER E 269 8.44 29.07 52.15
C SER E 269 7.75 29.34 50.82
N ASN E 270 6.47 28.95 50.74
CA ASN E 270 5.67 29.10 49.53
C ASN E 270 6.50 28.66 48.31
N THR E 271 6.83 27.36 48.24
CA THR E 271 7.48 26.78 47.05
C THR E 271 6.74 25.55 46.58
N SER E 272 5.50 25.36 47.00
CA SER E 272 4.70 24.23 46.53
C SER E 272 3.85 24.62 45.32
N ASP E 273 3.37 23.58 44.60
CA ASP E 273 2.52 23.71 43.42
C ASP E 273 1.29 22.84 43.61
N ASP E 274 0.15 23.27 43.07
CA ASP E 274 -1.07 22.49 43.18
C ASP E 274 -1.84 22.65 41.90
N VAL E 275 -2.42 21.55 41.40
CA VAL E 275 -3.22 21.59 40.19
C VAL E 275 -4.51 20.78 40.39
N VAL E 276 -5.63 21.37 39.98
CA VAL E 276 -6.91 20.70 39.94
C VAL E 276 -7.37 20.73 38.49
N SER E 277 -8.02 19.65 38.04
CA SER E 277 -8.46 19.56 36.65
C SER E 277 -9.62 18.58 36.56
N ALA E 278 -10.55 18.85 35.63
CA ALA E 278 -11.70 17.99 35.40
C ALA E 278 -11.83 17.70 33.92
N GLN E 279 -12.30 16.49 33.60
CA GLN E 279 -12.31 16.07 32.21
C GLN E 279 -13.51 15.20 31.90
N ILE E 280 -14.12 15.47 30.75
CA ILE E 280 -15.17 14.63 30.18
C ILE E 280 -14.62 14.02 28.89
N MET E 281 -14.88 12.73 28.71
CA MET E 281 -14.38 12.03 27.53
C MET E 281 -15.47 11.17 26.90
N TYR E 282 -15.54 11.22 25.58
CA TYR E 282 -16.52 10.47 24.81
C TYR E 282 -15.84 9.44 23.95
N PHE E 283 -16.30 8.20 24.01
CA PHE E 283 -15.70 7.12 23.23
C PHE E 283 -16.36 7.06 21.87
N VAL E 284 -16.00 8.06 21.06
CA VAL E 284 -16.66 8.29 19.78
C VAL E 284 -16.43 7.14 18.81
N ASP E 285 -15.36 6.39 19.00
CA ASP E 285 -15.09 5.23 18.17
C ASP E 285 -14.18 4.33 18.96
N PRO E 286 -14.22 3.02 18.72
CA PRO E 286 -13.20 2.15 19.32
C PRO E 286 -11.78 2.65 19.12
N SER E 287 -11.52 3.44 18.07
CA SER E 287 -10.18 3.87 17.74
C SER E 287 -9.87 5.31 18.08
N ALA E 288 -10.80 6.08 18.65
CA ALA E 288 -10.51 7.48 18.92
C ALA E 288 -11.46 8.04 19.98
N VAL E 289 -11.08 9.19 20.54
CA VAL E 289 -11.88 9.86 21.56
C VAL E 289 -11.84 11.38 21.38
N LEU E 290 -12.97 12.00 21.71
CA LEU E 290 -13.13 13.44 21.83
C LEU E 290 -13.25 13.76 23.32
N TYR E 291 -12.72 14.93 23.74
CA TYR E 291 -12.68 15.26 25.17
C TYR E 291 -12.68 16.77 25.40
N ALA E 292 -13.24 17.16 26.54
CA ALA E 292 -13.16 18.52 27.06
C ALA E 292 -12.52 18.51 28.44
N ARG E 293 -11.79 19.58 28.78
CA ARG E 293 -10.97 19.58 29.98
C ARG E 293 -10.72 20.98 30.53
N ALA E 294 -10.82 21.13 31.85
CA ALA E 294 -10.49 22.39 32.48
C ALA E 294 -9.68 22.17 33.75
N ARG E 295 -8.72 23.07 33.99
CA ARG E 295 -7.76 22.87 35.07
C ARG E 295 -7.30 24.21 35.65
N MET E 296 -6.82 24.15 36.90
CA MET E 296 -6.40 25.30 37.68
C MET E 296 -5.03 25.03 38.28
N ASN E 297 -4.03 25.86 37.91
CA ASN E 297 -2.63 25.70 38.30
C ASN E 297 -2.20 26.81 39.26
N ASP E 298 -1.76 26.44 40.46
CA ASP E 298 -1.16 27.37 41.42
C ASP E 298 0.30 27.00 41.63
N PHE E 299 1.21 27.89 41.24
CA PHE E 299 2.64 27.58 41.22
C PHE E 299 3.37 28.28 42.36
N ASN E 300 4.62 27.89 42.53
CA ASN E 300 5.49 28.44 43.55
C ASN E 300 5.79 29.92 43.30
N GLU E 301 6.29 30.59 44.33
CA GLU E 301 6.67 31.98 44.24
C GLU E 301 8.17 32.17 44.15
N GLY E 302 8.91 31.09 43.89
CA GLY E 302 10.32 31.24 43.60
C GLY E 302 11.31 30.47 44.45
N LEU E 303 12.50 30.27 43.90
CA LEU E 303 13.57 29.52 44.56
C LEU E 303 14.90 29.86 43.92
N ASP E 304 15.86 30.29 44.75
CA ASP E 304 17.23 30.44 44.28
C ASP E 304 17.93 29.09 44.31
N GLY E 305 18.61 28.73 43.22
CA GLY E 305 19.43 27.55 43.20
C GLY E 305 20.72 27.73 43.98
N LEU E 306 21.47 26.66 44.11
CA LEU E 306 22.70 26.81 44.85
C LEU E 306 23.70 27.67 44.19
N ASP E 307 23.42 28.45 43.16
CA ASP E 307 24.43 29.28 42.54
C ASP E 307 24.21 30.74 42.82
N ASP E 308 23.47 31.05 43.88
CA ASP E 308 23.07 32.41 44.21
C ASP E 308 22.14 32.98 43.13
N ALA E 309 21.97 32.21 42.06
CA ALA E 309 21.10 32.54 40.94
C ALA E 309 19.78 31.80 41.04
N ALA E 310 18.75 32.36 40.41
CA ALA E 310 17.42 31.74 40.42
C ALA E 310 17.49 30.32 39.89
N ARG E 311 16.48 29.55 40.23
CA ARG E 311 16.35 28.22 39.64
C ARG E 311 15.03 28.16 38.91
N TRP E 312 15.07 27.61 37.72
CA TRP E 312 13.87 27.52 36.89
C TRP E 312 12.98 26.41 37.42
N THR E 313 11.70 26.68 37.49
CA THR E 313 10.73 25.66 37.83
C THR E 313 9.60 25.70 36.82
N SER E 314 8.83 24.62 36.82
CA SER E 314 7.65 24.60 35.97
C SER E 314 6.77 25.80 36.23
N GLY E 315 6.86 26.36 37.41
CA GLY E 315 6.10 27.53 37.74
C GLY E 315 6.78 28.82 37.42
N THR E 316 7.98 28.77 36.84
CA THR E 316 8.69 30.01 36.59
C THR E 316 7.92 30.94 35.64
N ASN E 317 6.93 30.44 34.89
CA ASN E 317 6.19 31.32 33.99
C ASN E 317 4.97 31.95 34.63
N GLY E 318 4.51 31.44 35.76
CA GLY E 318 3.41 32.03 36.48
C GLY E 318 2.13 31.20 36.38
N ASP E 319 1.23 31.46 37.33
CA ASP E 319 -0.03 30.74 37.46
C ASP E 319 -0.91 30.96 36.23
N TYR E 320 -1.77 29.97 35.93
CA TYR E 320 -2.66 30.08 34.80
C TYR E 320 -3.74 29.00 34.92
N ASN E 321 -4.84 29.22 34.20
CA ASN E 321 -5.92 28.26 34.09
C ASN E 321 -6.09 27.86 32.64
N GLU E 322 -6.79 26.74 32.40
CA GLU E 322 -6.89 26.27 31.03
C GLU E 322 -8.12 25.42 30.78
N TYR E 323 -8.85 25.80 29.73
CA TYR E 323 -10.00 25.08 29.22
C TYR E 323 -9.66 24.55 27.84
N SER E 324 -10.12 23.34 27.53
CA SER E 324 -9.68 22.72 26.28
C SER E 324 -10.66 21.66 25.81
N VAL E 325 -10.76 21.54 24.49
CA VAL E 325 -11.32 20.37 23.84
C VAL E 325 -10.26 19.78 22.92
N GLY E 326 -10.34 18.47 22.72
CA GLY E 326 -9.36 17.83 21.86
C GLY E 326 -9.86 16.54 21.26
N VAL E 327 -9.07 16.01 20.33
CA VAL E 327 -9.34 14.70 19.77
C VAL E 327 -8.02 13.94 19.70
N GLU E 328 -8.12 12.63 19.79
CA GLU E 328 -6.98 11.73 19.71
C GLU E 328 -7.43 10.46 19.00
N TYR E 329 -6.70 10.08 17.95
CA TYR E 329 -7.03 8.95 17.10
C TYR E 329 -5.81 8.03 17.02
N TYR E 330 -6.06 6.73 17.09
CA TYR E 330 -5.00 5.72 17.13
C TYR E 330 -5.11 4.83 15.91
N PHE E 331 -3.99 4.63 15.23
CA PHE E 331 -3.91 3.77 14.08
C PHE E 331 -2.44 3.35 13.83
N GLU F 1 -7.77 0.95 -4.05
CA GLU F 1 -7.35 0.37 -2.77
C GLU F 1 -7.79 -1.06 -2.74
N VAL F 2 -7.00 -1.89 -2.08
CA VAL F 2 -7.36 -3.28 -1.82
C VAL F 2 -7.96 -3.32 -0.44
N TYR F 3 -9.06 -4.04 -0.31
CA TYR F 3 -9.75 -4.14 0.96
C TYR F 3 -10.29 -5.54 1.05
N GLY F 4 -10.21 -6.14 2.22
CA GLY F 4 -10.76 -7.45 2.41
C GLY F 4 -11.74 -7.45 3.56
N ILE F 5 -12.62 -8.43 3.50
CA ILE F 5 -13.36 -8.86 4.66
C ILE F 5 -13.02 -10.32 4.80
N ILE F 6 -12.22 -10.64 5.80
CA ILE F 6 -11.87 -12.00 6.12
C ILE F 6 -12.93 -12.53 7.08
N ALA F 7 -13.45 -13.74 6.81
CA ALA F 7 -14.66 -14.18 7.51
C ALA F 7 -14.76 -15.70 7.52
N MET F 8 -14.54 -16.30 8.67
CA MET F 8 -14.63 -17.74 8.83
C MET F 8 -15.66 -18.11 9.88
N GLN F 9 -16.48 -19.11 9.59
CA GLN F 9 -17.48 -19.58 10.53
C GLN F 9 -17.46 -21.10 10.50
N ALA F 10 -17.17 -21.70 11.65
CA ALA F 10 -17.22 -23.15 11.81
C ALA F 10 -18.57 -23.50 12.42
N ALA F 11 -19.32 -24.36 11.75
CA ALA F 11 -20.73 -24.47 12.03
C ALA F 11 -21.19 -25.91 11.88
N TYR F 12 -21.63 -26.49 12.99
CA TYR F 12 -22.23 -27.81 13.00
C TYR F 12 -23.72 -27.64 12.83
N ARG F 13 -24.29 -28.43 11.93
CA ARG F 13 -25.72 -28.36 11.64
C ARG F 13 -26.32 -29.72 11.91
N ASP F 14 -27.43 -29.74 12.61
CA ASP F 14 -28.19 -30.94 12.89
C ASP F 14 -29.54 -30.85 12.19
N TYR F 15 -29.68 -31.58 11.09
CA TYR F 15 -30.88 -31.55 10.26
C TYR F 15 -31.84 -32.63 10.74
N ASP F 16 -33.15 -32.32 10.65
CA ASP F 16 -34.21 -33.31 10.83
C ASP F 16 -35.09 -33.19 9.59
N SER F 17 -34.89 -34.07 8.62
CA SER F 17 -35.63 -33.98 7.38
C SER F 17 -36.69 -35.05 7.21
N GLY F 18 -36.60 -36.15 7.93
CA GLY F 18 -37.44 -37.29 7.67
C GLY F 18 -36.74 -38.40 6.93
N ASP F 19 -35.52 -38.14 6.45
CA ASP F 19 -34.65 -39.14 5.82
C ASP F 19 -33.29 -39.14 6.53
N ALA F 20 -32.90 -40.30 7.06
CA ALA F 20 -31.70 -40.33 7.89
C ALA F 20 -30.43 -40.17 7.05
N LYS F 21 -30.41 -40.71 5.84
CA LYS F 21 -29.31 -40.42 4.93
C LYS F 21 -29.25 -38.94 4.63
N GLN F 22 -30.37 -38.36 4.21
CA GLN F 22 -30.46 -36.94 3.95
C GLN F 22 -30.01 -36.13 5.15
N ASP F 23 -30.41 -36.53 6.36
CA ASP F 23 -29.94 -35.83 7.54
C ASP F 23 -28.42 -35.95 7.67
N ASP F 24 -27.87 -37.15 7.42
CA ASP F 24 -26.45 -37.40 7.59
C ASP F 24 -25.62 -36.65 6.56
N ASN F 25 -26.13 -36.52 5.35
CA ASN F 25 -25.55 -35.75 4.25
C ASN F 25 -25.52 -34.25 4.58
N LEU F 26 -26.71 -33.64 4.68
CA LEU F 26 -26.80 -32.20 4.87
C LEU F 26 -26.18 -31.74 6.18
N GLY F 27 -26.28 -32.56 7.23
CA GLY F 27 -25.74 -32.21 8.51
C GLY F 27 -24.27 -32.56 8.69
N GLY F 28 -23.78 -32.23 9.87
CA GLY F 28 -22.37 -32.36 10.18
C GLY F 28 -21.72 -31.00 10.30
N MET F 29 -20.40 -31.03 10.52
CA MET F 29 -19.63 -29.81 10.71
C MET F 29 -19.02 -29.35 9.40
N GLN F 30 -18.97 -28.03 9.20
CA GLN F 30 -18.32 -27.45 8.03
C GLN F 30 -17.70 -26.12 8.39
N LEU F 31 -16.80 -25.68 7.52
CA LEU F 31 -16.17 -24.37 7.60
C LEU F 31 -16.77 -23.47 6.53
N ASN F 32 -17.31 -22.34 6.95
CA ASN F 32 -17.87 -21.38 6.02
C ASN F 32 -16.95 -20.19 5.89
N ASN F 33 -16.11 -20.22 4.87
CA ASN F 33 -15.24 -19.08 4.59
C ASN F 33 -16.02 -18.09 3.73
N GLU F 34 -16.33 -16.96 4.32
CA GLU F 34 -16.96 -15.87 3.62
C GLU F 34 -15.97 -14.75 3.34
N SER F 35 -14.69 -15.06 3.36
CA SER F 35 -13.72 -14.01 3.10
C SER F 35 -13.80 -13.53 1.65
N ARG F 36 -13.43 -12.26 1.46
CA ARG F 36 -13.52 -11.61 0.17
C ARG F 36 -12.44 -10.56 0.05
N ILE F 37 -11.98 -10.35 -1.18
CA ILE F 37 -11.06 -9.28 -1.51
C ILE F 37 -11.78 -8.40 -2.50
N GLY F 38 -11.60 -7.10 -2.37
CA GLY F 38 -12.25 -6.18 -3.26
C GLY F 38 -11.31 -5.05 -3.63
N PHE F 39 -11.69 -4.31 -4.66
CA PHE F 39 -10.95 -3.17 -5.14
C PHE F 39 -11.92 -2.04 -5.41
N ARG F 40 -11.60 -0.86 -4.90
CA ARG F 40 -12.48 0.28 -5.06
C ARG F 40 -11.64 1.53 -5.14
N GLY F 41 -12.20 2.57 -5.76
CA GLY F 41 -11.45 3.80 -5.88
C GLY F 41 -12.33 4.96 -6.29
N LYS F 42 -11.79 6.15 -6.08
CA LYS F 42 -12.41 7.40 -6.52
C LYS F 42 -11.40 8.13 -7.37
N LYS F 43 -11.91 8.98 -8.25
CA LYS F 43 -11.07 9.72 -9.16
C LYS F 43 -11.78 11.03 -9.45
N GLN F 44 -11.08 12.14 -9.27
CA GLN F 44 -11.64 13.44 -9.62
C GLN F 44 -11.31 13.68 -11.10
N PHE F 45 -12.30 13.50 -11.98
CA PHE F 45 -12.03 13.76 -13.39
C PHE F 45 -11.74 15.24 -13.59
N ALA F 46 -10.69 15.53 -14.35
CA ALA F 46 -10.22 16.90 -14.47
C ALA F 46 -11.27 17.80 -15.10
N ASN F 47 -12.15 17.27 -15.93
CA ASN F 47 -13.13 18.13 -16.57
C ASN F 47 -14.55 17.74 -16.22
N PHE F 48 -14.84 17.49 -14.93
CA PHE F 48 -16.17 17.04 -14.49
C PHE F 48 -16.20 17.01 -12.95
N GLU F 49 -17.04 17.86 -12.32
CA GLU F 49 -16.96 18.02 -10.86
C GLU F 49 -17.35 16.78 -10.05
N PRO F 50 -18.43 16.08 -10.35
CA PRO F 50 -18.73 14.87 -9.58
C PRO F 50 -17.58 13.89 -9.60
N THR F 51 -17.29 13.34 -8.44
CA THR F 51 -16.15 12.46 -8.32
C THR F 51 -16.54 11.06 -8.77
N PHE F 52 -15.71 10.48 -9.61
CA PHE F 52 -15.91 9.13 -10.11
C PHE F 52 -15.58 8.12 -9.02
N ILE F 53 -16.40 7.09 -8.92
CA ILE F 53 -16.17 6.01 -7.98
C ILE F 53 -16.33 4.70 -8.71
N TRP F 54 -15.67 3.68 -8.20
CA TRP F 54 -15.71 2.35 -8.78
C TRP F 54 -15.33 1.36 -7.71
N GLN F 55 -15.87 0.15 -7.80
CA GLN F 55 -15.47 -0.91 -6.90
C GLN F 55 -15.71 -2.27 -7.54
N ILE F 56 -14.76 -3.18 -7.38
CA ILE F 56 -14.89 -4.58 -7.81
C ILE F 56 -14.58 -5.47 -6.61
N GLU F 57 -15.60 -6.13 -6.08
CA GLU F 57 -15.49 -6.98 -4.90
C GLU F 57 -15.67 -8.44 -5.31
N GLY F 58 -14.71 -9.28 -4.96
CA GLY F 58 -14.80 -10.70 -5.24
C GLY F 58 -15.78 -11.43 -4.32
N GLY F 59 -16.05 -12.69 -4.66
CA GLY F 59 -17.03 -13.49 -3.95
C GLY F 59 -16.48 -14.24 -2.72
N TYR F 60 -17.38 -15.00 -2.08
CA TYR F 60 -16.98 -15.85 -0.97
C TYR F 60 -16.06 -16.93 -1.48
N VAL F 61 -14.90 -17.04 -0.84
CA VAL F 61 -13.82 -17.88 -1.38
C VAL F 61 -14.16 -19.38 -1.25
N ASP F 62 -14.48 -19.85 -0.05
CA ASP F 62 -15.02 -21.19 0.13
C ASP F 62 -16.20 -21.16 1.08
N PRO F 63 -17.39 -20.89 0.57
CA PRO F 63 -18.59 -21.06 1.39
C PRO F 63 -18.75 -22.49 1.90
N SER F 64 -19.53 -22.62 2.97
CA SER F 64 -19.97 -23.95 3.32
C SER F 64 -20.91 -24.46 2.24
N PHE F 65 -21.15 -25.76 2.24
CA PHE F 65 -22.03 -26.39 1.26
C PHE F 65 -21.60 -26.14 -0.16
N GLY F 66 -20.38 -25.63 -0.37
CA GLY F 66 -19.95 -25.26 -1.71
C GLY F 66 -18.49 -25.50 -1.97
N GLY F 67 -18.15 -25.45 -3.26
CA GLY F 67 -16.79 -25.61 -3.68
C GLY F 67 -16.01 -24.31 -3.53
N GLU F 68 -14.72 -24.42 -3.79
CA GLU F 68 -13.78 -23.31 -3.62
C GLU F 68 -13.73 -22.41 -4.85
N GLY F 69 -13.13 -21.24 -4.67
CA GLY F 69 -12.89 -20.29 -5.75
C GLY F 69 -14.08 -19.42 -6.13
N ALA F 70 -13.83 -18.10 -6.23
CA ALA F 70 -14.81 -17.14 -6.72
C ALA F 70 -14.08 -16.01 -7.40
N GLY F 71 -14.63 -15.56 -8.53
CA GLY F 71 -14.03 -14.49 -9.29
C GLY F 71 -14.15 -13.14 -8.61
N LEU F 72 -13.69 -12.11 -9.31
CA LEU F 72 -13.80 -10.74 -8.88
C LEU F 72 -15.03 -10.12 -9.50
N GLY F 73 -15.73 -9.30 -8.73
CA GLY F 73 -16.96 -8.77 -9.24
C GLY F 73 -18.14 -9.69 -9.08
N GLU F 74 -18.04 -10.66 -8.16
CA GLU F 74 -19.17 -11.51 -7.77
C GLU F 74 -20.06 -10.86 -6.73
N ARG F 75 -19.55 -9.87 -5.99
CA ARG F 75 -20.31 -9.08 -5.05
C ARG F 75 -20.41 -7.65 -5.59
N ASP F 76 -20.58 -6.67 -4.70
CA ASP F 76 -20.89 -5.32 -5.17
C ASP F 76 -19.83 -4.82 -6.16
N THR F 77 -20.20 -4.70 -7.43
CA THR F 77 -19.26 -4.21 -8.45
C THR F 77 -19.93 -3.21 -9.37
N PHE F 78 -19.35 -2.03 -9.46
CA PHE F 78 -20.07 -0.91 -10.04
C PHE F 78 -19.09 0.22 -10.33
N VAL F 79 -19.57 1.15 -11.16
CA VAL F 79 -18.93 2.46 -11.30
C VAL F 79 -20.02 3.47 -11.02
N GLY F 80 -19.59 4.68 -10.67
CA GLY F 80 -20.59 5.69 -10.41
C GLY F 80 -19.96 7.03 -10.07
N PHE F 81 -20.83 7.96 -9.75
CA PHE F 81 -20.45 9.34 -9.51
C PHE F 81 -21.08 9.78 -8.22
N GLU F 82 -20.46 10.76 -7.57
CA GLU F 82 -21.00 11.30 -6.33
C GLU F 82 -20.69 12.79 -6.24
N SER F 83 -21.74 13.57 -5.96
CA SER F 83 -21.61 14.98 -5.57
C SER F 83 -22.40 15.16 -4.29
N ALA F 84 -21.92 16.08 -3.45
CA ALA F 84 -22.53 16.29 -2.14
C ALA F 84 -23.98 16.77 -2.23
N SER F 85 -24.30 17.54 -3.27
CA SER F 85 -25.66 18.05 -3.40
C SER F 85 -26.66 16.92 -3.55
N TRP F 86 -26.53 16.11 -4.61
CA TRP F 86 -27.59 15.18 -5.03
C TRP F 86 -27.28 13.71 -4.75
N GLY F 87 -26.19 13.41 -4.03
CA GLY F 87 -25.98 12.05 -3.56
C GLY F 87 -24.97 11.21 -4.30
N GLN F 88 -25.42 10.09 -4.88
CA GLN F 88 -24.50 9.07 -5.41
C GLN F 88 -25.25 8.16 -6.36
N VAL F 89 -24.88 8.18 -7.63
CA VAL F 89 -25.39 7.23 -8.59
C VAL F 89 -24.30 6.22 -8.89
N ARG F 90 -24.66 4.94 -8.84
CA ARG F 90 -23.76 3.85 -9.15
C ARG F 90 -24.47 2.94 -10.16
N LEU F 91 -23.71 2.38 -11.09
CA LEU F 91 -24.29 1.50 -12.09
C LEU F 91 -23.51 0.21 -12.16
N GLY F 92 -24.25 -0.88 -12.24
CA GLY F 92 -23.65 -2.18 -12.33
C GLY F 92 -24.43 -3.14 -11.46
N ARG F 93 -23.70 -3.69 -10.48
CA ARG F 93 -24.22 -4.68 -9.55
C ARG F 93 -24.17 -4.09 -8.14
N VAL F 94 -25.34 -3.82 -7.56
CA VAL F 94 -25.47 -3.28 -6.21
C VAL F 94 -26.58 -4.07 -5.54
N LEU F 95 -26.95 -3.70 -4.30
CA LEU F 95 -28.05 -4.35 -3.58
C LEU F 95 -29.32 -3.51 -3.75
N THR F 96 -30.47 -4.15 -4.02
CA THR F 96 -31.65 -3.30 -4.20
C THR F 96 -31.92 -2.59 -2.88
N PRO F 97 -32.65 -1.47 -2.91
CA PRO F 97 -32.84 -0.73 -1.67
C PRO F 97 -33.55 -1.53 -0.62
N MET F 98 -34.45 -2.42 -1.04
CA MET F 98 -35.14 -3.23 -0.04
C MET F 98 -34.26 -4.34 0.49
N TYR F 99 -33.49 -5.01 -0.38
CA TYR F 99 -32.63 -6.07 0.14
C TYR F 99 -31.66 -5.53 1.17
N GLU F 100 -31.24 -4.27 1.02
CA GLU F 100 -30.37 -3.66 2.00
C GLU F 100 -30.92 -3.85 3.40
N LEU F 101 -32.19 -3.47 3.59
CA LEU F 101 -32.83 -3.58 4.90
C LEU F 101 -33.13 -5.02 5.26
N VAL F 102 -33.22 -5.91 4.27
CA VAL F 102 -33.47 -7.31 4.58
C VAL F 102 -32.22 -7.94 5.16
N ASP F 103 -31.06 -7.60 4.60
CA ASP F 103 -29.82 -8.14 5.13
C ASP F 103 -29.49 -7.51 6.46
N TRP F 104 -29.39 -6.19 6.47
CA TRP F 104 -29.13 -5.50 7.70
C TRP F 104 -30.30 -4.59 8.02
N PRO F 105 -30.88 -4.74 9.21
CA PRO F 105 -30.29 -5.74 10.10
C PRO F 105 -31.15 -6.99 10.16
N ALA F 106 -32.12 -7.08 9.27
CA ALA F 106 -33.22 -8.00 9.47
C ALA F 106 -32.86 -9.48 9.31
N SER F 107 -31.70 -9.82 8.75
CA SER F 107 -31.42 -11.24 8.56
C SER F 107 -30.33 -11.81 9.45
N ASN F 108 -29.67 -11.00 10.22
CA ASN F 108 -28.59 -11.48 11.05
C ASN F 108 -29.02 -11.49 12.51
N PRO F 109 -28.66 -12.52 13.30
CA PRO F 109 -27.80 -13.71 13.20
C PRO F 109 -28.50 -14.99 12.77
N GLY F 110 -28.40 -15.40 11.51
CA GLY F 110 -28.98 -16.66 11.10
C GLY F 110 -30.45 -16.60 10.80
N LEU F 111 -30.99 -15.39 10.68
CA LEU F 111 -32.38 -15.21 10.35
C LEU F 111 -32.56 -15.21 8.85
N GLY F 112 -31.44 -15.29 8.14
CA GLY F 112 -31.47 -15.22 6.70
C GLY F 112 -32.27 -16.34 6.07
N ASP F 113 -32.03 -17.59 6.50
CA ASP F 113 -32.72 -18.72 5.89
C ASP F 113 -34.21 -18.47 5.83
N VAL F 114 -34.70 -17.58 6.70
CA VAL F 114 -36.13 -17.33 6.85
C VAL F 114 -36.53 -15.97 6.33
N TYR F 115 -35.76 -14.93 6.63
CA TYR F 115 -36.19 -13.61 6.19
C TYR F 115 -35.62 -13.23 4.83
N ASP F 116 -34.45 -13.77 4.48
CA ASP F 116 -33.73 -13.39 3.28
C ASP F 116 -34.27 -14.05 2.02
N TRP F 117 -33.90 -15.29 1.75
CA TRP F 117 -34.44 -15.98 0.59
C TRP F 117 -35.55 -16.95 0.96
N GLY F 118 -35.80 -17.13 2.25
CA GLY F 118 -36.85 -17.97 2.78
C GLY F 118 -38.25 -17.55 2.39
N GLY F 119 -38.68 -17.87 1.19
CA GLY F 119 -40.00 -17.45 0.80
C GLY F 119 -40.85 -18.65 0.46
N ALA F 120 -42.15 -18.50 0.53
CA ALA F 120 -43.08 -19.52 0.07
C ALA F 120 -43.86 -19.05 -1.13
N ILE F 121 -43.75 -17.77 -1.46
CA ILE F 121 -44.50 -17.11 -2.51
C ILE F 121 -43.99 -17.53 -3.89
N GLY F 122 -44.87 -17.39 -4.89
CA GLY F 122 -44.48 -17.60 -6.27
C GLY F 122 -43.84 -16.36 -6.89
N GLY F 123 -43.42 -16.51 -8.14
CA GLY F 123 -42.79 -15.39 -8.86
C GLY F 123 -41.42 -15.08 -8.31
N ALA F 124 -41.15 -13.80 -8.01
CA ALA F 124 -39.84 -13.37 -7.50
C ALA F 124 -40.07 -12.16 -6.61
N LYS F 125 -40.09 -12.39 -5.28
CA LYS F 125 -40.39 -11.34 -4.30
C LYS F 125 -39.59 -10.07 -4.52
N TYR F 126 -38.26 -10.16 -4.41
CA TYR F 126 -37.34 -9.04 -4.56
C TYR F 126 -35.98 -9.59 -5.01
N GLN F 127 -34.93 -8.79 -4.91
CA GLN F 127 -33.64 -9.21 -5.44
C GLN F 127 -32.48 -8.98 -4.48
N ASP F 128 -31.61 -9.97 -4.38
CA ASP F 128 -30.35 -9.82 -3.69
C ASP F 128 -29.31 -9.47 -4.75
N ARG F 129 -28.63 -8.33 -4.58
CA ARG F 129 -27.56 -7.95 -5.51
C ARG F 129 -28.10 -7.61 -6.91
N GLN F 130 -27.97 -8.50 -7.89
CA GLN F 130 -28.40 -8.25 -9.29
C GLN F 130 -27.51 -7.26 -10.03
N SER F 131 -27.11 -7.66 -11.23
CA SER F 131 -26.33 -6.79 -12.08
C SER F 131 -27.32 -6.04 -12.96
N ASN F 132 -26.81 -5.16 -13.83
CA ASN F 132 -27.66 -4.34 -14.67
C ASN F 132 -28.66 -3.55 -13.82
N THR F 133 -28.10 -2.60 -13.12
CA THR F 133 -28.86 -1.87 -12.14
C THR F 133 -28.27 -0.47 -12.07
N ILE F 134 -29.12 0.52 -11.97
CA ILE F 134 -28.67 1.84 -11.58
C ILE F 134 -29.29 2.14 -10.24
N ARG F 135 -28.52 2.76 -9.35
CA ARG F 135 -28.95 3.00 -7.98
C ARG F 135 -28.51 4.38 -7.54
N TRP F 136 -29.47 5.18 -7.08
CA TRP F 136 -29.20 6.49 -6.54
C TRP F 136 -29.42 6.46 -5.03
N ASP F 137 -28.42 6.90 -4.28
CA ASP F 137 -28.49 7.10 -2.84
C ASP F 137 -28.51 8.60 -2.59
N SER F 138 -29.52 9.07 -1.85
CA SER F 138 -29.70 10.49 -1.57
C SER F 138 -28.84 10.89 -0.40
N PRO F 139 -28.51 12.18 -0.28
CA PRO F 139 -27.76 12.64 0.89
C PRO F 139 -28.58 12.47 2.15
N MET F 140 -27.94 12.75 3.27
CA MET F 140 -28.64 12.80 4.54
C MET F 140 -29.21 14.21 4.66
N TYR F 141 -30.41 14.36 4.13
CA TYR F 141 -31.09 15.65 4.14
C TYR F 141 -31.39 16.09 5.57
N ALA F 142 -31.05 17.35 5.86
CA ALA F 142 -31.25 17.95 7.17
C ALA F 142 -30.55 17.19 8.28
N ASP F 143 -29.60 16.34 7.89
CA ASP F 143 -28.95 15.42 8.82
C ASP F 143 -29.99 14.54 9.53
N LYS F 144 -31.13 14.27 8.86
CA LYS F 144 -32.20 13.43 9.39
C LYS F 144 -32.80 12.46 8.38
N PHE F 145 -32.79 12.77 7.10
CA PHE F 145 -33.62 12.09 6.13
C PHE F 145 -32.83 11.62 4.93
N SER F 146 -33.15 10.41 4.44
CA SER F 146 -32.42 9.82 3.33
C SER F 146 -33.35 8.95 2.48
N ILE F 147 -33.10 8.96 1.16
CA ILE F 147 -33.84 8.17 0.18
C ILE F 147 -32.87 7.27 -0.55
N ASP F 148 -33.31 6.04 -0.82
CA ASP F 148 -32.58 5.13 -1.68
C ASP F 148 -33.58 4.65 -2.74
N ALA F 149 -33.17 4.67 -4.00
CA ALA F 149 -34.07 4.39 -5.12
C ALA F 149 -33.29 3.83 -6.31
N ALA F 150 -33.89 2.85 -6.99
CA ALA F 150 -33.17 2.11 -8.01
C ALA F 150 -34.08 1.32 -8.94
N VAL F 151 -33.64 1.17 -10.19
CA VAL F 151 -34.22 0.26 -11.18
C VAL F 151 -33.11 -0.54 -11.86
N GLY F 152 -33.50 -1.70 -12.38
CA GLY F 152 -32.54 -2.58 -13.02
C GLY F 152 -33.22 -3.67 -13.81
N ALA F 153 -32.38 -4.44 -14.51
CA ALA F 153 -32.85 -5.53 -15.35
C ALA F 153 -33.00 -6.81 -14.56
N GLY F 154 -33.83 -7.69 -15.08
CA GLY F 154 -34.15 -8.92 -14.41
C GLY F 154 -33.08 -9.99 -14.50
N ASP F 155 -33.37 -11.13 -13.87
CA ASP F 155 -32.41 -12.22 -13.89
C ASP F 155 -32.24 -12.75 -15.31
N LYS F 156 -33.33 -13.17 -15.97
CA LYS F 156 -33.20 -13.71 -17.31
C LYS F 156 -32.87 -12.63 -18.34
N ALA F 157 -33.37 -11.41 -18.14
CA ALA F 157 -33.09 -10.35 -19.09
C ALA F 157 -31.61 -10.02 -19.14
N GLY F 158 -30.88 -10.34 -18.08
CA GLY F 158 -29.45 -10.09 -18.05
C GLY F 158 -28.64 -11.02 -18.93
N LEU F 159 -29.26 -12.07 -19.45
CA LEU F 159 -28.62 -12.92 -20.43
C LEU F 159 -29.39 -12.89 -21.73
N GLY F 160 -30.26 -11.90 -21.92
CA GLY F 160 -31.06 -11.86 -23.12
C GLY F 160 -31.98 -13.04 -23.24
N ALA F 161 -32.38 -13.62 -22.11
CA ALA F 161 -33.28 -14.76 -22.09
C ALA F 161 -34.68 -14.37 -21.65
N GLY F 162 -34.92 -13.09 -21.44
CA GLY F 162 -36.23 -12.64 -21.02
C GLY F 162 -36.27 -11.13 -21.00
N ASP F 163 -37.29 -10.62 -20.34
CA ASP F 163 -37.48 -9.20 -20.11
C ASP F 163 -37.88 -8.93 -18.66
N ASP F 164 -37.33 -9.70 -17.71
CA ASP F 164 -37.58 -9.36 -16.31
C ASP F 164 -36.99 -7.99 -16.04
N TYR F 165 -37.66 -7.21 -15.19
CA TYR F 165 -37.10 -5.95 -14.73
C TYR F 165 -37.75 -5.62 -13.41
N TRP F 166 -37.29 -4.54 -12.78
CA TRP F 166 -37.76 -4.26 -11.43
C TRP F 166 -37.36 -2.84 -11.07
N GLY F 167 -38.07 -2.29 -10.11
CA GLY F 167 -37.65 -1.07 -9.46
C GLY F 167 -37.95 -1.18 -7.99
N GLY F 168 -37.37 -0.28 -7.21
CA GLY F 168 -37.52 -0.37 -5.78
C GLY F 168 -37.05 0.90 -5.12
N ILE F 169 -37.55 1.14 -3.92
CA ILE F 169 -37.26 2.40 -3.25
C ILE F 169 -37.32 2.18 -1.75
N ALA F 170 -36.53 2.96 -1.02
CA ALA F 170 -36.53 2.85 0.42
C ALA F 170 -36.22 4.21 1.07
N ALA F 171 -36.70 4.40 2.29
CA ALA F 171 -36.41 5.63 2.98
C ALA F 171 -36.11 5.35 4.45
N HIS F 172 -35.42 6.31 5.07
CA HIS F 172 -34.91 6.23 6.45
C HIS F 172 -35.07 7.57 7.16
N TYR F 173 -35.78 7.59 8.28
CA TYR F 173 -35.85 8.79 9.11
C TYR F 173 -35.21 8.54 10.48
N LYS F 174 -34.48 9.53 10.97
CA LYS F 174 -33.70 9.44 12.21
C LYS F 174 -34.29 10.32 13.30
N LEU F 175 -35.16 9.74 14.12
CA LEU F 175 -35.66 10.39 15.34
C LEU F 175 -34.75 10.03 16.51
N GLY F 176 -33.77 10.87 16.80
CA GLY F 176 -32.86 10.60 17.89
C GLY F 176 -32.30 9.20 17.79
N PRO F 177 -32.54 8.40 18.83
CA PRO F 177 -32.06 7.01 18.81
C PRO F 177 -32.81 6.14 17.84
N LEU F 178 -33.98 6.57 17.39
CA LEU F 178 -34.70 5.73 16.46
C LEU F 178 -34.28 5.99 15.03
N GLN F 179 -34.58 5.00 14.19
CA GLN F 179 -34.54 5.13 12.76
C GLN F 179 -35.75 4.41 12.18
N LEU F 180 -36.49 5.08 11.34
CA LEU F 180 -37.60 4.46 10.68
C LEU F 180 -37.16 3.99 9.30
N ASP F 181 -37.59 2.78 8.93
CA ASP F 181 -37.17 2.14 7.70
C ASP F 181 -38.40 1.80 6.90
N ALA F 182 -38.49 2.30 5.69
CA ALA F 182 -39.51 1.83 4.80
C ALA F 182 -38.88 1.55 3.45
N ALA F 183 -39.46 0.58 2.74
CA ALA F 183 -38.93 0.16 1.46
C ALA F 183 -39.99 -0.55 0.65
N TYR F 184 -39.88 -0.42 -0.67
CA TYR F 184 -40.77 -1.09 -1.59
C TYR F 184 -39.96 -1.62 -2.75
N GLU F 185 -40.42 -2.72 -3.35
CA GLU F 185 -39.81 -3.19 -4.58
C GLU F 185 -40.77 -4.07 -5.37
N GLY F 186 -40.90 -3.79 -6.67
CA GLY F 186 -41.80 -4.56 -7.54
C GLY F 186 -41.07 -5.20 -8.71
N ASN F 187 -41.43 -6.43 -9.03
CA ASN F 187 -40.85 -7.12 -10.19
C ASN F 187 -41.89 -7.38 -11.26
N ARG F 188 -41.45 -7.32 -12.53
CA ARG F 188 -42.35 -7.53 -13.65
C ARG F 188 -41.73 -8.50 -14.65
N ASN F 189 -42.63 -9.14 -15.42
CA ASN F 189 -42.24 -10.11 -16.43
C ASN F 189 -41.39 -11.23 -15.86
N ILE F 190 -41.74 -11.68 -14.66
CA ILE F 190 -41.03 -12.78 -14.01
C ILE F 190 -41.65 -14.09 -14.51
N GLU F 191 -40.90 -14.82 -15.33
CA GLU F 191 -41.39 -16.05 -15.93
C GLU F 191 -41.04 -17.22 -15.00
N ALA F 192 -42.06 -17.93 -14.54
CA ALA F 192 -41.90 -18.97 -13.54
C ALA F 192 -43.15 -19.83 -13.48
N GLU F 193 -42.96 -21.11 -13.15
CA GLU F 193 -44.03 -22.10 -12.99
C GLU F 193 -44.94 -22.14 -14.21
N GLY F 194 -44.45 -21.75 -15.38
CA GLY F 194 -45.31 -21.75 -16.53
C GLY F 194 -46.21 -20.54 -16.66
N GLN F 195 -46.03 -19.52 -15.82
CA GLN F 195 -46.83 -18.32 -15.91
C GLN F 195 -45.93 -17.11 -15.80
N THR F 196 -46.52 -15.94 -15.95
CA THR F 196 -45.80 -14.69 -15.81
C THR F 196 -46.29 -13.95 -14.58
N TRP F 197 -45.35 -13.47 -13.76
CA TRP F 197 -45.68 -12.97 -12.44
C TRP F 197 -45.33 -11.51 -12.30
N GLU F 198 -46.04 -10.85 -11.39
CA GLU F 198 -45.70 -9.49 -10.95
C GLU F 198 -45.70 -9.47 -9.42
N ASN F 199 -44.53 -9.23 -8.85
CA ASN F 199 -44.35 -9.31 -7.41
C ASN F 199 -44.19 -7.92 -6.84
N ASN F 200 -45.06 -7.58 -5.91
CA ASN F 200 -44.96 -6.36 -5.15
C ASN F 200 -44.73 -6.72 -3.69
N THR F 201 -43.82 -5.99 -3.07
CA THR F 201 -43.36 -6.36 -1.74
C THR F 201 -43.07 -5.08 -1.00
N TYR F 202 -43.62 -4.97 0.22
CA TYR F 202 -43.60 -3.76 1.01
C TYR F 202 -43.03 -4.06 2.39
N LEU F 203 -42.20 -3.15 2.89
CA LEU F 203 -41.51 -3.40 4.14
C LEU F 203 -41.45 -2.14 4.97
N VAL F 204 -41.76 -2.29 6.24
CA VAL F 204 -41.61 -1.23 7.22
C VAL F 204 -40.83 -1.79 8.40
N GLY F 205 -39.98 -0.97 9.01
CA GLY F 205 -39.13 -1.41 10.10
C GLY F 205 -38.61 -0.27 10.91
N VAL F 206 -38.01 -0.62 12.05
CA VAL F 206 -37.46 0.36 12.98
C VAL F 206 -36.18 -0.16 13.61
N GLN F 207 -35.35 0.78 14.05
CA GLN F 207 -34.04 0.51 14.63
C GLN F 207 -33.77 1.51 15.73
N GLY F 208 -33.15 1.06 16.81
CA GLY F 208 -32.82 1.93 17.91
C GLY F 208 -31.52 1.56 18.55
N TRP F 209 -30.85 2.58 19.10
CA TRP F 209 -29.59 2.42 19.81
C TRP F 209 -29.60 3.38 21.00
N PHE F 210 -29.53 2.84 22.21
CA PHE F 210 -29.66 3.64 23.42
C PHE F 210 -28.39 3.62 24.23
N GLU F 211 -28.18 4.74 24.91
CA GLU F 211 -26.97 4.97 25.68
C GLU F 211 -26.72 3.90 26.72
N ASN F 212 -27.77 3.33 27.31
CA ASN F 212 -27.55 2.28 28.29
C ASN F 212 -26.95 1.01 27.71
N GLY F 213 -26.89 0.88 26.38
CA GLY F 213 -26.45 -0.35 25.74
C GLY F 213 -27.56 -1.17 25.11
N ILE F 214 -28.83 -0.80 25.28
CA ILE F 214 -29.90 -1.54 24.63
C ILE F 214 -30.04 -1.04 23.20
N SER F 215 -30.16 -1.99 22.27
CA SER F 215 -30.45 -1.75 20.85
C SER F 215 -31.37 -2.84 20.35
N PHE F 216 -32.14 -2.52 19.32
CA PHE F 216 -33.16 -3.46 18.87
C PHE F 216 -33.50 -3.13 17.43
N PHE F 217 -34.17 -4.08 16.79
CA PHE F 217 -34.72 -3.83 15.46
C PHE F 217 -35.94 -4.71 15.26
N ALA F 218 -36.88 -4.22 14.47
CA ALA F 218 -38.11 -4.93 14.16
C ALA F 218 -38.62 -4.49 12.79
N GLN F 219 -39.20 -5.43 12.04
CA GLN F 219 -39.55 -5.17 10.65
C GLN F 219 -40.77 -5.95 10.24
N TYR F 220 -41.59 -5.32 9.39
CA TYR F 220 -42.73 -5.97 8.77
C TYR F 220 -42.53 -6.01 7.27
N LYS F 221 -42.67 -7.21 6.71
CA LYS F 221 -42.49 -7.47 5.28
C LYS F 221 -43.80 -8.03 4.76
N TYR F 222 -44.39 -7.36 3.77
CA TYR F 222 -45.66 -7.76 3.18
C TYR F 222 -45.43 -8.05 1.70
N MET F 223 -45.79 -9.25 1.26
CA MET F 223 -45.39 -9.76 -0.06
C MET F 223 -46.58 -10.12 -0.92
N GLU F 224 -46.71 -9.47 -2.07
CA GLU F 224 -47.76 -9.79 -3.02
C GLU F 224 -47.16 -10.24 -4.35
N ALA F 225 -47.96 -11.00 -5.09
CA ALA F 225 -47.57 -11.55 -6.38
C ALA F 225 -48.82 -11.93 -7.14
N ASP F 226 -48.85 -11.67 -8.44
CA ASP F 226 -49.99 -12.01 -9.28
C ASP F 226 -49.52 -12.77 -10.51
N ALA F 227 -50.07 -13.95 -10.73
CA ALA F 227 -49.64 -14.73 -11.88
C ALA F 227 -50.54 -14.41 -13.04
N SER F 228 -50.04 -14.68 -14.25
CA SER F 228 -50.68 -14.22 -15.48
C SER F 228 -52.03 -14.87 -15.74
N ASN F 229 -52.29 -16.04 -15.17
CA ASN F 229 -53.60 -16.69 -15.26
C ASN F 229 -54.62 -16.09 -14.31
N GLY F 230 -54.31 -14.98 -13.66
CA GLY F 230 -55.22 -14.33 -12.75
C GLY F 230 -55.10 -14.83 -11.34
N VAL F 231 -54.17 -15.76 -11.10
CA VAL F 231 -53.99 -16.25 -9.76
C VAL F 231 -53.33 -15.15 -8.95
N ASN F 232 -53.68 -15.10 -7.68
CA ASN F 232 -53.07 -14.18 -6.75
C ASN F 232 -52.51 -14.93 -5.55
N GLU F 233 -51.39 -14.46 -5.01
CA GLU F 233 -50.80 -15.00 -3.79
C GLU F 233 -50.35 -13.84 -2.93
N LYS F 234 -50.50 -14.01 -1.60
CA LYS F 234 -50.13 -12.99 -0.61
C LYS F 234 -49.52 -13.69 0.59
N GLN F 235 -48.36 -13.22 1.06
CA GLN F 235 -47.74 -13.74 2.28
C GLN F 235 -47.00 -12.62 3.00
N ASP F 236 -46.90 -12.76 4.32
CA ASP F 236 -46.30 -11.74 5.16
C ASP F 236 -45.34 -12.38 6.16
N ALA F 237 -44.52 -11.53 6.74
CA ALA F 237 -43.41 -11.99 7.53
C ALA F 237 -42.92 -10.86 8.42
N MET F 238 -42.03 -11.23 9.34
CA MET F 238 -41.48 -10.28 10.29
C MET F 238 -40.11 -10.76 10.72
N SER F 239 -39.26 -9.83 11.10
CA SER F 239 -38.01 -10.16 11.77
C SER F 239 -37.70 -9.09 12.79
N ALA F 240 -37.21 -9.51 13.94
CA ALA F 240 -36.88 -8.55 14.96
C ALA F 240 -35.73 -9.10 15.79
N GLY F 241 -34.97 -8.20 16.38
CA GLY F 241 -33.79 -8.64 17.10
C GLY F 241 -33.48 -7.74 18.26
N LEU F 242 -33.11 -8.33 19.39
CA LEU F 242 -32.79 -7.56 20.57
C LEU F 242 -31.34 -7.82 20.98
N MET F 243 -30.63 -6.75 21.32
CA MET F 243 -29.26 -6.91 21.78
C MET F 243 -28.88 -5.89 22.85
N TYR F 244 -28.23 -6.38 23.89
CA TYR F 244 -27.68 -5.53 24.93
C TYR F 244 -26.16 -5.59 24.81
N THR F 245 -25.52 -4.45 24.98
CA THR F 245 -24.09 -4.32 24.73
C THR F 245 -23.43 -3.74 25.96
N THR F 246 -22.58 -4.53 26.59
CA THR F 246 -21.77 -4.13 27.73
C THR F 246 -20.29 -4.40 27.47
N GLY F 247 -19.44 -3.41 27.77
CA GLY F 247 -18.00 -3.64 27.72
C GLY F 247 -17.50 -4.05 26.34
N ASP F 248 -16.88 -5.22 26.25
CA ASP F 248 -16.46 -5.76 24.96
C ASP F 248 -17.39 -6.89 24.48
N TRP F 249 -18.67 -6.82 24.83
CA TRP F 249 -19.63 -7.87 24.48
C TRP F 249 -20.95 -7.32 23.93
N GLN F 250 -21.57 -8.09 23.05
CA GLN F 250 -22.96 -7.88 22.66
C GLN F 250 -23.62 -9.25 22.65
N TYR F 251 -24.66 -9.38 23.44
CA TYR F 251 -25.49 -10.55 23.38
C TYR F 251 -26.63 -10.20 22.45
N LYS F 252 -27.13 -11.18 21.72
CA LYS F 252 -28.19 -10.89 20.78
C LYS F 252 -29.20 -12.02 20.76
N LEU F 253 -30.45 -11.65 20.47
CA LEU F 253 -31.57 -12.55 20.35
C LEU F 253 -32.35 -12.17 19.10
N GLY F 254 -32.54 -13.12 18.20
CA GLY F 254 -33.17 -12.83 16.92
C GLY F 254 -34.34 -13.74 16.66
N TYR F 255 -35.36 -13.18 16.06
CA TYR F 255 -36.53 -13.96 15.69
C TYR F 255 -37.05 -13.44 14.35
N ALA F 256 -37.33 -14.35 13.43
CA ALA F 256 -37.95 -13.98 12.17
C ALA F 256 -38.93 -15.06 11.78
N ALA F 257 -39.95 -14.68 11.00
CA ALA F 257 -40.96 -15.66 10.61
C ALA F 257 -41.67 -15.21 9.35
N ASN F 258 -41.73 -16.12 8.37
CA ASN F 258 -42.73 -16.06 7.29
C ASN F 258 -44.01 -16.73 7.76
N PHE F 259 -45.14 -16.19 7.36
CA PHE F 259 -46.38 -16.76 7.85
C PHE F 259 -47.02 -17.64 6.79
N ASP F 260 -48.20 -18.18 7.13
CA ASP F 260 -48.91 -19.04 6.19
C ASP F 260 -49.20 -18.28 4.90
N LEU F 261 -49.13 -19.00 3.78
CA LEU F 261 -49.43 -18.41 2.47
C LEU F 261 -50.90 -18.54 2.12
N GLU F 262 -51.45 -17.49 1.53
CA GLU F 262 -52.80 -17.48 0.98
C GLU F 262 -52.75 -17.42 -0.54
N ARG F 263 -53.41 -18.37 -1.19
CA ARG F 263 -53.50 -18.38 -2.64
C ARG F 263 -54.97 -18.25 -3.01
N ASP F 264 -55.31 -17.14 -3.65
CA ASP F 264 -56.69 -16.88 -4.10
C ASP F 264 -57.66 -16.83 -2.92
N GLY F 265 -57.28 -16.12 -1.87
CA GLY F 265 -58.14 -16.03 -0.71
C GLY F 265 -58.05 -17.20 0.24
N LYS F 266 -57.83 -18.41 -0.27
CA LYS F 266 -57.68 -19.57 0.60
C LYS F 266 -56.30 -19.60 1.24
N THR F 267 -56.26 -19.89 2.53
CA THR F 267 -54.98 -20.05 3.20
C THR F 267 -54.47 -21.45 2.94
N LEU F 268 -53.18 -21.58 2.63
CA LEU F 268 -52.58 -22.87 2.38
C LEU F 268 -51.86 -23.22 3.68
N SER F 269 -52.34 -24.26 4.36
CA SER F 269 -51.92 -24.44 5.74
C SER F 269 -50.50 -24.98 5.80
N ASN F 270 -49.82 -24.61 6.89
CA ASN F 270 -48.44 -24.98 7.19
C ASN F 270 -47.54 -24.71 5.97
N THR F 271 -47.44 -23.42 5.69
CA THR F 271 -46.56 -22.88 4.69
C THR F 271 -45.70 -21.79 5.32
N SER F 272 -45.75 -21.69 6.64
CA SER F 272 -45.04 -20.68 7.39
C SER F 272 -43.66 -21.19 7.74
N ASP F 273 -42.78 -20.26 8.06
CA ASP F 273 -41.43 -20.58 8.51
C ASP F 273 -41.08 -19.66 9.67
N ASP F 274 -40.30 -20.15 10.62
CA ASP F 274 -39.79 -19.25 11.64
C ASP F 274 -38.48 -19.78 12.22
N VAL F 275 -37.62 -18.83 12.63
CA VAL F 275 -36.32 -19.11 13.24
C VAL F 275 -36.13 -18.29 14.50
N VAL F 276 -35.51 -18.93 15.49
CA VAL F 276 -35.02 -18.30 16.71
C VAL F 276 -33.51 -18.50 16.78
N SER F 277 -32.80 -17.51 17.32
CA SER F 277 -31.35 -17.59 17.34
C SER F 277 -30.78 -16.75 18.45
N ALA F 278 -29.63 -17.19 18.98
CA ALA F 278 -28.89 -16.48 20.02
C ALA F 278 -27.43 -16.37 19.63
N GLN F 279 -26.82 -15.26 20.00
CA GLN F 279 -25.45 -15.01 19.60
C GLN F 279 -24.74 -14.19 20.66
N ILE F 280 -23.53 -14.62 21.00
CA ILE F 280 -22.64 -13.86 21.86
C ILE F 280 -21.51 -13.36 21.00
N MET F 281 -21.12 -12.10 21.19
CA MET F 281 -20.08 -11.50 20.37
C MET F 281 -19.05 -10.81 21.24
N TYR F 282 -17.78 -11.04 20.94
CA TYR F 282 -16.66 -10.41 21.64
C TYR F 282 -15.90 -9.54 20.65
N PHE F 283 -15.67 -8.29 21.04
CA PHE F 283 -14.98 -7.31 20.20
C PHE F 283 -13.48 -7.52 20.37
N VAL F 284 -13.02 -8.60 19.76
CA VAL F 284 -11.67 -9.04 20.03
C VAL F 284 -10.64 -8.00 19.62
N ASP F 285 -10.98 -7.10 18.70
CA ASP F 285 -10.11 -6.01 18.32
C ASP F 285 -10.97 -4.94 17.69
N PRO F 286 -10.51 -3.70 17.72
CA PRO F 286 -11.16 -2.68 16.90
C PRO F 286 -11.42 -3.11 15.46
N SER F 287 -10.60 -3.99 14.87
CA SER F 287 -10.72 -4.35 13.46
C SER F 287 -11.33 -5.72 13.23
N ALA F 288 -11.76 -6.40 14.28
CA ALA F 288 -12.29 -7.76 14.14
C ALA F 288 -13.17 -8.11 15.33
N VAL F 289 -13.96 -9.17 15.14
CA VAL F 289 -14.86 -9.65 16.18
C VAL F 289 -14.88 -11.18 16.18
N LEU F 290 -15.12 -11.76 17.35
CA LEU F 290 -15.37 -13.17 17.51
C LEU F 290 -16.83 -13.37 17.89
N TYR F 291 -17.40 -14.51 17.50
CA TYR F 291 -18.78 -14.77 17.88
C TYR F 291 -19.02 -16.26 18.02
N ALA F 292 -19.93 -16.57 18.94
CA ALA F 292 -20.52 -17.89 19.11
C ALA F 292 -22.03 -17.72 18.95
N ARG F 293 -22.68 -18.72 18.36
CA ARG F 293 -24.05 -18.52 17.90
C ARG F 293 -24.79 -19.85 17.84
N ALA F 294 -26.07 -19.83 18.15
CA ALA F 294 -26.89 -21.02 17.96
C ALA F 294 -28.27 -20.62 17.46
N ARG F 295 -28.85 -21.44 16.58
CA ARG F 295 -30.13 -21.07 15.97
C ARG F 295 -30.97 -22.31 15.66
N MET F 296 -32.29 -22.09 15.57
CA MET F 296 -33.25 -23.14 15.23
C MET F 296 -34.21 -22.67 14.14
N ASN F 297 -34.22 -23.37 13.00
CA ASN F 297 -35.09 -23.07 11.86
C ASN F 297 -36.12 -24.19 11.77
N ASP F 298 -37.41 -23.88 11.86
CA ASP F 298 -38.47 -24.85 11.58
C ASP F 298 -39.14 -24.41 10.31
N PHE F 299 -39.13 -25.26 9.30
CA PHE F 299 -39.53 -24.85 7.97
C PHE F 299 -40.91 -25.42 7.61
N ASN F 300 -41.46 -24.85 6.53
CA ASN F 300 -42.77 -25.19 6.01
C ASN F 300 -42.78 -26.64 5.57
N GLU F 301 -43.98 -27.16 5.34
CA GLU F 301 -44.08 -28.53 4.88
C GLU F 301 -44.42 -28.63 3.40
N GLY F 302 -44.44 -27.51 2.70
CA GLY F 302 -44.54 -27.64 1.25
C GLY F 302 -45.77 -27.04 0.60
N LEU F 303 -45.64 -26.75 -0.69
CA LEU F 303 -46.76 -26.22 -1.48
C LEU F 303 -46.39 -26.39 -2.94
N ASP F 304 -47.31 -26.91 -3.73
CA ASP F 304 -47.08 -26.98 -5.17
C ASP F 304 -47.19 -25.60 -5.78
N GLY F 305 -46.24 -25.29 -6.67
CA GLY F 305 -46.40 -24.10 -7.47
C GLY F 305 -47.49 -24.33 -8.50
N LEU F 306 -47.85 -23.25 -9.20
CA LEU F 306 -48.94 -23.31 -10.18
C LEU F 306 -48.65 -24.20 -11.40
N ASP F 307 -47.61 -25.03 -11.38
CA ASP F 307 -47.32 -25.97 -12.45
C ASP F 307 -47.59 -27.42 -12.02
N ASP F 308 -48.41 -27.59 -10.97
CA ASP F 308 -48.77 -28.88 -10.39
C ASP F 308 -47.57 -29.56 -9.75
N ALA F 309 -46.40 -28.98 -9.95
CA ALA F 309 -45.15 -29.47 -9.37
C ALA F 309 -44.77 -28.66 -8.15
N ALA F 310 -43.95 -29.26 -7.30
CA ALA F 310 -43.49 -28.63 -6.07
C ALA F 310 -42.89 -27.26 -6.31
N ARG F 311 -42.77 -26.48 -5.25
CA ARG F 311 -42.12 -25.17 -5.28
C ARG F 311 -40.96 -25.19 -4.32
N TRP F 312 -39.81 -24.68 -4.76
CA TRP F 312 -38.61 -24.71 -3.92
C TRP F 312 -38.69 -23.62 -2.86
N THR F 313 -38.39 -23.99 -1.62
CA THR F 313 -38.29 -23.03 -0.53
C THR F 313 -37.01 -23.30 0.25
N SER F 314 -36.59 -22.32 1.05
CA SER F 314 -35.43 -22.54 1.92
C SER F 314 -35.60 -23.74 2.82
N GLY F 315 -36.83 -24.16 3.06
CA GLY F 315 -37.13 -25.32 3.85
C GLY F 315 -37.24 -26.64 3.12
N THR F 316 -37.00 -26.65 1.82
CA THR F 316 -37.14 -27.89 1.06
C THR F 316 -36.13 -28.95 1.50
N ASN F 317 -35.08 -28.56 2.22
CA ASN F 317 -34.14 -29.53 2.74
C ASN F 317 -34.51 -29.99 4.14
N GLY F 318 -35.46 -29.34 4.76
CA GLY F 318 -35.94 -29.81 6.04
C GLY F 318 -35.43 -28.95 7.17
N ASP F 319 -36.12 -29.08 8.31
CA ASP F 319 -35.78 -28.34 9.51
C ASP F 319 -34.36 -28.69 9.95
N TYR F 320 -33.69 -27.75 10.62
CA TYR F 320 -32.34 -27.99 11.08
C TYR F 320 -31.96 -26.94 12.12
N ASN F 321 -30.97 -27.28 12.93
CA ASN F 321 -30.39 -26.39 13.92
C ASN F 321 -28.92 -26.18 13.60
N GLU F 322 -28.32 -25.17 14.23
CA GLU F 322 -26.92 -24.93 13.93
C GLU F 322 -26.27 -24.17 15.08
N TYR F 323 -25.13 -24.70 15.52
CA TYR F 323 -24.25 -24.09 16.51
C TYR F 323 -22.95 -23.77 15.80
N SER F 324 -22.39 -22.59 16.09
CA SER F 324 -21.27 -22.14 15.29
C SER F 324 -20.46 -21.12 16.04
N VAL F 325 -19.17 -21.10 15.75
CA VAL F 325 -18.32 -19.97 16.10
C VAL F 325 -17.73 -19.43 14.83
N GLY F 326 -17.35 -18.17 14.87
CA GLY F 326 -16.74 -17.58 13.72
C GLY F 326 -15.85 -16.43 14.15
N VAL F 327 -15.13 -15.92 13.16
CA VAL F 327 -14.30 -14.73 13.28
C VAL F 327 -14.61 -13.84 12.09
N GLU F 328 -14.43 -12.53 12.28
CA GLU F 328 -14.56 -11.59 11.17
C GLU F 328 -13.60 -10.45 11.38
N TYR F 329 -12.76 -10.22 10.37
CA TYR F 329 -11.72 -9.21 10.38
C TYR F 329 -11.89 -8.34 9.15
N TYR F 330 -11.76 -7.03 9.35
CA TYR F 330 -11.99 -6.04 8.29
C TYR F 330 -10.67 -5.34 8.03
N PHE F 331 -10.25 -5.30 6.77
CA PHE F 331 -9.01 -4.61 6.40
C PHE F 331 -9.13 -3.86 5.09
C1 DXT G . 11.99 34.01 2.46
O1 DXT G . 12.88 34.49 1.74
C2 DXT G . 10.83 33.36 1.94
O21 DXT G . 11.90 32.53 0.04
C21 DXT G . 10.86 32.58 0.69
N21 DXT G . 9.67 31.84 0.23
C3 DXT G . 9.66 33.49 2.62
O3 DXT G . 8.48 33.23 2.08
C4 DXT G . 9.58 33.92 4.07
N4 DXT G . 8.95 32.87 4.93
C41 DXT G . 7.53 33.09 5.20
C42 DXT G . 9.19 31.49 4.54
C4A DXT G . 10.89 34.44 4.72
C5 DXT G . 10.79 35.93 5.08
O5 DXT G . 9.55 36.14 5.77
C5A DXT G . 12.00 36.39 5.91
C6 DXT G . 12.07 37.93 6.13
C61 DXT G . 10.85 38.55 6.82
C6A DXT G . 13.34 38.39 6.81
C7 DXT G . 13.36 39.54 7.59
C8 DXT G . 14.51 39.96 8.22
C9 DXT G . 15.68 39.23 8.09
C10 DXT G . 15.70 38.08 7.32
O10 DXT G . 16.87 37.41 7.23
C6B DXT G . 14.53 37.64 6.67
C11 DXT G . 14.56 36.43 5.87
O11 DXT G . 15.67 35.84 5.63
C5B DXT G . 13.31 35.90 5.34
C12 DXT G . 13.36 34.95 4.36
O12 DXT G . 14.48 34.70 3.69
C4B DXT G . 12.20 34.05 3.99
O13 DXT G . 12.52 32.71 4.36
O12 C8E H . 0.92 22.72 -12.71
C13 C8E H . 2.28 22.35 -12.84
C14 C8E H . 3.17 23.24 -11.98
O15 C8E H . 4.00 24.05 -12.77
C16 C8E H . 5.21 24.38 -12.12
C17 C8E H . 5.00 24.78 -10.66
O18 C8E H . 6.02 25.65 -10.19
C19 C8E H . 6.89 25.06 -9.24
C20 C8E H . 8.30 25.60 -9.41
O21 C8E H . 8.45 26.82 -8.70
C1 C8E I . -11.79 41.03 -11.96
C2 C8E I . -10.56 41.75 -11.43
C3 C8E I . -9.48 42.02 -12.49
C4 C8E I . -8.69 43.30 -12.18
C5 C8E I . -7.18 43.22 -12.39
C6 C8E I . -6.73 44.41 -13.24
C7 C8E I . -5.36 44.96 -12.85
C8 C8E I . -5.42 46.10 -11.83
O9 C8E I . -4.17 46.78 -11.73
C10 C8E I . -4.24 48.10 -11.22
C11 C8E I . -2.87 48.80 -11.25
O12 C8E I . -2.88 50.12 -10.68
C13 C8E I . -1.71 50.46 -9.96
C14 C8E I . -1.90 51.48 -8.83
O15 C8E I . -3.23 51.95 -8.72
C16 C8E I . -3.38 53.29 -8.31
C7 C8E J . -15.13 38.54 0.88
C8 C8E J . -14.59 39.94 0.55
O9 C8E J . -15.20 40.96 1.34
C10 C8E J . -14.82 40.90 2.71
C11 C8E J . -15.43 42.03 3.54
O12 C8E J . -14.94 42.06 4.87
C13 C8E J . -14.26 43.28 5.11
C14 C8E J . -13.81 43.39 6.58
O15 C8E J . -14.01 44.72 7.08
C16 C8E J . -12.87 45.33 7.62
C17 C8E J . -13.19 45.96 8.98
O18 C8E J . -12.10 46.72 9.46
C19 C8E J . -11.62 47.68 8.53
C20 C8E J . -11.13 48.94 9.25
O21 C8E J . -10.55 49.84 8.32
C1 C8E K . -1.29 18.06 -2.29
C2 C8E K . -2.36 17.03 -2.61
C3 C8E K . -2.26 16.41 -4.00
C4 C8E K . -1.23 17.14 -4.88
C5 C8E K . -1.88 18.20 -5.78
C6 C8E K . -0.88 19.27 -6.22
C7 C8E K . -0.60 20.31 -5.13
C8 C8E K . 0.10 21.53 -5.72
O9 C8E K . -0.14 22.69 -4.94
C10 C8E K . 0.92 23.64 -4.97
C11 C8E K . 0.68 24.74 -3.93
O12 C8E K . 1.60 24.61 -2.86
C13 C8E K . 1.46 25.60 -1.86
C14 C8E K . 2.72 26.43 -1.76
O15 C8E K . 3.21 26.39 -0.43
C16 C8E K . 3.59 27.66 0.07
C17 C8E K . 4.94 28.15 -0.46
O18 C8E K . 5.24 29.43 0.02
C19 C8E K . 5.28 29.50 1.42
C20 C8E K . 6.59 30.17 1.83
O21 C8E K . 7.20 30.66 0.67
NA NA L . -13.18 25.75 -0.42
NA NA M . 20.12 24.06 -1.73
NA NA N . 3.31 34.09 9.21
C1 DXT O . 29.27 10.91 7.84
O1 DXT O . 29.91 10.02 8.42
C2 DXT O . 28.73 10.73 6.52
O21 DXT O . 27.95 9.21 4.88
C21 DXT O . 28.14 9.42 6.06
N21 DXT O . 27.73 8.41 7.05
C3 DXT O . 28.76 11.83 5.67
O3 DXT O . 28.68 11.73 4.35
C4 DXT O . 28.84 13.26 6.18
N4 DXT O . 27.53 13.94 6.00
C41 DXT O . 27.33 14.58 4.69
C42 DXT O . 26.35 13.13 6.32
C4A DXT O . 29.39 13.43 7.62
C5 DXT O . 30.86 13.86 7.71
O5 DXT O . 31.14 14.80 6.68
C5A DXT O . 31.05 14.41 9.13
C6 DXT O . 32.40 15.08 9.50
C61 DXT O . 32.87 16.19 8.57
C6A DXT O . 32.31 15.62 10.91
C7 DXT O . 32.84 16.86 11.26
C8 DXT O . 32.74 17.34 12.56
C9 DXT O . 32.11 16.60 13.53
C10 DXT O . 31.58 15.36 13.22
O10 DXT O . 30.97 14.67 14.20
C6B DXT O . 31.69 14.86 11.90
C11 DXT O . 31.11 13.57 11.54
O11 DXT O . 30.97 12.65 12.42
C5B DXT O . 30.64 13.41 10.18
C12 DXT O . 29.76 12.41 9.89
O12 DXT O . 29.41 11.51 10.80
C4B DXT O . 29.05 12.27 8.56
O13 DXT O . 27.66 12.35 8.90
O12 C8E P . 29.35 2.32 12.20
C13 C8E P . 28.79 1.09 11.78
C14 C8E P . 29.84 0.07 11.32
O15 C8E P . 29.54 -0.39 10.01
C16 C8E P . 28.81 -1.61 9.97
C17 C8E P . 29.59 -2.72 9.25
O18 C8E P . 28.73 -3.81 8.91
C19 C8E P . 28.03 -3.65 7.69
C20 C8E P . 28.70 -4.45 6.56
O21 C8E P . 27.90 -4.47 5.39
O12 C8E Q . 47.02 -7.88 -6.92
C13 C8E Q . 47.15 -8.94 -5.99
C14 C8E Q . 46.65 -10.27 -6.56
O15 C8E Q . 46.12 -11.08 -5.52
C16 C8E Q . 46.13 -12.47 -5.76
C17 C8E Q . 45.17 -12.89 -6.88
O18 C8E Q . 44.53 -14.12 -6.55
C19 C8E Q . 43.34 -14.40 -7.26
C20 C8E Q . 43.07 -15.90 -7.19
O21 C8E Q . 42.01 -16.27 -8.05
O12 C8E R . 43.57 -16.06 -2.81
C13 C8E R . 44.51 -15.52 -1.90
C14 C8E R . 45.20 -14.25 -2.43
O15 C8E R . 44.89 -13.14 -1.62
C16 C8E R . 45.27 -11.90 -2.18
C17 C8E R . 46.67 -11.45 -1.75
O18 C8E R . 47.07 -10.24 -2.40
C19 C8E R . 46.94 -9.05 -1.63
C20 C8E R . 48.20 -8.17 -1.68
O21 C8E R . 47.98 -6.98 -2.41
NA NA S . 29.46 18.80 1.85
NA NA T . 28.17 2.97 -10.90
O9 C8E U . 2.15 -9.95 -44.00
C10 C8E U . 1.85 -10.96 -44.96
C11 C8E U . 3.12 -11.74 -45.30
O12 C8E U . 3.23 -12.95 -44.58
C13 C8E U . 3.76 -14.02 -45.33
C14 C8E U . 2.62 -14.95 -45.78
O15 C8E U . 2.62 -16.12 -45.00
C16 C8E U . 2.56 -17.31 -45.77
C17 C8E U . 1.17 -17.48 -46.39
O18 C8E U . 1.19 -18.55 -47.33
C19 C8E U . 0.98 -19.82 -46.78
C20 C8E U . -0.37 -20.32 -47.29
O21 C8E U . -0.21 -21.38 -48.22
NA NA V . -9.81 -19.04 -29.67
NA NA W . 4.79 -4.68 -31.65
NA NA X . -33.84 -8.08 -22.53
C1 DXT Y . -2.89 -31.08 -7.76
O1 DXT Y . -1.89 -31.55 -8.33
C2 DXT Y . -2.86 -30.57 -6.44
O21 DXT Y . -1.30 -29.85 -4.81
C21 DXT Y . -1.62 -29.85 -5.98
N21 DXT Y . -0.79 -29.10 -6.93
C3 DXT Y . -4.00 -30.79 -5.66
O3 DXT Y . -4.00 -30.68 -4.34
C4 DXT Y . -5.36 -31.14 -6.24
N4 DXT Y . -6.35 -30.05 -6.01
C41 DXT Y . -5.83 -28.69 -5.98
C42 DXT Y . -7.33 -30.28 -4.96
C4A DXT Y . -5.36 -31.64 -7.72
C5 DXT Y . -5.51 -33.17 -7.90
O5 DXT Y . -6.62 -33.63 -7.13
C5A DXT Y . -5.67 -33.54 -9.39
C6 DXT Y . -5.51 -35.04 -9.74
C61 DXT Y . -6.27 -36.01 -8.83
C6A DXT Y . -5.87 -35.22 -11.20
C7 DXT Y . -6.63 -36.30 -11.63
C8 DXT Y . -6.96 -36.43 -12.97
C9 DXT Y . -6.55 -35.50 -13.90
C10 DXT Y . -5.79 -34.41 -13.49
O10 DXT Y . -5.42 -33.52 -14.43
C6B DXT Y . -5.44 -34.28 -12.13
C11 DXT Y . -4.66 -33.13 -11.69
O11 DXT Y . -3.94 -32.48 -12.51
C5B DXT Y . -4.76 -32.75 -10.30
C12 DXT Y . -4.06 -31.66 -9.89
O12 DXT Y . -3.15 -31.09 -10.67
C4B DXT Y . -4.23 -31.01 -8.54
O13 DXT Y . -4.55 -29.63 -8.74
O12 C8E Z . 5.33 -28.55 -12.80
C13 C8E Z . 6.48 -27.73 -12.69
C14 C8E Z . 7.68 -28.45 -12.04
O15 C8E Z . 8.17 -27.69 -10.94
C16 C8E Z . 9.52 -27.26 -11.02
C17 C8E Z . 10.33 -27.72 -9.79
O18 C8E Z . 11.44 -26.88 -9.51
C19 C8E Z . 11.14 -25.83 -8.60
C20 C8E Z . 11.98 -25.96 -7.33
O21 C8E Z . 12.36 -24.68 -6.86
O12 C8E AA . 8.05 -53.91 -1.92
C13 C8E AA . 9.21 -53.14 -1.74
C14 C8E AA . 8.90 -51.67 -1.40
O15 C8E AA . 10.02 -50.83 -1.63
C16 C8E AA . 10.25 -49.80 -0.67
C17 C8E AA . 11.57 -49.11 -1.01
O18 C8E AA . 11.58 -47.72 -0.70
C19 C8E AA . 11.50 -47.42 0.70
C20 C8E AA . 12.17 -46.07 1.00
O21 C8E AA . 12.41 -45.87 2.38
NA NA BA . -9.87 -33.63 -1.99
NA NA CA . 5.07 -28.11 10.53
NA NA DA . -2.52 -32.11 -28.81
O12 C8E EA . -1.21 15.00 25.74
C13 C8E EA . -2.20 15.73 26.43
C14 C8E EA . -3.59 15.16 26.11
O15 C8E EA . -3.98 14.19 27.06
C16 C8E EA . -4.54 13.00 26.52
C17 C8E EA . -5.96 12.75 27.03
O18 C8E EA . -6.48 11.50 26.58
C19 C8E EA . -6.20 10.38 27.43
C20 C8E EA . -7.33 9.36 27.42
O21 C8E EA . -6.93 8.07 26.99
NA NA FA . 16.24 14.53 29.71
NA NA GA . -1.00 34.61 23.07
NA NA HA . 6.73 -3.83 31.24
C1 DXT IA . -29.79 -18.84 -3.92
O1 DXT IA . -29.74 -18.37 -5.06
C2 DXT IA . -29.09 -18.26 -2.79
O21 DXT IA . -28.48 -16.20 -3.73
C21 DXT IA . -28.62 -16.84 -2.71
N21 DXT IA . -28.37 -16.21 -1.39
C3 DXT IA . -28.84 -19.09 -1.73
O3 DXT IA . -28.52 -18.67 -0.50
C4 DXT IA . -28.85 -20.59 -1.90
N4 DXT IA . -28.69 -21.24 -0.57
C41 DXT IA . -27.44 -21.97 -0.36
C42 DXT IA . -29.84 -22.01 -0.07
C4A DXT IA . -29.98 -21.14 -2.79
C5 DXT IA . -29.55 -22.38 -3.60
O5 DXT IA . -28.95 -23.34 -2.72
C5A DXT IA . -30.72 -23.01 -4.39
C6 DXT IA . -30.31 -24.10 -5.40
C61 DXT IA . -29.46 -25.27 -4.87
C6A DXT IA . -31.49 -24.65 -6.16
C7 DXT IA . -31.51 -25.97 -6.60
C8 DXT IA . -32.59 -26.46 -7.31
C9 DXT IA . -33.66 -25.66 -7.61
C10 DXT IA . -33.67 -24.33 -7.19
O10 DXT IA . -34.74 -23.57 -7.51
C6B DXT IA . -32.57 -23.80 -6.47
C11 DXT IA . -32.58 -22.42 -6.03
O11 DXT IA . -33.48 -21.61 -6.44
C5B DXT IA . -31.54 -21.96 -5.12
C12 DXT IA . -31.35 -20.62 -4.89
O12 DXT IA . -31.79 -19.71 -5.74
C4B DXT IA . -30.69 -20.07 -3.64
O13 DXT IA . -31.71 -19.47 -2.84
O12 C8E JA . -21.12 -7.64 12.98
C13 C8E JA . -20.15 -8.64 13.21
C14 C8E JA . -20.54 -9.99 12.62
O15 C8E JA . -21.93 -10.26 12.77
C16 C8E JA . -22.25 -11.61 12.54
C17 C8E JA . -21.79 -12.04 11.15
O18 C8E JA . -22.50 -13.20 10.77
C19 C8E JA . -22.27 -13.60 9.44
C20 C8E JA . -22.00 -15.10 9.42
O21 C8E JA . -23.18 -15.81 9.14
C1 C8E KA . -17.69 -3.31 1.42
C2 C8E KA . -17.36 -2.39 2.59
C3 C8E KA . -16.06 -2.79 3.28
C4 C8E KA . -15.96 -2.26 4.69
C5 C8E KA . -16.43 -3.33 5.66
C6 C8E KA . -17.89 -3.12 6.08
C7 C8E KA . -18.74 -4.38 5.96
C8 C8E KA . -19.34 -4.53 4.57
O9 C8E KA . -19.89 -5.83 4.39
C10 C8E KA . -21.27 -5.89 4.70
C11 C8E KA . -21.78 -7.33 4.76
O12 C8E KA . -22.91 -7.55 3.92
C13 C8E KA . -23.44 -8.85 4.11
C14 C8E KA . -23.57 -9.69 2.82
O15 C8E KA . -24.10 -9.02 1.71
C16 C8E KA . -25.15 -9.74 1.07
C17 C8E KA . -24.83 -11.22 0.90
O18 C8E KA . -25.90 -11.88 0.23
C19 C8E KA . -25.58 -12.27 -1.09
C20 C8E KA . -26.09 -13.69 -1.33
O21 C8E KA . -27.19 -13.96 -0.49
O12 C8E LA . -48.95 -1.62 -7.78
C13 C8E LA . -48.03 -0.54 -7.96
C14 C8E LA . -47.19 -0.29 -6.71
O15 C8E LA . -47.01 1.09 -6.43
C16 C8E LA . -45.76 1.52 -5.87
C17 C8E LA . -45.70 1.63 -4.33
O18 C8E LA . -44.70 2.55 -3.87
C19 C8E LA . -44.83 2.90 -2.50
C20 C8E LA . -43.49 2.96 -1.75
O21 C8E LA . -43.59 3.02 -0.32
O12 C8E MA . -28.02 -22.93 2.92
C13 C8E MA . -27.74 -24.29 2.70
C14 C8E MA . -28.59 -24.82 1.55
O15 C8E MA . -28.97 -26.14 1.86
C16 C8E MA . -28.26 -27.04 1.04
C17 C8E MA . -28.60 -26.88 -0.44
O18 C8E MA . -27.71 -27.68 -1.21
C19 C8E MA . -27.73 -29.05 -0.86
C20 C8E MA . -27.26 -29.87 -2.06
O21 C8E MA . -28.11 -30.99 -2.28
NA NA NA . -31.76 -12.57 -8.63
NA NA OA . -28.40 5.23 1.35
#